data_6X2E
#
_entry.id   6X2E
#
_cell.length_a   66.222
_cell.length_b   104.240
_cell.length_c   85.990
_cell.angle_alpha   90.000
_cell.angle_beta   97.480
_cell.angle_gamma   90.000
#
_symmetry.space_group_name_H-M   'P 1 21 1'
#
loop_
_entity.id
_entity.type
_entity.pdbx_description
1 polymer 'Glyceraldehyde-3-phosphate dehydrogenase'
2 non-polymer NICOTINAMIDE-ADENINE-DINUCLEOTIDE
3 water water
#
_entity_poly.entity_id   1
_entity_poly.type   'polypeptide(L)'
_entity_poly.pdbx_seq_one_letter_code
;MRIVINGFGRIGRLVLRQILKRNSPIEVVAINDLVAGDLLTYLFKYDSTHGSFAPQATFSDG(SNC)LVMGERKVHFLAE
KDVQKLPWKDLDVDVVVESTGLFVNRDDVAKHLDSGAKRVLITAPAKGDVPTFVMGVNHQQFDPADVIISNASCTTNCLA
PLAKVLLDNFGIEEGLMTTVHAATATQSVVDGPSRKDWRGGRGAFQNIIPASTGAAKAVGLCLPELKGKLTGMAFRVPVA
DVSVVDLTVKLSSATTYEAICEAVKHAANTSMKNIMYYTEEAVVSSDFIG(CME)EYSSVFDAQAGVALNDRFFKLVAWY
DNEIGYATRIVDLLEYVQENSK
;
_entity_poly.pdbx_strand_id   A,B,C,D
#
loop_
_chem_comp.id
_chem_comp.type
_chem_comp.name
_chem_comp.formula
NAD non-polymer NICOTINAMIDE-ADENINE-DINUCLEOTIDE 'C21 H27 N7 O14 P2'
#
# COMPACT_ATOMS: atom_id res chain seq x y z
N MET A 1 24.90 -32.99 -8.75
CA MET A 1 25.13 -32.20 -7.55
C MET A 1 23.92 -32.22 -6.65
N ARG A 2 24.14 -32.57 -5.39
CA ARG A 2 23.09 -32.72 -4.39
C ARG A 2 23.10 -31.51 -3.46
N ILE A 3 22.00 -30.77 -3.44
CA ILE A 3 21.97 -29.59 -2.58
C ILE A 3 20.82 -29.71 -1.60
N VAL A 4 20.94 -28.96 -0.51
CA VAL A 4 19.85 -28.76 0.42
C VAL A 4 19.62 -27.27 0.56
N ILE A 5 18.39 -26.90 0.92
CA ILE A 5 18.04 -25.50 1.13
C ILE A 5 17.77 -25.33 2.61
N ASN A 6 18.61 -24.54 3.28
CA ASN A 6 18.43 -24.26 4.69
C ASN A 6 17.77 -22.89 4.81
N GLY A 7 16.49 -22.88 5.19
CA GLY A 7 15.73 -21.67 5.20
C GLY A 7 14.90 -21.56 3.93
N PHE A 8 13.62 -21.87 4.05
CA PHE A 8 12.73 -21.94 2.88
C PHE A 8 11.86 -20.70 2.79
N GLY A 9 12.51 -19.53 2.79
CA GLY A 9 11.85 -18.24 2.71
C GLY A 9 11.75 -17.76 1.28
N ARG A 10 11.73 -16.43 1.11
CA ARG A 10 11.62 -15.90 -0.24
C ARG A 10 12.76 -16.42 -1.13
N ILE A 11 14.00 -16.35 -0.65
CA ILE A 11 15.11 -16.78 -1.50
C ILE A 11 15.11 -18.30 -1.63
N GLY A 12 15.01 -19.03 -0.51
CA GLY A 12 15.02 -20.49 -0.61
C GLY A 12 13.96 -21.05 -1.54
N ARG A 13 12.71 -20.57 -1.41
CA ARG A 13 11.65 -21.09 -2.26
C ARG A 13 11.88 -20.71 -3.72
N LEU A 14 12.31 -19.47 -3.96
CA LEU A 14 12.47 -19.08 -5.36
C LEU A 14 13.73 -19.69 -6.01
N VAL A 15 14.74 -20.03 -5.22
CA VAL A 15 15.84 -20.83 -5.74
C VAL A 15 15.31 -22.18 -6.23
N LEU A 16 14.48 -22.84 -5.40
CA LEU A 16 13.88 -24.11 -5.84
C LEU A 16 13.02 -23.90 -7.09
N ARG A 17 12.23 -22.83 -7.12
CA ARG A 17 11.43 -22.55 -8.32
C ARG A 17 12.31 -22.43 -9.56
N GLN A 18 13.42 -21.69 -9.45
CA GLN A 18 14.26 -21.47 -10.62
C GLN A 18 15.01 -22.74 -11.02
N ILE A 19 15.38 -23.59 -10.05
CA ILE A 19 15.92 -24.90 -10.40
C ILE A 19 14.92 -25.70 -11.23
N LEU A 20 13.66 -25.76 -10.77
CA LEU A 20 12.67 -26.56 -11.49
C LEU A 20 12.32 -25.96 -12.85
N LYS A 21 12.31 -24.63 -12.90
CA LYS A 21 11.91 -23.88 -14.13
C LYS A 21 12.85 -24.17 -15.31
N ARG A 22 14.12 -24.49 -15.06
CA ARG A 22 15.06 -24.74 -16.13
C ARG A 22 15.42 -26.20 -16.22
N ASN A 23 14.61 -27.06 -15.55
CA ASN A 23 14.79 -28.54 -15.50
C ASN A 23 16.27 -28.83 -15.26
N SER A 24 16.74 -28.50 -14.06
CA SER A 24 18.16 -28.40 -13.84
C SER A 24 18.68 -29.75 -13.37
N PRO A 25 19.94 -30.09 -13.69
CA PRO A 25 20.48 -31.37 -13.20
C PRO A 25 20.79 -31.34 -11.72
N ILE A 26 20.75 -30.16 -11.09
CA ILE A 26 20.92 -30.07 -9.65
C ILE A 26 19.81 -30.86 -8.98
N GLU A 27 20.17 -31.63 -7.97
CA GLU A 27 19.24 -32.49 -7.24
C GLU A 27 19.00 -31.84 -5.87
N VAL A 28 17.77 -31.43 -5.62
CA VAL A 28 17.45 -30.85 -4.32
C VAL A 28 16.96 -31.99 -3.44
N VAL A 29 17.74 -32.32 -2.41
CA VAL A 29 17.47 -33.55 -1.67
C VAL A 29 16.72 -33.26 -0.37
N ALA A 30 16.88 -32.06 0.20
CA ALA A 30 16.19 -31.74 1.45
C ALA A 30 15.98 -30.24 1.57
N ILE A 31 14.96 -29.87 2.36
CA ILE A 31 14.65 -28.50 2.74
C ILE A 31 14.48 -28.45 4.25
N ASN A 32 15.17 -27.51 4.89
CA ASN A 32 15.06 -27.31 6.32
C ASN A 32 14.45 -25.95 6.62
N ASP A 33 13.51 -25.92 7.55
CA ASP A 33 12.87 -24.68 7.98
C ASP A 33 12.21 -24.98 9.32
N LEU A 34 11.64 -23.95 9.93
CA LEU A 34 11.07 -24.10 11.27
C LEU A 34 9.59 -24.41 11.29
N VAL A 35 8.98 -24.77 10.16
CA VAL A 35 7.55 -25.04 10.10
C VAL A 35 7.34 -26.32 9.32
N ALA A 36 6.12 -26.84 9.44
CA ALA A 36 5.77 -28.11 8.83
C ALA A 36 5.80 -28.05 7.31
N GLY A 37 6.03 -29.21 6.72
CA GLY A 37 6.25 -29.31 5.29
C GLY A 37 5.03 -29.06 4.43
N ASP A 38 3.82 -29.29 4.98
CA ASP A 38 2.61 -28.99 4.21
C ASP A 38 2.43 -27.49 4.05
N LEU A 39 2.75 -26.72 5.10
CA LEU A 39 2.72 -25.27 4.99
C LEU A 39 3.80 -24.78 4.02
N LEU A 40 5.01 -25.35 4.11
CA LEU A 40 6.07 -24.93 3.19
C LEU A 40 5.70 -25.25 1.74
N THR A 41 5.07 -26.41 1.51
CA THR A 41 4.63 -26.76 0.17
C THR A 41 3.59 -25.77 -0.34
N TYR A 42 2.63 -25.40 0.52
CA TYR A 42 1.65 -24.37 0.17
C TYR A 42 2.36 -23.07 -0.25
N LEU A 43 3.35 -22.63 0.53
CA LEU A 43 4.02 -21.36 0.22
C LEU A 43 4.83 -21.44 -1.06
N PHE A 44 5.36 -22.65 -1.39
CA PHE A 44 6.09 -22.84 -2.64
C PHE A 44 5.13 -22.79 -3.84
N LYS A 45 3.91 -23.32 -3.67
CA LYS A 45 2.96 -23.38 -4.77
C LYS A 45 2.20 -22.08 -5.00
N TYR A 46 2.03 -21.25 -3.98
CA TYR A 46 1.22 -20.03 -4.10
C TYR A 46 2.05 -18.86 -3.66
N ASP A 47 2.28 -17.91 -4.55
CA ASP A 47 3.20 -16.82 -4.28
C ASP A 47 2.52 -15.52 -4.69
N SER A 48 2.38 -14.60 -3.72
CA SER A 48 1.65 -13.36 -3.99
C SER A 48 2.32 -12.52 -5.05
N THR A 49 3.65 -12.59 -5.14
CA THR A 49 4.44 -11.78 -6.06
C THR A 49 4.60 -12.43 -7.44
N HIS A 50 4.91 -13.73 -7.45
CA HIS A 50 5.32 -14.42 -8.66
C HIS A 50 4.31 -15.43 -9.18
N GLY A 51 3.12 -15.50 -8.55
CA GLY A 51 2.08 -16.35 -9.07
C GLY A 51 2.26 -17.79 -8.67
N SER A 52 1.30 -18.61 -9.08
CA SER A 52 1.31 -20.01 -8.70
CA SER A 52 1.29 -20.02 -8.72
C SER A 52 2.34 -20.79 -9.50
N PHE A 53 2.77 -21.91 -8.92
CA PHE A 53 3.82 -22.72 -9.50
C PHE A 53 3.62 -24.16 -9.05
N ALA A 54 4.05 -25.10 -9.88
CA ALA A 54 4.03 -26.53 -9.54
C ALA A 54 2.68 -27.01 -9.01
N PRO A 55 1.60 -26.91 -9.80
CA PRO A 55 0.28 -27.27 -9.29
C PRO A 55 0.17 -28.72 -8.88
N GLN A 56 0.95 -29.58 -9.55
CA GLN A 56 0.94 -31.05 -9.25
C GLN A 56 1.77 -31.34 -7.99
N ALA A 57 2.54 -30.36 -7.49
CA ALA A 57 3.35 -30.59 -6.28
C ALA A 57 2.48 -30.90 -5.08
N THR A 58 2.97 -31.85 -4.27
CA THR A 58 2.27 -32.23 -3.03
C THR A 58 3.20 -32.61 -1.88
N PHE A 59 2.68 -32.46 -0.69
CA PHE A 59 3.30 -32.92 0.52
C PHE A 59 2.86 -34.35 0.76
N SER A 60 3.84 -35.25 0.90
CA SER A 60 3.50 -36.64 1.16
C SER A 60 4.63 -37.30 1.91
N ASP A 61 4.29 -37.96 3.03
CA ASP A 61 5.23 -38.71 3.85
C ASP A 61 6.45 -37.88 4.27
N GLY A 62 6.20 -36.64 4.69
CA GLY A 62 7.28 -35.76 5.17
C GLY A 62 8.19 -35.27 4.05
N SNC A 63 7.70 -35.31 2.83
CA SNC A 63 8.47 -34.86 1.65
CB SNC A 63 8.87 -36.03 0.83
SG SNC A 63 10.08 -37.02 1.71
ND SNC A 63 10.60 -38.02 0.64
OE SNC A 63 10.20 -39.16 0.56
C SNC A 63 7.65 -33.96 0.72
O SNC A 63 6.48 -34.05 0.72
N LEU A 64 8.38 -33.20 -0.07
CA LEU A 64 7.82 -32.41 -1.18
C LEU A 64 8.00 -33.30 -2.42
N VAL A 65 6.90 -33.72 -3.01
CA VAL A 65 6.91 -34.63 -4.14
C VAL A 65 6.51 -33.87 -5.39
N MET A 66 7.41 -33.84 -6.39
CA MET A 66 7.20 -33.17 -7.67
C MET A 66 7.76 -34.08 -8.76
N GLY A 67 6.93 -34.99 -9.23
CA GLY A 67 7.36 -35.84 -10.32
C GLY A 67 8.28 -36.89 -9.78
N GLU A 68 9.52 -36.91 -10.30
CA GLU A 68 10.56 -37.77 -9.75
C GLU A 68 11.30 -37.11 -8.59
N ARG A 69 11.20 -35.79 -8.44
CA ARG A 69 11.81 -35.14 -7.31
C ARG A 69 11.04 -35.47 -6.05
N LYS A 70 11.79 -35.91 -5.04
CA LYS A 70 11.30 -36.24 -3.67
C LYS A 70 12.24 -35.49 -2.72
N VAL A 71 11.75 -34.44 -2.06
CA VAL A 71 12.63 -33.61 -1.26
C VAL A 71 12.23 -33.81 0.19
N HIS A 72 13.17 -34.26 1.01
CA HIS A 72 12.87 -34.44 2.42
C HIS A 72 12.63 -33.09 3.07
N PHE A 73 11.56 -32.99 3.87
CA PHE A 73 11.37 -31.84 4.72
C PHE A 73 11.99 -32.11 6.09
N LEU A 74 12.74 -31.15 6.58
CA LEU A 74 13.31 -31.19 7.92
C LEU A 74 12.84 -29.95 8.65
N ALA A 75 12.80 -30.05 9.98
CA ALA A 75 12.46 -28.92 10.83
C ALA A 75 13.40 -28.97 12.03
N GLU A 76 14.66 -28.61 11.79
CA GLU A 76 15.67 -28.77 12.81
C GLU A 76 16.35 -27.45 13.15
N ASP A 78 18.69 -26.18 14.80
CA ASP A 78 20.09 -26.38 15.20
C ASP A 78 20.92 -27.09 14.12
N VAL A 79 21.86 -26.37 13.52
CA VAL A 79 22.76 -26.83 12.43
C VAL A 79 23.56 -28.08 12.83
N GLN A 80 23.75 -28.26 14.14
CA GLN A 80 24.54 -29.40 14.71
C GLN A 80 23.97 -30.78 14.33
N LYS A 81 22.64 -30.93 14.26
CA LYS A 81 22.11 -32.28 13.97
C LYS A 81 21.51 -32.39 12.57
N LEU A 82 21.82 -31.49 11.65
CA LEU A 82 21.29 -31.65 10.32
C LEU A 82 21.97 -32.84 9.67
N PRO A 83 21.22 -33.72 8.97
CA PRO A 83 21.76 -34.98 8.45
C PRO A 83 22.44 -34.84 7.10
N TRP A 84 23.38 -33.90 7.00
CA TRP A 84 24.05 -33.70 5.71
C TRP A 84 24.91 -34.92 5.33
N LYS A 85 25.38 -35.65 6.34
CA LYS A 85 26.22 -36.87 6.11
C LYS A 85 25.35 -37.97 5.49
N ASP A 86 24.15 -38.17 6.03
CA ASP A 86 23.23 -39.20 5.54
C ASP A 86 22.71 -38.84 4.16
N LEU A 87 22.59 -37.56 3.85
CA LEU A 87 22.05 -37.13 2.57
C LEU A 87 23.09 -36.95 1.47
N ASP A 88 24.39 -37.09 1.77
CA ASP A 88 25.46 -36.94 0.79
C ASP A 88 25.36 -35.56 0.11
N VAL A 89 25.42 -34.51 0.93
CA VAL A 89 25.12 -33.16 0.49
C VAL A 89 26.37 -32.53 -0.11
N ASP A 90 26.27 -32.11 -1.37
CA ASP A 90 27.34 -31.39 -2.04
C ASP A 90 27.35 -29.92 -1.67
N VAL A 91 26.18 -29.27 -1.64
CA VAL A 91 26.12 -27.84 -1.30
C VAL A 91 24.92 -27.57 -0.37
N VAL A 92 25.17 -26.84 0.71
CA VAL A 92 24.10 -26.23 1.49
C VAL A 92 23.90 -24.82 0.96
N VAL A 93 22.67 -24.55 0.50
CA VAL A 93 22.24 -23.20 0.19
C VAL A 93 21.76 -22.60 1.51
N GLU A 94 22.56 -21.71 2.08
CA GLU A 94 22.29 -21.19 3.42
C GLU A 94 21.49 -19.90 3.24
N SER A 95 20.15 -20.01 3.40
CA SER A 95 19.23 -18.93 3.08
C SER A 95 18.33 -18.59 4.27
N THR A 96 18.79 -18.79 5.51
CA THR A 96 17.97 -18.43 6.67
C THR A 96 18.09 -16.97 7.05
N GLY A 97 19.15 -16.31 6.64
CA GLY A 97 19.42 -14.96 7.09
C GLY A 97 19.98 -14.88 8.50
N LEU A 98 20.20 -16.02 9.16
CA LEU A 98 20.71 -16.02 10.52
C LEU A 98 22.20 -16.33 10.63
N PHE A 99 22.74 -17.10 9.69
CA PHE A 99 24.12 -17.60 9.74
C PHE A 99 24.95 -16.89 8.66
N VAL A 100 25.73 -15.90 9.07
CA VAL A 100 26.43 -15.03 8.15
C VAL A 100 27.94 -15.07 8.42
N ASN A 101 28.31 -15.36 9.66
CA ASN A 101 29.71 -15.45 10.05
C ASN A 101 30.26 -16.82 9.69
N ARG A 102 31.56 -16.86 9.40
CA ARG A 102 32.13 -18.05 8.77
C ARG A 102 32.12 -19.25 9.73
N ASP A 103 32.30 -19.01 11.02
CA ASP A 103 32.36 -20.14 11.93
C ASP A 103 30.98 -20.71 12.25
N ASP A 104 29.94 -19.86 12.28
CA ASP A 104 28.60 -20.40 12.39
C ASP A 104 28.27 -21.27 11.18
N VAL A 105 28.65 -20.81 10.00
CA VAL A 105 28.28 -21.49 8.77
C VAL A 105 29.09 -22.78 8.62
N ALA A 106 30.31 -22.81 9.16
CA ALA A 106 31.14 -24.03 9.09
C ALA A 106 30.50 -25.21 9.78
N LYS A 107 29.50 -24.97 10.63
CA LYS A 107 28.83 -26.09 11.30
C LYS A 107 28.07 -26.94 10.29
N HIS A 108 27.70 -26.36 9.15
CA HIS A 108 27.17 -27.16 8.05
C HIS A 108 28.20 -28.17 7.54
N LEU A 109 29.45 -27.75 7.44
CA LEU A 109 30.48 -28.68 6.97
C LEU A 109 30.74 -29.75 8.03
N ASP A 110 30.75 -29.35 9.30
CA ASP A 110 30.87 -30.32 10.39
C ASP A 110 29.75 -31.35 10.35
N SER A 111 28.54 -30.95 9.95
CA SER A 111 27.45 -31.91 9.92
C SER A 111 27.44 -32.74 8.65
N GLY A 112 28.42 -32.53 7.78
CA GLY A 112 28.65 -33.44 6.69
C GLY A 112 28.56 -32.85 5.30
N ALA A 113 28.24 -31.58 5.12
CA ALA A 113 28.15 -31.00 3.80
C ALA A 113 29.55 -30.67 3.26
N LYS A 114 29.71 -30.83 1.94
CA LYS A 114 30.99 -30.52 1.31
C LYS A 114 31.26 -29.02 1.22
N ARG A 115 30.21 -28.24 0.94
CA ARG A 115 30.35 -26.82 0.64
C ARG A 115 29.10 -26.09 1.14
N VAL A 116 29.25 -24.79 1.42
CA VAL A 116 28.11 -23.93 1.75
C VAL A 116 28.10 -22.74 0.82
N LEU A 117 26.91 -22.38 0.35
CA LEU A 117 26.68 -21.15 -0.40
C LEU A 117 25.76 -20.29 0.44
N ILE A 118 26.29 -19.17 0.92
CA ILE A 118 25.52 -18.23 1.72
C ILE A 118 24.81 -17.28 0.76
N THR A 119 23.49 -17.19 0.90
CA THR A 119 22.70 -16.29 0.05
C THR A 119 22.65 -14.88 0.61
N ALA A 120 23.78 -14.37 1.04
CA ALA A 120 23.86 -13.07 1.69
C ALA A 120 25.31 -12.66 1.75
N PRO A 121 25.58 -11.38 1.95
CA PRO A 121 26.94 -10.95 2.31
C PRO A 121 27.38 -11.68 3.56
N ALA A 122 28.67 -12.04 3.62
CA ALA A 122 29.19 -12.78 4.77
C ALA A 122 30.14 -11.96 5.64
N LYS A 123 30.37 -12.49 6.84
CA LYS A 123 31.39 -12.00 7.78
C LYS A 123 32.48 -13.09 7.89
N GLY A 124 33.75 -12.68 7.77
CA GLY A 124 34.92 -13.49 7.78
C GLY A 124 35.52 -13.65 6.41
N ASP A 125 36.38 -14.65 6.31
CA ASP A 125 37.15 -14.89 5.09
C ASP A 125 36.33 -15.78 4.15
N VAL A 126 35.17 -15.27 3.75
CA VAL A 126 34.31 -15.95 2.80
C VAL A 126 34.51 -15.33 1.42
N PRO A 127 35.01 -16.08 0.44
CA PRO A 127 35.05 -15.55 -0.93
C PRO A 127 33.65 -15.21 -1.42
N THR A 128 33.53 -14.05 -2.04
CA THR A 128 32.26 -13.52 -2.52
C THR A 128 32.29 -13.42 -4.05
N PHE A 129 31.25 -13.94 -4.70
CA PHE A 129 31.21 -14.00 -6.15
C PHE A 129 29.95 -13.34 -6.71
N VAL A 130 30.12 -12.67 -7.83
CA VAL A 130 29.02 -12.10 -8.59
C VAL A 130 29.14 -12.63 -10.02
N MET A 131 28.12 -13.35 -10.47
CA MET A 131 28.13 -13.89 -11.83
C MET A 131 28.30 -12.76 -12.84
N GLY A 132 29.20 -12.98 -13.80
CA GLY A 132 29.52 -11.98 -14.81
C GLY A 132 30.54 -10.97 -14.37
N VAL A 133 30.96 -10.98 -13.11
CA VAL A 133 31.92 -9.99 -12.64
C VAL A 133 33.21 -10.68 -12.21
N ASN A 134 33.11 -11.65 -11.30
CA ASN A 134 34.32 -12.32 -10.83
C ASN A 134 34.11 -13.80 -10.51
N HIS A 135 33.04 -14.41 -11.01
CA HIS A 135 32.76 -15.78 -10.59
C HIS A 135 33.82 -16.76 -11.04
N GLN A 136 34.51 -16.45 -12.13
CA GLN A 136 35.59 -17.34 -12.57
C GLN A 136 36.77 -17.33 -11.61
N GLN A 137 36.77 -16.48 -10.60
CA GLN A 137 37.75 -16.59 -9.52
C GLN A 137 37.42 -17.71 -8.54
N PHE A 138 36.27 -18.36 -8.67
CA PHE A 138 35.94 -19.47 -7.78
C PHE A 138 37.02 -20.55 -7.88
N ASP A 139 37.42 -21.08 -6.73
CA ASP A 139 38.38 -22.15 -6.62
C ASP A 139 37.73 -23.33 -5.92
N PRO A 140 37.87 -24.58 -6.42
CA PRO A 140 37.27 -25.73 -5.75
C PRO A 140 37.60 -25.84 -4.26
N ALA A 141 38.70 -25.22 -3.83
CA ALA A 141 39.07 -25.21 -2.41
C ALA A 141 38.19 -24.31 -1.56
N ASP A 142 37.38 -23.44 -2.18
CA ASP A 142 36.48 -22.53 -1.47
C ASP A 142 35.27 -23.31 -0.98
N VAL A 143 35.31 -23.78 0.27
CA VAL A 143 34.21 -24.60 0.78
C VAL A 143 33.08 -23.78 1.41
N ILE A 144 33.28 -22.50 1.67
CA ILE A 144 32.22 -21.60 2.08
C ILE A 144 32.28 -20.37 1.19
N ILE A 145 31.22 -20.11 0.44
CA ILE A 145 31.22 -19.00 -0.49
C ILE A 145 29.94 -18.20 -0.33
N SER A 146 29.98 -16.99 -0.83
CA SER A 146 28.86 -16.06 -0.76
C SER A 146 28.54 -15.57 -2.16
N ASN A 147 27.24 -15.40 -2.42
CA ASN A 147 26.76 -14.79 -3.65
C ASN A 147 26.49 -13.30 -3.49
N ALA A 148 27.01 -12.68 -2.43
CA ALA A 148 26.79 -11.26 -2.14
C ALA A 148 25.29 -11.00 -1.94
N SER A 149 24.87 -9.75 -2.08
CA SER A 149 23.47 -9.38 -1.94
C SER A 149 22.84 -9.12 -3.31
N CYS A 150 21.49 -9.03 -3.30
CA CYS A 150 20.79 -8.58 -4.50
C CYS A 150 21.38 -7.27 -5.01
N THR A 151 21.58 -6.32 -4.09
CA THR A 151 22.03 -5.01 -4.51
C THR A 151 23.42 -5.08 -5.15
N THR A 152 24.33 -5.84 -4.54
CA THR A 152 25.66 -5.98 -5.12
C THR A 152 25.60 -6.62 -6.50
N ASN A 153 24.68 -7.57 -6.69
CA ASN A 153 24.55 -8.17 -8.01
C ASN A 153 23.99 -7.20 -9.03
N CYS A 154 23.31 -6.15 -8.58
CA CYS A 154 22.85 -5.14 -9.52
C CYS A 154 23.96 -4.14 -9.83
N LEU A 155 24.68 -3.70 -8.79
CA LEU A 155 25.64 -2.63 -8.92
C LEU A 155 26.93 -3.10 -9.57
N ALA A 156 27.43 -4.27 -9.17
CA ALA A 156 28.75 -4.70 -9.64
C ALA A 156 28.84 -4.84 -11.17
N PRO A 157 27.86 -5.42 -11.87
CA PRO A 157 28.01 -5.48 -13.34
C PRO A 157 28.08 -4.09 -13.99
N LEU A 158 27.22 -3.17 -13.55
CA LEU A 158 27.26 -1.80 -14.05
C LEU A 158 28.62 -1.16 -13.78
N ALA A 159 29.10 -1.33 -12.54
CA ALA A 159 30.38 -0.76 -12.15
C ALA A 159 31.52 -1.35 -12.98
N LYS A 160 31.46 -2.64 -13.30
CA LYS A 160 32.49 -3.23 -14.13
C LYS A 160 32.47 -2.65 -15.54
N VAL A 161 31.27 -2.50 -16.13
CA VAL A 161 31.20 -1.90 -17.46
C VAL A 161 31.80 -0.50 -17.45
N LEU A 162 31.45 0.29 -16.41
CA LEU A 162 31.98 1.64 -16.31
C LEU A 162 33.49 1.63 -16.11
N LEU A 163 33.98 0.76 -15.22
CA LEU A 163 35.42 0.66 -14.98
C LEU A 163 36.20 0.29 -16.24
N ASP A 164 35.67 -0.67 -17.02
CA ASP A 164 36.38 -1.15 -18.19
C ASP A 164 36.36 -0.14 -19.33
N ASN A 165 35.30 0.68 -19.43
CA ASN A 165 35.21 1.61 -20.54
C ASN A 165 35.72 3.01 -20.21
N PHE A 166 35.54 3.49 -18.99
CA PHE A 166 35.79 4.88 -18.64
C PHE A 166 36.64 5.09 -17.40
N GLY A 167 36.74 4.11 -16.50
CA GLY A 167 37.35 4.31 -15.20
C GLY A 167 36.39 4.98 -14.22
N ILE A 168 36.49 4.64 -12.94
CA ILE A 168 35.65 5.25 -11.92
C ILE A 168 36.58 5.90 -10.91
N GLU A 169 36.41 7.21 -10.68
CA GLU A 169 37.11 7.89 -9.61
C GLU A 169 36.39 7.73 -8.28
N GLU A 170 35.08 8.00 -8.24
CA GLU A 170 34.34 7.84 -6.99
C GLU A 170 32.85 7.69 -7.32
N GLY A 171 32.13 7.02 -6.41
CA GLY A 171 30.71 6.80 -6.58
C GLY A 171 29.96 6.69 -5.25
N LEU A 172 28.74 7.23 -5.19
CA LEU A 172 27.88 7.12 -4.03
C LEU A 172 26.55 6.56 -4.55
N MET A 173 26.11 5.45 -3.98
CA MET A 173 24.95 4.74 -4.52
C MET A 173 23.76 4.78 -3.56
N THR A 174 22.57 4.98 -4.11
CA THR A 174 21.42 4.71 -3.26
C THR A 174 20.63 3.57 -3.89
N THR A 175 20.11 2.64 -3.08
CA THR A 175 19.11 1.71 -3.59
C THR A 175 17.77 2.02 -2.94
N VAL A 176 16.77 2.28 -3.77
CA VAL A 176 15.39 2.37 -3.33
C VAL A 176 14.87 0.94 -3.43
N HIS A 177 14.67 0.31 -2.28
CA HIS A 177 14.56 -1.14 -2.19
C HIS A 177 13.17 -1.56 -1.73
N ALA A 178 12.64 -2.60 -2.34
CA ALA A 178 11.40 -3.20 -1.90
C ALA A 178 11.49 -3.66 -0.44
N ALA A 179 10.35 -3.70 0.22
CA ALA A 179 10.28 -4.25 1.56
C ALA A 179 10.67 -5.72 1.56
N THR A 180 11.27 -6.17 2.66
CA THR A 180 11.64 -7.59 2.76
C THR A 180 11.20 -8.16 4.09
N ALA A 181 11.43 -9.47 4.25
CA ALA A 181 10.94 -10.22 5.39
C ALA A 181 11.56 -9.79 6.73
N THR A 182 12.65 -9.01 6.74
CA THR A 182 13.17 -8.47 8.00
C THR A 182 12.31 -7.33 8.55
N GLN A 183 11.39 -6.83 7.75
CA GLN A 183 10.57 -5.68 8.12
C GLN A 183 9.27 -6.14 8.78
N SER A 184 8.49 -5.16 9.27
CA SER A 184 7.29 -5.44 10.04
C SER A 184 6.07 -4.75 9.42
N VAL A 185 4.91 -5.39 9.59
CA VAL A 185 3.64 -4.90 9.04
C VAL A 185 3.20 -3.64 9.77
N VAL A 186 3.33 -3.62 11.10
CA VAL A 186 3.07 -2.44 11.92
C VAL A 186 4.33 -2.22 12.76
N ASP A 187 4.43 -1.01 13.33
CA ASP A 187 5.61 -0.64 14.14
C ASP A 187 5.96 -1.72 15.17
N GLY A 188 7.18 -2.24 15.08
CA GLY A 188 7.66 -3.21 16.03
C GLY A 188 9.15 -3.06 16.24
N PRO A 189 9.69 -3.83 17.18
CA PRO A 189 11.12 -3.68 17.53
C PRO A 189 12.01 -4.41 16.57
N SER A 190 13.10 -3.76 16.18
CA SER A 190 14.18 -4.41 15.45
C SER A 190 15.49 -3.97 16.09
N ARG A 191 16.10 -4.86 16.88
CA ARG A 191 17.19 -4.48 17.78
C ARG A 191 18.36 -3.89 17.01
N LYS A 192 18.68 -4.50 15.88
CA LYS A 192 19.89 -4.12 15.16
C LYS A 192 19.62 -3.03 14.13
N ASP A 193 18.40 -2.51 14.09
CA ASP A 193 18.04 -1.50 13.11
C ASP A 193 16.69 -0.89 13.49
N TRP A 194 16.68 0.11 14.38
CA TRP A 194 15.40 0.60 14.92
C TRP A 194 14.44 1.00 13.80
N ARG A 195 14.94 1.76 12.81
CA ARG A 195 14.09 2.23 11.71
C ARG A 195 13.45 1.06 10.98
N GLY A 196 14.18 -0.06 10.87
CA GLY A 196 13.72 -1.20 10.13
C GLY A 196 12.52 -1.91 10.71
N GLY A 197 12.13 -1.58 11.95
CA GLY A 197 10.91 -2.16 12.51
C GLY A 197 9.66 -1.33 12.31
N ARG A 198 9.81 -0.11 11.81
CA ARG A 198 8.67 0.77 11.60
C ARG A 198 7.83 0.24 10.43
N GLY A 199 6.52 0.43 10.52
CA GLY A 199 5.58 -0.16 9.57
C GLY A 199 6.05 -0.11 8.13
N ALA A 200 6.20 -1.28 7.49
CA ALA A 200 6.91 -1.33 6.21
C ALA A 200 6.14 -0.61 5.11
N PHE A 201 4.81 -0.66 5.13
CA PHE A 201 4.05 -0.06 4.05
C PHE A 201 3.47 1.29 4.43
N GLN A 202 3.85 1.83 5.60
CA GLN A 202 3.54 3.19 5.96
C GLN A 202 4.68 4.15 5.71
N ASN A 203 5.87 3.66 5.36
CA ASN A 203 7.07 4.48 5.50
C ASN A 203 8.07 4.31 4.37
N ILE A 204 8.74 5.41 4.02
CA ILE A 204 10.09 5.39 3.48
C ILE A 204 11.05 5.23 4.64
N ILE A 205 11.93 4.23 4.58
CA ILE A 205 12.75 3.85 5.73
C ILE A 205 14.23 3.83 5.38
N PRO A 206 15.03 4.77 5.86
CA PRO A 206 16.49 4.70 5.59
C PRO A 206 17.08 3.41 6.15
N ALA A 207 18.03 2.84 5.41
CA ALA A 207 18.70 1.63 5.84
C ALA A 207 20.15 1.67 5.39
N SER A 208 21.01 1.04 6.18
CA SER A 208 22.40 0.88 5.79
CA SER A 208 22.40 0.88 5.77
C SER A 208 22.52 -0.30 4.83
N THR A 209 23.54 -0.24 3.97
CA THR A 209 23.82 -1.33 3.06
C THR A 209 25.32 -1.37 2.86
N GLY A 210 25.86 -2.57 2.78
CA GLY A 210 27.25 -2.69 2.44
C GLY A 210 27.53 -3.01 1.00
N ALA A 211 26.52 -2.97 0.12
CA ALA A 211 26.66 -3.44 -1.25
C ALA A 211 27.76 -2.69 -2.00
N ALA A 212 27.88 -1.37 -1.76
CA ALA A 212 28.83 -0.55 -2.51
C ALA A 212 30.26 -0.92 -2.16
N LYS A 213 30.47 -1.25 -0.88
CA LYS A 213 31.79 -1.70 -0.38
C LYS A 213 32.06 -3.14 -0.81
N ALA A 214 31.01 -3.92 -1.11
CA ALA A 214 31.20 -5.29 -1.50
C ALA A 214 31.62 -5.34 -2.96
N VAL A 215 31.22 -4.33 -3.72
CA VAL A 215 31.70 -4.21 -5.09
C VAL A 215 33.22 -4.07 -5.09
N GLY A 216 33.78 -3.41 -4.07
CA GLY A 216 35.22 -3.35 -3.94
C GLY A 216 35.83 -4.69 -3.63
N LEU A 217 35.04 -5.59 -3.04
CA LEU A 217 35.52 -6.96 -2.85
C LEU A 217 35.62 -7.70 -4.18
N CYS A 218 34.58 -7.60 -5.02
CA CYS A 218 34.61 -8.27 -6.32
C CYS A 218 35.46 -7.59 -7.38
N LEU A 219 35.68 -6.28 -7.26
CA LEU A 219 36.46 -5.49 -8.22
C LEU A 219 37.47 -4.71 -7.40
N PRO A 220 38.62 -5.32 -7.05
CA PRO A 220 39.55 -4.66 -6.14
C PRO A 220 40.00 -3.30 -6.60
N GLU A 221 40.00 -3.03 -7.91
CA GLU A 221 40.30 -1.70 -8.43
C GLU A 221 39.39 -0.64 -7.82
N LEU A 222 38.20 -1.04 -7.34
CA LEU A 222 37.23 -0.10 -6.81
C LEU A 222 37.19 -0.08 -5.28
N LYS A 223 38.09 -0.81 -4.62
CA LYS A 223 38.11 -0.83 -3.13
C LYS A 223 38.29 0.60 -2.62
N GLY A 224 37.39 1.07 -1.74
CA GLY A 224 37.49 2.42 -1.22
C GLY A 224 36.91 3.53 -2.08
N LYS A 225 36.42 3.24 -3.28
CA LYS A 225 35.93 4.29 -4.16
C LYS A 225 34.40 4.40 -4.19
N LEU A 226 33.68 3.52 -3.49
CA LEU A 226 32.23 3.49 -3.53
C LEU A 226 31.68 3.30 -2.12
N THR A 227 30.62 4.02 -1.78
CA THR A 227 29.81 3.63 -0.64
C THR A 227 28.36 4.00 -0.95
N GLY A 228 27.48 3.82 0.02
CA GLY A 228 26.10 4.09 -0.31
C GLY A 228 25.16 3.80 0.84
N MET A 229 23.88 3.80 0.51
CA MET A 229 22.82 3.69 1.51
C MET A 229 21.58 3.15 0.80
N ALA A 230 20.49 2.94 1.55
CA ALA A 230 19.27 2.42 0.98
C ALA A 230 18.07 3.16 1.56
N PHE A 231 16.96 3.15 0.81
CA PHE A 231 15.64 3.48 1.35
C PHE A 231 14.72 2.29 1.09
N ARG A 232 14.17 1.71 2.15
CA ARG A 232 13.13 0.70 1.99
C ARG A 232 11.79 1.40 1.76
N VAL A 233 11.05 0.97 0.74
CA VAL A 233 9.78 1.64 0.43
C VAL A 233 8.64 0.64 0.25
N PRO A 234 7.39 1.09 0.24
CA PRO A 234 6.25 0.12 0.26
C PRO A 234 5.91 -0.50 -1.09
N VAL A 235 6.83 -1.31 -1.62
CA VAL A 235 6.49 -2.26 -2.68
C VAL A 235 6.98 -3.63 -2.22
N ALA A 236 6.30 -4.68 -2.69
CA ALA A 236 6.60 -6.01 -2.16
C ALA A 236 7.80 -6.67 -2.85
N ASP A 237 8.21 -6.17 -4.02
CA ASP A 237 9.36 -6.70 -4.77
C ASP A 237 9.77 -5.68 -5.84
N VAL A 238 11.03 -5.80 -6.26
CA VAL A 238 11.74 -5.01 -7.27
C VAL A 238 12.33 -3.75 -6.64
N SER A 239 13.61 -3.50 -6.96
CA SER A 239 14.40 -2.44 -6.39
C SER A 239 15.19 -1.80 -7.51
N VAL A 240 15.80 -0.69 -7.16
CA VAL A 240 16.53 0.08 -8.17
C VAL A 240 17.74 0.70 -7.52
N VAL A 241 18.86 0.65 -8.23
CA VAL A 241 20.10 1.27 -7.84
C VAL A 241 20.17 2.62 -8.54
N ASP A 242 20.51 3.66 -7.77
CA ASP A 242 20.70 5.03 -8.20
C ASP A 242 22.18 5.34 -7.92
N LEU A 243 23.02 5.31 -8.97
CA LEU A 243 24.47 5.40 -8.82
C LEU A 243 24.94 6.75 -9.31
N THR A 244 25.43 7.56 -8.41
CA THR A 244 26.06 8.83 -8.75
C THR A 244 27.57 8.62 -8.82
N VAL A 245 28.13 8.77 -10.01
CA VAL A 245 29.50 8.35 -10.28
C VAL A 245 30.25 9.46 -10.99
N LYS A 246 31.53 9.60 -10.61
CA LYS A 246 32.50 10.54 -11.23
C LYS A 246 33.50 9.67 -11.99
N LEU A 247 33.43 9.69 -13.33
CA LEU A 247 34.24 8.81 -14.17
C LEU A 247 35.63 9.42 -14.41
N SER A 248 36.59 8.55 -14.75
CA SER A 248 37.97 9.02 -14.94
C SER A 248 38.21 9.64 -16.31
N SER A 249 37.38 9.33 -17.30
CA SER A 249 37.52 9.92 -18.62
CA SER A 249 37.50 9.89 -18.63
C SER A 249 36.21 10.59 -19.02
N ALA A 250 36.33 11.65 -19.81
CA ALA A 250 35.17 12.38 -20.29
C ALA A 250 34.39 11.52 -21.27
N THR A 251 33.08 11.53 -21.13
CA THR A 251 32.25 10.76 -22.04
C THR A 251 30.89 11.46 -22.14
N THR A 252 29.97 10.82 -22.82
CA THR A 252 28.61 11.34 -22.90
C THR A 252 27.69 10.30 -22.30
N TYR A 253 26.50 10.75 -21.91
CA TYR A 253 25.49 9.81 -21.44
C TYR A 253 25.19 8.77 -22.51
N GLU A 254 25.04 9.22 -23.77
CA GLU A 254 24.78 8.29 -24.87
C GLU A 254 25.88 7.24 -25.03
N ALA A 255 27.14 7.64 -24.82
CA ALA A 255 28.23 6.67 -24.88
C ALA A 255 28.15 5.68 -23.74
N ILE A 256 27.69 6.11 -22.56
CA ILE A 256 27.46 5.16 -21.47
C ILE A 256 26.40 4.16 -21.89
N CYS A 257 25.32 4.66 -22.49
CA CYS A 257 24.22 3.82 -22.96
C CYS A 257 24.73 2.79 -23.97
N GLU A 258 25.56 3.25 -24.92
CA GLU A 258 26.12 2.37 -25.92
C GLU A 258 27.05 1.33 -25.29
N ALA A 259 27.88 1.73 -24.33
CA ALA A 259 28.76 0.77 -23.64
C ALA A 259 27.95 -0.30 -22.89
N VAL A 260 26.86 0.11 -22.23
CA VAL A 260 26.06 -0.86 -21.49
C VAL A 260 25.34 -1.78 -22.46
N LYS A 261 24.74 -1.20 -23.51
CA LYS A 261 24.03 -1.99 -24.50
C LYS A 261 24.95 -3.02 -25.14
N HIS A 262 26.17 -2.60 -25.47
CA HIS A 262 27.16 -3.52 -26.02
C HIS A 262 27.51 -4.62 -25.02
N ALA A 263 27.73 -4.28 -23.75
CA ALA A 263 28.03 -5.32 -22.76
C ALA A 263 26.87 -6.30 -22.63
N ALA A 264 25.64 -5.78 -22.62
CA ALA A 264 24.46 -6.63 -22.47
C ALA A 264 24.33 -7.58 -23.66
N ASN A 265 24.83 -7.18 -24.82
CA ASN A 265 24.80 -8.06 -25.98
C ASN A 265 25.98 -9.03 -26.02
N THR A 266 27.01 -8.82 -25.19
CA THR A 266 28.24 -9.59 -25.28
C THR A 266 28.68 -10.11 -23.92
N SER A 267 29.57 -9.39 -23.24
CA SER A 267 30.22 -9.95 -22.05
C SER A 267 29.28 -10.11 -20.87
N MET A 268 28.20 -9.35 -20.83
CA MET A 268 27.23 -9.38 -19.75
C MET A 268 25.95 -10.07 -20.20
N LYS A 269 26.01 -10.82 -21.26
CA LYS A 269 24.82 -11.49 -21.83
C LYS A 269 24.16 -12.29 -20.71
N ASN A 270 22.81 -12.16 -20.55
CA ASN A 270 22.10 -12.89 -19.50
C ASN A 270 22.37 -12.38 -18.09
N ILE A 271 23.26 -11.39 -17.92
CA ILE A 271 23.50 -10.76 -16.61
C ILE A 271 22.93 -9.35 -16.60
N MET A 272 23.31 -8.52 -17.58
CA MET A 272 22.76 -7.17 -17.70
C MET A 272 21.77 -7.11 -18.85
N TYR A 273 20.77 -6.24 -18.70
CA TYR A 273 19.84 -5.94 -19.76
C TYR A 273 19.79 -4.43 -19.94
N TYR A 274 19.48 -3.99 -21.15
CA TYR A 274 19.47 -2.59 -21.51
C TYR A 274 18.09 -2.24 -22.04
N THR A 275 17.45 -1.22 -21.47
CA THR A 275 16.16 -0.79 -21.98
C THR A 275 16.16 0.72 -22.17
N GLU A 276 15.33 1.16 -23.13
CA GLU A 276 15.00 2.56 -23.34
C GLU A 276 13.51 2.83 -23.10
N GLU A 277 12.80 1.87 -22.53
CA GLU A 277 11.36 2.00 -22.38
C GLU A 277 11.03 2.79 -21.11
N ALA A 278 9.78 3.25 -21.02
CA ALA A 278 9.30 4.02 -19.87
C ALA A 278 8.90 3.08 -18.74
N VAL A 279 9.90 2.41 -18.17
CA VAL A 279 9.63 1.31 -17.24
C VAL A 279 9.36 1.83 -15.82
N VAL A 280 8.65 1.01 -15.06
CA VAL A 280 8.44 1.21 -13.63
C VAL A 280 8.71 -0.14 -12.94
N SER A 281 8.79 -0.11 -11.62
CA SER A 281 9.29 -1.30 -10.91
C SER A 281 8.50 -2.57 -11.26
N SER A 282 7.17 -2.49 -11.35
CA SER A 282 6.40 -3.72 -11.58
C SER A 282 6.74 -4.37 -12.91
N ASP A 283 7.30 -3.61 -13.86
CA ASP A 283 7.73 -4.18 -15.12
C ASP A 283 8.85 -5.22 -14.96
N PHE A 284 9.50 -5.27 -13.80
CA PHE A 284 10.60 -6.20 -13.60
C PHE A 284 10.24 -7.36 -12.69
N ILE A 285 8.96 -7.52 -12.34
CA ILE A 285 8.59 -8.69 -11.55
C ILE A 285 8.80 -9.95 -12.37
N GLY A 286 9.71 -10.81 -11.93
CA GLY A 286 9.99 -12.05 -12.65
C GLY A 286 11.18 -11.93 -13.57
N CME A 287 11.74 -10.73 -13.64
CA CME A 287 12.94 -10.44 -14.47
CB CME A 287 13.19 -8.96 -14.61
SG CME A 287 14.48 -8.50 -15.82
SD CME A 287 13.72 -9.15 -17.57
CE CME A 287 12.93 -7.67 -18.27
CZ CME A 287 13.94 -6.71 -18.85
OH CME A 287 13.33 -5.59 -19.45
C CME A 287 14.12 -11.22 -13.86
O CME A 287 14.34 -11.07 -12.65
N GLU A 288 14.82 -12.00 -14.68
CA GLU A 288 15.92 -12.80 -14.19
C GLU A 288 17.31 -12.15 -14.30
N TYR A 289 17.39 -10.97 -14.93
CA TYR A 289 18.68 -10.30 -15.05
C TYR A 289 19.12 -9.75 -13.70
N SER A 290 20.43 -9.62 -13.52
CA SER A 290 20.96 -9.03 -12.30
C SER A 290 20.79 -7.51 -12.27
N SER A 291 20.78 -6.88 -13.43
CA SER A 291 20.88 -5.42 -13.47
C SER A 291 20.27 -4.99 -14.79
N VAL A 292 19.24 -4.14 -14.74
CA VAL A 292 18.60 -3.66 -15.96
C VAL A 292 18.82 -2.15 -16.06
N PHE A 293 19.65 -1.75 -17.01
CA PHE A 293 19.99 -0.35 -17.19
C PHE A 293 18.82 0.41 -17.80
N ASP A 294 18.43 1.49 -17.13
CA ASP A 294 17.25 2.30 -17.51
C ASP A 294 17.79 3.53 -18.24
N ALA A 295 17.83 3.46 -19.57
CA ALA A 295 18.53 4.52 -20.30
C ALA A 295 17.80 5.85 -20.18
N GLN A 296 16.47 5.85 -20.21
CA GLN A 296 15.75 7.12 -20.17
C GLN A 296 15.77 7.80 -18.81
N ALA A 297 15.98 7.03 -17.73
CA ALA A 297 15.86 7.62 -16.39
C ALA A 297 17.10 8.39 -15.94
N GLY A 298 18.30 8.05 -16.43
CA GLY A 298 19.52 8.65 -15.91
C GLY A 298 19.67 10.11 -16.33
N VAL A 299 20.59 10.81 -15.65
CA VAL A 299 20.88 12.21 -15.96
C VAL A 299 22.39 12.43 -15.93
N ALA A 300 22.85 13.43 -16.69
CA ALA A 300 24.27 13.80 -16.70
C ALA A 300 24.36 15.25 -16.23
N LEU A 301 25.26 15.51 -15.27
CA LEU A 301 25.54 16.90 -14.94
C LEU A 301 26.54 17.48 -15.92
N ASN A 302 27.57 16.71 -16.25
CA ASN A 302 28.59 17.14 -17.20
C ASN A 302 29.25 15.90 -17.77
N ASP A 303 30.38 16.08 -18.44
CA ASP A 303 30.92 14.94 -19.17
C ASP A 303 31.63 13.93 -18.29
N ARG A 304 31.71 14.15 -16.97
CA ARG A 304 32.33 13.18 -16.07
C ARG A 304 31.46 12.72 -14.87
N PHE A 305 30.33 13.37 -14.62
CA PHE A 305 29.55 13.20 -13.39
C PHE A 305 28.12 12.82 -13.78
N PHE A 306 27.69 11.60 -13.44
CA PHE A 306 26.46 11.05 -13.96
C PHE A 306 25.64 10.40 -12.85
N LYS A 307 24.33 10.32 -13.09
CA LYS A 307 23.42 9.57 -12.22
C LYS A 307 22.81 8.47 -13.08
N LEU A 308 23.14 7.22 -12.76
CA LEU A 308 22.72 6.07 -13.57
C LEU A 308 21.72 5.22 -12.78
N VAL A 309 20.77 4.62 -13.49
CA VAL A 309 19.63 3.95 -12.86
C VAL A 309 19.58 2.52 -13.38
N ALA A 310 19.57 1.55 -12.45
CA ALA A 310 19.56 0.14 -12.84
C ALA A 310 18.61 -0.65 -11.94
N TRP A 311 17.69 -1.39 -12.56
CA TRP A 311 16.65 -2.11 -11.83
C TRP A 311 17.06 -3.53 -11.53
N TYR A 312 16.43 -4.12 -10.52
CA TYR A 312 16.65 -5.54 -10.25
C TYR A 312 15.48 -6.14 -9.49
N ASP A 313 15.04 -7.31 -9.92
CA ASP A 313 14.08 -8.08 -9.13
C ASP A 313 14.91 -8.73 -8.02
N ASN A 314 14.85 -8.13 -6.82
CA ASN A 314 15.71 -8.59 -5.74
C ASN A 314 15.37 -10.01 -5.30
N GLU A 315 14.19 -10.51 -5.64
CA GLU A 315 13.88 -11.92 -5.36
C GLU A 315 14.33 -12.84 -6.49
N ILE A 316 13.74 -12.67 -7.69
CA ILE A 316 13.92 -13.62 -8.79
C ILE A 316 15.28 -13.47 -9.49
N GLY A 317 15.77 -12.25 -9.69
CA GLY A 317 17.10 -12.11 -10.26
C GLY A 317 18.16 -12.75 -9.39
N TYR A 318 18.09 -12.50 -8.09
CA TYR A 318 19.04 -13.06 -7.15
C TYR A 318 18.94 -14.58 -7.09
N ALA A 319 17.70 -15.10 -7.01
CA ALA A 319 17.51 -16.55 -7.00
C ALA A 319 18.10 -17.19 -8.25
N THR A 320 17.94 -16.51 -9.38
CA THR A 320 18.46 -17.06 -10.61
C THR A 320 19.97 -17.08 -10.57
N ARG A 321 20.58 -16.04 -9.98
CA ARG A 321 22.04 -16.03 -9.88
C ARG A 321 22.55 -17.11 -8.97
N ILE A 322 21.82 -17.43 -7.90
CA ILE A 322 22.20 -18.55 -7.05
C ILE A 322 22.24 -19.83 -7.86
N VAL A 323 21.21 -20.06 -8.67
CA VAL A 323 21.21 -21.27 -9.49
C VAL A 323 22.37 -21.24 -10.49
N ASP A 324 22.61 -20.08 -11.13
CA ASP A 324 23.73 -19.97 -12.06
C ASP A 324 25.05 -20.31 -11.37
N LEU A 325 25.26 -19.79 -10.16
CA LEU A 325 26.50 -20.05 -9.46
C LEU A 325 26.60 -21.52 -9.04
N LEU A 326 25.50 -22.13 -8.62
CA LEU A 326 25.51 -23.55 -8.31
C LEU A 326 25.91 -24.39 -9.53
N GLU A 327 25.35 -24.07 -10.69
CA GLU A 327 25.71 -24.81 -11.91
C GLU A 327 27.17 -24.56 -12.29
N TYR A 328 27.66 -23.34 -12.09
CA TYR A 328 29.07 -23.06 -12.36
C TYR A 328 29.97 -23.90 -11.43
N VAL A 329 29.63 -23.96 -10.14
CA VAL A 329 30.40 -24.73 -9.18
C VAL A 329 30.33 -26.21 -9.56
N GLN A 330 29.17 -26.64 -10.06
CA GLN A 330 29.01 -28.04 -10.46
C GLN A 330 29.93 -28.37 -11.62
N GLU A 331 30.12 -27.42 -12.52
CA GLU A 331 30.97 -27.65 -13.67
C GLU A 331 32.45 -27.45 -13.38
N ASN A 332 32.79 -26.85 -12.25
CA ASN A 332 34.21 -26.59 -11.94
C ASN A 332 34.60 -27.14 -10.58
N SER A 333 34.02 -28.26 -10.19
CA SER A 333 34.37 -28.89 -8.92
C SER A 333 34.20 -30.40 -9.01
N MET B 1 -4.67 41.68 5.18
CA MET B 1 -4.49 41.21 3.81
C MET B 1 -5.64 40.32 3.34
N ARG B 2 -6.21 40.64 2.19
CA ARG B 2 -7.35 39.91 1.64
C ARG B 2 -6.86 39.00 0.52
N ILE B 3 -7.04 37.69 0.71
CA ILE B 3 -6.58 36.72 -0.27
C ILE B 3 -7.74 35.88 -0.76
N VAL B 4 -7.55 35.32 -1.95
CA VAL B 4 -8.42 34.29 -2.50
C VAL B 4 -7.55 33.09 -2.83
N ILE B 5 -8.16 31.91 -2.84
CA ILE B 5 -7.47 30.66 -3.19
C ILE B 5 -8.11 30.14 -4.48
N ASN B 6 -7.34 30.10 -5.56
CA ASN B 6 -7.79 29.55 -6.83
C ASN B 6 -7.29 28.13 -6.96
N GLY B 7 -8.19 27.15 -6.84
CA GLY B 7 -7.80 25.76 -6.83
C GLY B 7 -7.70 25.20 -5.43
N PHE B 8 -8.70 24.42 -5.03
CA PHE B 8 -8.82 23.93 -3.64
C PHE B 8 -8.40 22.47 -3.53
N GLY B 9 -7.20 22.15 -4.00
CA GLY B 9 -6.66 20.80 -3.91
C GLY B 9 -5.83 20.61 -2.67
N ARG B 10 -4.88 19.66 -2.71
CA ARG B 10 -4.05 19.42 -1.53
C ARG B 10 -3.41 20.72 -1.04
N ILE B 11 -2.84 21.49 -1.96
CA ILE B 11 -2.17 22.72 -1.55
C ILE B 11 -3.17 23.77 -1.09
N GLY B 12 -4.20 24.04 -1.90
CA GLY B 12 -5.19 25.06 -1.52
C GLY B 12 -5.86 24.78 -0.18
N ARG B 13 -6.29 23.54 0.03
CA ARG B 13 -6.93 23.23 1.30
C ARG B 13 -5.95 23.36 2.45
N LEU B 14 -4.72 22.86 2.28
CA LEU B 14 -3.82 22.87 3.42
C LEU B 14 -3.26 24.27 3.71
N VAL B 15 -3.20 25.14 2.70
CA VAL B 15 -2.89 26.55 2.96
C VAL B 15 -3.98 27.17 3.82
N LEU B 16 -5.25 26.94 3.46
CA LEU B 16 -6.32 27.43 4.32
C LEU B 16 -6.20 26.86 5.74
N ARG B 17 -5.93 25.56 5.84
CA ARG B 17 -5.78 24.93 7.15
C ARG B 17 -4.68 25.63 7.96
N GLN B 18 -3.53 25.89 7.35
CA GLN B 18 -2.41 26.48 8.08
C GLN B 18 -2.68 27.94 8.47
N ILE B 19 -3.39 28.67 7.60
CA ILE B 19 -3.79 30.04 7.94
C ILE B 19 -4.61 30.02 9.23
N LEU B 20 -5.56 29.10 9.29
CA LEU B 20 -6.45 28.98 10.46
C LEU B 20 -5.73 28.36 11.67
N LYS B 21 -4.73 27.54 11.47
CA LYS B 21 -4.10 26.87 12.63
C LYS B 21 -3.19 27.90 13.31
N ARG B 22 -2.85 28.92 12.54
CA ARG B 22 -2.05 29.99 13.16
C ARG B 22 -2.84 31.28 13.34
N ASN B 23 -4.19 31.21 13.21
CA ASN B 23 -5.19 32.33 13.35
C ASN B 23 -4.57 33.65 12.87
N SER B 24 -4.35 33.74 11.57
CA SER B 24 -3.49 34.71 10.96
C SER B 24 -4.27 35.94 10.57
N PRO B 25 -3.64 37.11 10.49
CA PRO B 25 -4.35 38.29 10.00
C PRO B 25 -4.67 38.20 8.51
N ILE B 26 -4.14 37.22 7.79
CA ILE B 26 -4.60 37.03 6.42
C ILE B 26 -6.12 36.79 6.49
N GLU B 27 -6.90 37.51 5.68
CA GLU B 27 -8.37 37.30 5.70
C GLU B 27 -8.75 36.50 4.44
N VAL B 28 -9.18 35.25 4.58
CA VAL B 28 -9.49 34.54 3.33
C VAL B 28 -10.91 34.86 2.89
N VAL B 29 -11.07 35.55 1.74
CA VAL B 29 -12.40 36.03 1.36
C VAL B 29 -13.14 35.11 0.39
N ALA B 30 -12.42 34.36 -0.44
CA ALA B 30 -13.08 33.48 -1.42
C ALA B 30 -12.19 32.29 -1.78
N ILE B 31 -12.85 31.22 -2.24
CA ILE B 31 -12.22 30.05 -2.81
C ILE B 31 -12.84 29.82 -4.17
N ASN B 32 -12.02 29.66 -5.20
CA ASN B 32 -12.54 29.36 -6.52
C ASN B 32 -12.05 27.97 -6.94
N ASP B 33 -13.00 27.14 -7.36
CA ASP B 33 -12.74 25.79 -7.84
C ASP B 33 -13.98 25.37 -8.59
N LEU B 34 -13.81 24.39 -9.47
CA LEU B 34 -14.93 23.93 -10.30
C LEU B 34 -15.64 22.74 -9.69
N VAL B 35 -15.75 22.74 -8.36
CA VAL B 35 -16.46 21.72 -7.61
C VAL B 35 -17.35 22.50 -6.64
N ALA B 36 -18.51 21.93 -6.31
CA ALA B 36 -19.45 22.62 -5.44
C ALA B 36 -18.87 22.72 -4.04
N GLY B 37 -19.35 23.74 -3.30
CA GLY B 37 -18.82 24.05 -1.98
C GLY B 37 -19.13 23.02 -0.90
N ASP B 38 -20.20 22.24 -1.06
CA ASP B 38 -20.48 21.23 -0.04
C ASP B 38 -19.41 20.14 -0.05
N LEU B 39 -19.04 19.69 -1.26
CA LEU B 39 -17.96 18.71 -1.39
C LEU B 39 -16.61 19.30 -0.97
N LEU B 40 -16.31 20.54 -1.37
CA LEU B 40 -15.05 21.15 -0.98
C LEU B 40 -14.98 21.34 0.54
N THR B 41 -16.09 21.69 1.19
CA THR B 41 -16.10 21.79 2.65
C THR B 41 -15.83 20.43 3.29
N TYR B 42 -16.47 19.38 2.74
CA TYR B 42 -16.18 18.01 3.20
C TYR B 42 -14.69 17.69 3.10
N LEU B 43 -14.07 17.97 1.95
CA LEU B 43 -12.66 17.65 1.80
C LEU B 43 -11.78 18.51 2.71
N PHE B 44 -12.22 19.73 3.02
CA PHE B 44 -11.43 20.55 3.95
C PHE B 44 -11.46 20.00 5.37
N LYS B 45 -12.60 19.45 5.78
CA LYS B 45 -12.78 18.98 7.16
C LYS B 45 -12.20 17.58 7.41
N TYR B 46 -12.18 16.71 6.38
CA TYR B 46 -11.77 15.32 6.53
C TYR B 46 -10.58 15.06 5.62
N ASP B 47 -9.46 14.64 6.21
CA ASP B 47 -8.23 14.52 5.43
C ASP B 47 -7.58 13.20 5.83
N SER B 48 -7.40 12.31 4.84
CA SER B 48 -6.87 10.98 5.12
C SER B 48 -5.47 11.06 5.71
N THR B 49 -4.70 12.08 5.32
CA THR B 49 -3.32 12.22 5.73
C THR B 49 -3.16 12.98 7.03
N HIS B 50 -3.86 14.10 7.16
CA HIS B 50 -3.61 15.06 8.23
C HIS B 50 -4.72 15.09 9.27
N GLY B 51 -5.71 14.22 9.14
CA GLY B 51 -6.75 14.12 10.14
C GLY B 51 -7.82 15.18 9.99
N SER B 52 -8.83 15.07 10.85
CA SER B 52 -9.97 15.96 10.71
CA SER B 52 -9.97 15.96 10.71
C SER B 52 -9.61 17.36 11.20
N PHE B 53 -10.35 18.35 10.70
CA PHE B 53 -10.10 19.74 11.04
C PHE B 53 -11.39 20.54 11.01
N ALA B 54 -11.44 21.58 11.81
CA ALA B 54 -12.56 22.52 11.81
C ALA B 54 -13.92 21.81 11.88
N PRO B 55 -14.17 21.05 12.95
CA PRO B 55 -15.41 20.27 13.00
C PRO B 55 -16.66 21.13 12.92
N GLN B 56 -16.56 22.40 13.35
CA GLN B 56 -17.68 23.34 13.33
C GLN B 56 -17.93 23.96 11.97
N ALA B 57 -17.06 23.72 11.00
CA ALA B 57 -17.23 24.28 9.67
C ALA B 57 -18.42 23.67 8.96
N THR B 58 -19.17 24.51 8.26
CA THR B 58 -20.29 24.04 7.47
C THR B 58 -20.26 24.77 6.13
N PHE B 59 -20.89 24.15 5.15
CA PHE B 59 -21.20 24.85 3.91
C PHE B 59 -22.59 25.47 4.11
N SER B 60 -22.65 26.80 4.12
CA SER B 60 -23.90 27.48 4.43
C SER B 60 -23.93 28.82 3.70
N ASP B 61 -25.07 29.14 3.09
CA ASP B 61 -25.22 30.39 2.34
C ASP B 61 -24.11 30.56 1.31
N GLY B 62 -23.78 29.48 0.59
CA GLY B 62 -22.83 29.54 -0.50
C GLY B 62 -21.40 29.79 -0.04
N SNC B 63 -21.18 29.65 1.26
CA SNC B 63 -19.89 29.91 1.88
CB SNC B 63 -19.90 31.08 2.87
SG SNC B 63 -20.08 32.67 2.07
ND SNC B 63 -21.05 32.48 0.70
OE SNC B 63 -20.74 32.93 -0.31
C SNC B 63 -19.37 28.75 2.72
O SNC B 63 -20.10 27.87 3.17
N LEU B 64 -18.06 28.78 2.93
CA LEU B 64 -17.42 27.97 3.95
C LEU B 64 -17.48 28.79 5.24
N VAL B 65 -18.22 28.34 6.24
CA VAL B 65 -18.44 29.10 7.47
C VAL B 65 -17.69 28.42 8.61
N MET B 66 -16.77 29.17 9.25
CA MET B 66 -15.95 28.69 10.38
C MET B 66 -15.88 29.84 11.38
N GLY B 67 -16.88 29.92 12.26
CA GLY B 67 -16.79 30.91 13.32
C GLY B 67 -17.14 32.27 12.78
N GLU B 68 -16.21 33.22 12.92
CA GLU B 68 -16.38 34.50 12.25
C GLU B 68 -15.83 34.51 10.82
N ARG B 69 -14.99 33.54 10.45
CA ARG B 69 -14.47 33.47 9.08
C ARG B 69 -15.57 32.92 8.17
N LYS B 70 -15.88 33.68 7.11
CA LYS B 70 -16.92 33.28 6.13
C LYS B 70 -16.24 33.32 4.76
N VAL B 71 -16.18 32.20 4.05
CA VAL B 71 -15.42 32.29 2.79
C VAL B 71 -16.35 31.99 1.62
N HIS B 72 -16.44 32.91 0.67
CA HIS B 72 -17.26 32.67 -0.52
C HIS B 72 -16.70 31.53 -1.35
N PHE B 73 -17.58 30.63 -1.80
CA PHE B 73 -17.21 29.65 -2.81
C PHE B 73 -17.57 30.17 -4.20
N LEU B 74 -16.61 30.12 -5.12
CA LEU B 74 -16.80 30.46 -6.52
C LEU B 74 -16.51 29.24 -7.37
N ALA B 75 -17.15 29.18 -8.54
CA ALA B 75 -16.95 28.11 -9.51
C ALA B 75 -16.95 28.78 -10.89
N GLU B 76 -15.89 29.53 -11.14
CA GLU B 76 -15.73 30.38 -12.31
C GLU B 76 -14.49 29.92 -13.06
N LYS B 77 -14.67 29.50 -14.32
CA LYS B 77 -13.57 28.94 -15.08
C LYS B 77 -12.78 29.99 -15.87
N ASP B 78 -13.31 31.20 -16.07
CA ASP B 78 -12.64 32.21 -16.87
C ASP B 78 -12.04 33.23 -15.92
N VAL B 79 -10.75 33.49 -16.02
CA VAL B 79 -10.03 34.32 -15.03
C VAL B 79 -10.44 35.80 -15.05
N GLN B 80 -11.24 36.25 -16.02
CA GLN B 80 -11.64 37.69 -16.16
C GLN B 80 -12.95 38.03 -15.44
N LYS B 81 -13.77 37.02 -15.15
CA LYS B 81 -15.05 37.07 -14.47
C LYS B 81 -14.84 36.88 -12.97
N LEU B 82 -13.59 36.78 -12.53
CA LEU B 82 -13.34 36.64 -11.11
C LEU B 82 -13.51 38.00 -10.47
N PRO B 83 -14.27 38.10 -9.40
CA PRO B 83 -14.64 39.39 -8.83
C PRO B 83 -13.61 39.94 -7.86
N TRP B 84 -12.34 39.96 -8.31
CA TRP B 84 -11.29 40.40 -7.43
C TRP B 84 -11.40 41.89 -7.14
N LYS B 85 -11.95 42.67 -8.05
CA LYS B 85 -12.14 44.13 -7.79
C LYS B 85 -13.14 44.32 -6.66
N ASP B 86 -14.32 43.69 -6.73
CA ASP B 86 -15.37 43.93 -5.79
C ASP B 86 -15.03 43.26 -4.47
N LEU B 87 -14.20 42.22 -4.50
CA LEU B 87 -13.82 41.55 -3.26
C LEU B 87 -12.63 42.22 -2.58
N ASP B 88 -12.02 43.21 -3.24
CA ASP B 88 -10.88 43.95 -2.70
C ASP B 88 -9.75 42.99 -2.36
N VAL B 89 -9.33 42.22 -3.36
CA VAL B 89 -8.39 41.12 -3.13
C VAL B 89 -6.95 41.63 -3.23
N ASP B 90 -6.18 41.40 -2.17
CA ASP B 90 -4.77 41.74 -2.15
C ASP B 90 -3.92 40.68 -2.85
N VAL B 91 -4.17 39.38 -2.61
CA VAL B 91 -3.36 38.32 -3.22
C VAL B 91 -4.24 37.17 -3.68
N VAL B 92 -4.02 36.71 -4.90
CA VAL B 92 -4.57 35.44 -5.37
C VAL B 92 -3.51 34.36 -5.15
N VAL B 93 -3.85 33.33 -4.39
CA VAL B 93 -3.04 32.12 -4.28
C VAL B 93 -3.44 31.21 -5.44
N GLU B 94 -2.58 31.10 -6.44
CA GLU B 94 -2.89 30.34 -7.65
C GLU B 94 -2.34 28.93 -7.50
N SER B 95 -3.23 27.98 -7.13
CA SER B 95 -2.85 26.61 -6.80
C SER B 95 -3.63 25.59 -7.62
N THR B 96 -4.00 25.94 -8.85
CA THR B 96 -4.69 24.97 -9.68
C THR B 96 -3.76 23.96 -10.31
N GLY B 97 -2.48 24.30 -10.45
CA GLY B 97 -1.55 23.47 -11.18
C GLY B 97 -1.67 23.58 -12.69
N LEU B 98 -2.57 24.43 -13.19
CA LEU B 98 -2.78 24.63 -14.62
C LEU B 98 -2.18 25.93 -15.15
N PHE B 99 -2.03 26.95 -14.32
CA PHE B 99 -1.54 28.25 -14.82
C PHE B 99 -0.09 28.46 -14.42
N ASN B 101 3.16 29.78 -16.66
CA ASN B 101 3.19 30.63 -17.88
C ASN B 101 2.52 31.94 -17.52
N ARG B 102 3.32 32.94 -17.12
CA ARG B 102 2.88 34.27 -16.61
C ARG B 102 1.76 34.93 -17.44
N ASP B 103 1.69 34.72 -18.75
CA ASP B 103 0.67 35.42 -19.56
C ASP B 103 -0.71 35.02 -19.02
N ASP B 104 -0.88 33.77 -18.65
CA ASP B 104 -2.23 33.36 -18.19
C ASP B 104 -2.53 33.95 -16.80
N VAL B 105 -1.53 34.01 -15.93
CA VAL B 105 -1.67 34.42 -14.51
C VAL B 105 -1.83 35.93 -14.37
N ALA B 106 -1.47 36.70 -15.39
CA ALA B 106 -1.57 38.15 -15.17
C ALA B 106 -3.04 38.56 -15.21
N LYS B 107 -3.88 37.70 -15.77
CA LYS B 107 -5.28 37.98 -15.94
C LYS B 107 -6.02 38.06 -14.59
N HIS B 108 -5.44 37.46 -13.54
CA HIS B 108 -5.93 37.67 -12.17
C HIS B 108 -5.80 39.13 -11.76
N LEU B 109 -4.68 39.77 -12.11
CA LEU B 109 -4.51 41.18 -11.81
C LEU B 109 -5.38 42.04 -12.70
N ASP B 110 -5.64 41.57 -13.93
CA ASP B 110 -6.56 42.29 -14.80
C ASP B 110 -7.95 42.37 -14.16
N SER B 111 -8.36 41.32 -13.45
CA SER B 111 -9.68 41.30 -12.82
C SER B 111 -9.67 41.91 -11.43
N GLY B 112 -8.56 42.48 -11.00
CA GLY B 112 -8.59 43.35 -9.84
C GLY B 112 -7.74 42.91 -8.68
N ALA B 113 -7.01 41.81 -8.71
CA ALA B 113 -6.20 41.47 -7.55
C ALA B 113 -4.92 42.30 -7.53
N LYS B 114 -4.44 42.58 -6.32
CA LYS B 114 -3.20 43.37 -6.10
C LYS B 114 -1.97 42.55 -6.50
N ARG B 115 -1.90 41.27 -6.10
CA ARG B 115 -0.69 40.46 -6.44
C ARG B 115 -1.10 39.00 -6.56
N VAL B 116 -0.31 38.20 -7.32
CA VAL B 116 -0.57 36.77 -7.45
C VAL B 116 0.60 35.97 -6.92
N LEU B 117 0.32 34.90 -6.15
CA LEU B 117 1.34 33.92 -5.67
C LEU B 117 1.03 32.52 -6.22
N ILE B 118 1.87 32.02 -7.16
CA ILE B 118 1.78 30.72 -7.79
C ILE B 118 2.42 29.69 -6.87
N THR B 119 1.65 28.65 -6.52
CA THR B 119 2.11 27.58 -5.65
C THR B 119 2.81 26.48 -6.44
N ALA B 120 3.66 26.90 -7.37
CA ALA B 120 4.42 25.96 -8.22
C ALA B 120 5.47 26.72 -8.99
N PRO B 121 6.41 25.99 -9.61
CA PRO B 121 7.37 26.58 -10.52
C PRO B 121 6.64 27.24 -11.68
N ALA B 122 7.17 28.37 -12.12
CA ALA B 122 6.51 29.16 -13.17
C ALA B 122 7.39 29.26 -14.42
N LYS B 123 6.76 29.41 -15.58
CA LYS B 123 7.51 29.60 -16.84
C LYS B 123 7.37 31.07 -17.25
N GLY B 124 8.46 31.67 -17.68
CA GLY B 124 8.36 33.10 -18.02
C GLY B 124 9.05 33.95 -16.97
N ASP B 125 8.72 35.24 -16.96
CA ASP B 125 9.38 36.24 -16.14
C ASP B 125 8.74 36.34 -14.76
N VAL B 126 8.66 35.21 -14.06
CA VAL B 126 8.11 35.16 -12.71
C VAL B 126 9.24 35.06 -11.70
N PRO B 127 9.38 36.03 -10.79
CA PRO B 127 10.30 35.86 -9.66
C PRO B 127 9.92 34.65 -8.82
N THR B 128 10.93 33.90 -8.43
CA THR B 128 10.86 32.67 -7.66
C THR B 128 11.53 32.87 -6.29
N PHE B 129 10.78 32.55 -5.21
CA PHE B 129 11.28 32.80 -3.86
C PHE B 129 11.21 31.55 -3.00
N VAL B 130 12.20 31.39 -2.12
CA VAL B 130 12.24 30.32 -1.12
C VAL B 130 12.50 30.96 0.24
N MET B 131 11.57 30.75 1.18
CA MET B 131 11.73 31.31 2.52
C MET B 131 13.02 30.83 3.17
N GLY B 132 13.77 31.79 3.72
CA GLY B 132 15.03 31.47 4.35
C GLY B 132 16.22 31.42 3.42
N VAL B 133 16.02 31.55 2.12
CA VAL B 133 17.11 31.55 1.15
C VAL B 133 17.18 32.85 0.38
N ASN B 134 16.08 33.27 -0.24
CA ASN B 134 16.11 34.50 -1.03
C ASN B 134 14.80 35.29 -0.96
N HIS B 135 13.95 35.03 0.03
CA HIS B 135 12.62 35.63 0.02
C HIS B 135 12.71 37.15 0.20
N GLN B 136 13.85 37.67 0.64
CA GLN B 136 14.02 39.15 0.73
C GLN B 136 14.16 39.80 -0.65
N GLN B 137 14.52 39.06 -1.66
CA GLN B 137 14.49 39.68 -3.00
C GLN B 137 13.06 40.10 -3.37
N PHE B 138 12.02 39.82 -2.54
CA PHE B 138 10.72 40.17 -3.05
C PHE B 138 10.59 41.68 -3.12
N ASP B 139 10.06 42.17 -4.24
CA ASP B 139 9.83 43.61 -4.37
C ASP B 139 8.35 43.86 -4.64
N PRO B 140 7.76 44.84 -3.96
CA PRO B 140 6.33 45.15 -4.19
C PRO B 140 5.99 45.32 -5.66
N ALA B 141 6.97 45.62 -6.52
CA ALA B 141 6.69 45.73 -7.96
C ALA B 141 6.47 44.37 -8.62
N ASP B 142 6.88 43.28 -7.98
CA ASP B 142 6.64 41.93 -8.47
C ASP B 142 5.20 41.56 -8.19
N VAL B 143 4.35 41.71 -9.19
CA VAL B 143 2.93 41.43 -9.03
C VAL B 143 2.57 39.97 -9.28
N ILE B 144 3.48 39.19 -9.86
CA ILE B 144 3.34 37.75 -10.02
C ILE B 144 4.61 37.10 -9.48
N ILE B 145 4.48 36.23 -8.48
CA ILE B 145 5.62 35.58 -7.82
C ILE B 145 5.34 34.09 -7.69
N SER B 146 6.42 33.32 -7.48
CA SER B 146 6.33 31.88 -7.33
C SER B 146 6.99 31.47 -6.02
N ASN B 147 6.42 30.47 -5.35
CA ASN B 147 7.04 29.91 -4.15
C ASN B 147 7.90 28.68 -4.45
N ALA B 148 8.21 28.42 -5.73
CA ALA B 148 8.94 27.22 -6.14
C ALA B 148 8.15 25.97 -5.79
N SER B 149 8.83 24.81 -5.71
CA SER B 149 8.21 23.52 -5.41
C SER B 149 8.54 23.10 -3.99
N CYS B 150 7.79 22.08 -3.49
CA CYS B 150 8.17 21.43 -2.24
C CYS B 150 9.64 21.02 -2.25
N THR B 151 10.06 20.36 -3.34
CA THR B 151 11.42 19.83 -3.38
C THR B 151 12.46 20.94 -3.37
N THR B 152 12.23 22.01 -4.13
CA THR B 152 13.18 23.13 -4.10
C THR B 152 13.25 23.73 -2.70
N ASN B 153 12.11 23.79 -2.00
CA ASN B 153 12.12 24.33 -0.65
C ASN B 153 12.85 23.41 0.32
N CYS B 154 12.99 22.12 0.00
CA CYS B 154 13.80 21.26 0.85
C CYS B 154 15.28 21.37 0.49
N LEU B 155 15.59 21.39 -0.79
CA LEU B 155 16.99 21.32 -1.19
C LEU B 155 17.70 22.65 -1.01
N ALA B 156 17.05 23.76 -1.37
CA ALA B 156 17.74 25.04 -1.35
C ALA B 156 18.27 25.43 0.03
N PRO B 157 17.53 25.28 1.13
CA PRO B 157 18.13 25.64 2.43
C PRO B 157 19.38 24.84 2.78
N LEU B 158 19.34 23.53 2.56
CA LEU B 158 20.53 22.72 2.77
C LEU B 158 21.66 23.19 1.85
N ALA B 159 21.34 23.44 0.58
CA ALA B 159 22.35 23.89 -0.37
C ALA B 159 22.97 25.20 0.06
N LYS B 160 22.16 26.10 0.62
CA LYS B 160 22.69 27.39 1.07
C LYS B 160 23.65 27.18 2.22
N VAL B 161 23.30 26.35 3.20
CA VAL B 161 24.22 26.09 4.29
C VAL B 161 25.53 25.52 3.77
N LEU B 162 25.46 24.58 2.82
CA LEU B 162 26.69 23.99 2.29
C LEU B 162 27.52 25.03 1.54
N LEU B 163 26.86 25.83 0.70
CA LEU B 163 27.56 26.86 -0.06
C LEU B 163 28.25 27.84 0.86
N ASP B 164 27.57 28.25 1.93
CA ASP B 164 28.12 29.26 2.82
C ASP B 164 29.25 28.70 3.67
N ASN B 165 29.24 27.40 3.98
CA ASN B 165 30.28 26.88 4.86
C ASN B 165 31.43 26.22 4.11
N PHE B 166 31.14 25.59 2.97
CA PHE B 166 32.11 24.74 2.31
C PHE B 166 32.24 25.02 0.83
N GLY B 167 31.24 25.62 0.19
CA GLY B 167 31.23 25.74 -1.24
C GLY B 167 30.78 24.43 -1.89
N ILE B 168 30.14 24.52 -3.04
CA ILE B 168 29.66 23.37 -3.79
C ILE B 168 30.30 23.39 -5.16
N GLU B 169 30.97 22.29 -5.52
CA GLU B 169 31.47 22.09 -6.87
C GLU B 169 30.37 21.56 -7.78
N GLU B 170 29.70 20.48 -7.36
CA GLU B 170 28.66 19.86 -8.15
C GLU B 170 27.78 19.01 -7.26
N GLY B 171 26.54 18.84 -7.67
CA GLY B 171 25.62 18.03 -6.87
C GLY B 171 24.63 17.34 -7.77
N LEU B 172 24.26 16.12 -7.40
CA LEU B 172 23.25 15.37 -8.12
C LEU B 172 22.26 14.91 -7.05
N MET B 173 20.99 15.26 -7.24
CA MET B 173 19.94 15.06 -6.25
C MET B 173 18.98 13.99 -6.74
N THR B 174 18.51 13.16 -5.82
CA THR B 174 17.34 12.32 -6.03
C THR B 174 16.34 12.68 -4.95
N THR B 175 15.07 12.80 -5.31
CA THR B 175 14.05 12.87 -4.29
C THR B 175 13.21 11.62 -4.38
N VAL B 176 13.12 10.90 -3.27
CA VAL B 176 12.18 9.79 -3.13
C VAL B 176 10.90 10.42 -2.62
N HIS B 177 9.90 10.52 -3.50
CA HIS B 177 8.80 11.44 -3.32
C HIS B 177 7.48 10.69 -3.14
N ALA B 178 6.65 11.20 -2.23
CA ALA B 178 5.31 10.64 -2.04
C ALA B 178 4.48 10.73 -3.33
N ALA B 179 3.49 9.85 -3.44
CA ALA B 179 2.53 9.95 -4.52
C ALA B 179 1.78 11.28 -4.43
N THR B 180 1.38 11.80 -5.59
CA THR B 180 0.66 13.07 -5.68
C THR B 180 -0.55 12.94 -6.60
N ALA B 181 -1.35 14.01 -6.62
CA ALA B 181 -2.64 13.98 -7.32
C ALA B 181 -2.51 13.85 -8.82
N THR B 182 -1.34 14.11 -9.40
CA THR B 182 -1.17 13.88 -10.82
C THR B 182 -1.08 12.40 -11.18
N GLN B 183 -0.95 11.51 -10.19
CA GLN B 183 -0.74 10.10 -10.45
C GLN B 183 -2.08 9.36 -10.58
N SER B 184 -2.02 8.06 -10.91
CA SER B 184 -3.22 7.25 -11.16
C SER B 184 -3.28 6.06 -10.22
N VAL B 185 -4.50 5.64 -9.88
CA VAL B 185 -4.66 4.52 -8.95
C VAL B 185 -4.32 3.20 -9.64
N VAL B 186 -4.78 3.01 -10.88
CA VAL B 186 -4.41 1.85 -11.69
C VAL B 186 -3.79 2.41 -12.97
N ASP B 187 -3.09 1.54 -13.71
CA ASP B 187 -2.42 1.97 -14.95
C ASP B 187 -3.35 2.80 -15.86
N GLY B 188 -2.93 4.01 -16.17
CA GLY B 188 -3.71 4.85 -17.06
C GLY B 188 -2.78 5.77 -17.85
N PRO B 189 -3.36 6.55 -18.77
CA PRO B 189 -2.53 7.41 -19.61
C PRO B 189 -2.16 8.71 -18.93
N SER B 190 -0.89 9.09 -19.07
CA SER B 190 -0.41 10.39 -18.62
C SER B 190 0.40 10.97 -19.76
N ARG B 191 -0.21 11.87 -20.54
CA ARG B 191 0.36 12.37 -21.81
C ARG B 191 1.83 12.77 -21.75
N LYS B 192 2.22 13.53 -20.76
CA LYS B 192 3.59 14.07 -20.86
C LYS B 192 4.54 13.36 -19.90
N ASP B 193 4.14 12.20 -19.45
CA ASP B 193 4.86 11.51 -18.38
C ASP B 193 4.28 10.12 -18.29
N TRP B 194 4.66 9.27 -19.24
CA TRP B 194 4.04 7.96 -19.36
C TRP B 194 4.18 7.16 -18.08
N ARG B 195 5.38 7.15 -17.51
CA ARG B 195 5.59 6.38 -16.28
C ARG B 195 4.63 6.83 -15.20
N GLY B 196 4.33 8.14 -15.15
CA GLY B 196 3.50 8.71 -14.12
C GLY B 196 2.06 8.25 -14.16
N GLY B 197 1.65 7.57 -15.24
CA GLY B 197 0.30 7.03 -15.28
C GLY B 197 0.20 5.60 -14.78
N ARG B 198 1.34 4.95 -14.55
CA ARG B 198 1.31 3.58 -14.04
C ARG B 198 0.90 3.58 -12.56
N GLY B 199 0.18 2.53 -12.15
CA GLY B 199 -0.41 2.47 -10.83
C GLY B 199 0.47 2.97 -9.70
N ALA B 200 0.01 4.01 -9.01
CA ALA B 200 0.86 4.75 -8.10
C ALA B 200 1.31 3.91 -6.91
N PHE B 201 0.44 3.02 -6.42
CA PHE B 201 0.82 2.27 -5.22
C PHE B 201 1.28 0.85 -5.54
N GLN B 202 1.42 0.52 -6.81
CA GLN B 202 2.08 -0.72 -7.23
C GLN B 202 3.54 -0.54 -7.60
N ASN B 203 4.06 0.68 -7.66
CA ASN B 203 5.30 0.94 -8.39
C ASN B 203 6.20 1.94 -7.70
N ILE B 204 7.53 1.70 -7.84
CA ILE B 204 8.52 2.78 -7.84
C ILE B 204 8.56 3.37 -9.24
N ILE B 205 8.38 4.69 -9.36
CA ILE B 205 8.16 5.33 -10.64
C ILE B 205 9.16 6.46 -10.88
N PRO B 206 10.16 6.30 -11.74
CA PRO B 206 11.06 7.43 -12.06
C PRO B 206 10.31 8.64 -12.62
N ALA B 207 10.76 9.82 -12.24
CA ALA B 207 10.17 11.06 -12.74
C ALA B 207 11.27 12.10 -12.90
N SER B 208 11.05 13.01 -13.83
CA SER B 208 11.93 14.15 -13.96
CA SER B 208 11.91 14.17 -13.98
C SER B 208 11.55 15.22 -12.94
N THR B 209 12.52 16.04 -12.58
CA THR B 209 12.24 17.17 -11.69
C THR B 209 13.18 18.32 -12.04
N GLY B 210 12.65 19.53 -11.99
CA GLY B 210 13.45 20.73 -12.15
C GLY B 210 13.89 21.36 -10.86
N ALA B 211 13.67 20.70 -9.72
CA ALA B 211 13.90 21.34 -8.42
C ALA B 211 15.37 21.69 -8.22
N ALA B 212 16.27 20.80 -8.63
CA ALA B 212 17.69 21.04 -8.47
C ALA B 212 18.15 22.16 -9.40
N LYS B 213 17.74 22.13 -10.64
CA LYS B 213 18.17 23.25 -11.51
C LYS B 213 17.54 24.56 -11.01
N ALA B 214 16.40 24.47 -10.39
CA ALA B 214 15.66 25.65 -9.90
C ALA B 214 16.33 26.28 -8.70
N VAL B 215 17.06 25.47 -7.94
CA VAL B 215 17.83 26.04 -6.85
C VAL B 215 18.78 27.12 -7.36
N GLY B 216 19.22 27.00 -8.62
CA GLY B 216 20.03 28.04 -9.23
C GLY B 216 19.30 29.37 -9.40
N LEU B 217 17.97 29.37 -9.38
CA LEU B 217 17.25 30.63 -9.43
C LEU B 217 17.40 31.38 -8.12
N CYS B 218 17.21 30.71 -6.99
CA CYS B 218 17.32 31.38 -5.71
C CYS B 218 18.73 31.41 -5.15
N LEU B 219 19.66 30.66 -5.75
CA LEU B 219 21.07 30.72 -5.40
C LEU B 219 21.86 30.75 -6.70
N PRO B 220 21.99 31.93 -7.32
CA PRO B 220 22.66 32.01 -8.63
C PRO B 220 24.05 31.41 -8.62
N GLU B 221 24.71 31.39 -7.47
CA GLU B 221 26.01 30.74 -7.34
C GLU B 221 25.99 29.29 -7.82
N LEU B 222 24.81 28.64 -7.82
CA LEU B 222 24.68 27.21 -8.10
C LEU B 222 24.14 26.90 -9.50
N LYS B 223 23.94 27.92 -10.32
CA LYS B 223 23.55 27.76 -11.72
C LYS B 223 24.47 26.76 -12.46
N GLY B 224 23.86 25.73 -13.08
CA GLY B 224 24.64 24.74 -13.80
C GLY B 224 25.40 23.74 -12.93
N LYS B 225 25.35 23.86 -11.60
CA LYS B 225 26.09 22.99 -10.71
C LYS B 225 25.24 21.86 -10.12
N LEU B 226 23.94 21.84 -10.37
CA LEU B 226 23.07 20.82 -9.79
C LEU B 226 22.08 20.30 -10.81
N THR B 227 21.80 19.00 -10.78
CA THR B 227 20.61 18.51 -11.46
C THR B 227 20.08 17.32 -10.65
N GLY B 228 19.05 16.68 -11.16
CA GLY B 228 18.52 15.58 -10.38
C GLY B 228 17.33 14.91 -11.04
N MET B 229 16.73 14.04 -10.25
CA MET B 229 15.65 13.18 -10.71
C MET B 229 14.83 12.79 -9.48
N ALA B 230 13.72 12.09 -9.70
CA ALA B 230 12.85 11.68 -8.61
C ALA B 230 12.45 10.22 -8.79
N PHE B 231 12.12 9.56 -7.67
CA PHE B 231 11.40 8.29 -7.69
C PHE B 231 10.13 8.50 -6.89
N ARG B 232 8.98 8.36 -7.55
CA ARG B 232 7.71 8.37 -6.83
C ARG B 232 7.45 6.99 -6.25
N VAL B 233 7.08 6.94 -4.97
CA VAL B 233 6.93 5.67 -4.26
C VAL B 233 5.58 5.66 -3.54
N PRO B 234 5.10 4.44 -3.11
CA PRO B 234 3.74 4.33 -2.53
C PRO B 234 3.63 4.77 -1.08
N VAL B 235 3.81 6.06 -0.82
CA VAL B 235 3.38 6.66 0.44
C VAL B 235 2.51 7.85 0.07
N ALA B 236 1.57 8.17 0.95
CA ALA B 236 0.62 9.21 0.60
C ALA B 236 1.16 10.61 0.86
N ASP B 237 2.21 10.74 1.66
CA ASP B 237 2.78 12.05 1.97
C ASP B 237 4.13 11.82 2.63
N VAL B 238 4.98 12.85 2.53
CA VAL B 238 6.35 12.97 3.05
C VAL B 238 7.34 12.42 2.01
N SER B 239 8.39 13.20 1.77
CA SER B 239 9.34 12.89 0.72
C SER B 239 10.73 13.15 1.31
N VAL B 240 11.77 12.77 0.59
CA VAL B 240 13.11 12.90 1.15
C VAL B 240 14.05 13.22 0.01
N VAL B 241 14.93 14.17 0.24
CA VAL B 241 15.97 14.55 -0.71
C VAL B 241 17.23 13.78 -0.38
N ASP B 242 17.85 13.21 -1.40
CA ASP B 242 19.09 12.45 -1.33
C ASP B 242 20.09 13.20 -2.21
N LEU B 243 20.97 14.00 -1.60
CA LEU B 243 21.86 14.91 -2.34
C LEU B 243 23.27 14.36 -2.30
N THR B 244 23.78 13.98 -3.46
CA THR B 244 25.18 13.59 -3.62
C THR B 244 25.92 14.83 -4.07
N VAL B 245 26.83 15.31 -3.25
CA VAL B 245 27.42 16.61 -3.50
C VAL B 245 28.92 16.51 -3.35
N LYS B 246 29.62 17.18 -4.26
CA LYS B 246 31.09 17.39 -4.19
C LYS B 246 31.29 18.84 -3.76
N LEU B 247 31.84 19.02 -2.58
CA LEU B 247 32.10 20.30 -1.96
C LEU B 247 33.43 20.88 -2.46
N SER B 248 33.55 22.19 -2.30
CA SER B 248 34.71 22.97 -2.72
C SER B 248 35.84 22.97 -1.72
N SER B 249 35.68 22.39 -0.54
CA SER B 249 36.77 22.31 0.43
C SER B 249 36.67 21.01 1.21
N ALA B 250 37.80 20.59 1.78
CA ALA B 250 37.85 19.37 2.56
C ALA B 250 37.18 19.58 3.91
N THR B 251 36.35 18.62 4.32
CA THR B 251 35.69 18.71 5.62
C THR B 251 35.36 17.29 6.09
N THR B 252 34.63 17.20 7.20
CA THR B 252 34.20 15.91 7.72
C THR B 252 32.67 15.90 7.71
N TYR B 253 32.11 14.69 7.72
CA TYR B 253 30.66 14.60 7.85
C TYR B 253 30.16 15.32 9.08
N GLU B 254 30.84 15.06 10.20
CA GLU B 254 30.47 15.64 11.52
C GLU B 254 30.38 17.17 11.40
N ALA B 255 31.36 17.78 10.72
CA ALA B 255 31.39 19.26 10.55
C ALA B 255 30.20 19.72 9.71
N ILE B 256 29.78 18.92 8.73
CA ILE B 256 28.56 19.21 8.00
C ILE B 256 27.37 19.20 8.95
N CYS B 257 27.30 18.18 9.80
CA CYS B 257 26.21 18.17 10.77
C CYS B 257 26.25 19.42 11.63
N GLU B 258 27.43 19.83 12.07
CA GLU B 258 27.53 21.05 12.93
C GLU B 258 27.12 22.30 12.16
N ALA B 259 27.49 22.44 10.89
CA ALA B 259 27.04 23.58 10.13
C ALA B 259 25.51 23.59 10.05
N VAL B 260 24.91 22.44 9.78
CA VAL B 260 23.47 22.39 9.61
C VAL B 260 22.74 22.67 10.92
N LYS B 261 23.20 22.06 12.02
CA LYS B 261 22.61 22.28 13.32
C LYS B 261 22.68 23.75 13.74
N HIS B 262 23.84 24.37 13.54
CA HIS B 262 23.97 25.78 13.85
C HIS B 262 23.01 26.64 13.02
N ALA B 263 22.92 26.36 11.72
CA ALA B 263 21.98 27.10 10.89
C ALA B 263 20.54 26.90 11.35
N ALA B 264 20.18 25.66 11.71
CA ALA B 264 18.83 25.39 12.19
C ALA B 264 18.55 26.14 13.49
N ASN B 265 19.60 26.41 14.28
CA ASN B 265 19.45 27.18 15.50
C ASN B 265 19.50 28.68 15.27
N THR B 266 19.88 29.13 14.07
CA THR B 266 20.06 30.56 13.86
C THR B 266 19.37 31.03 12.59
N SER B 267 20.13 31.19 11.50
CA SER B 267 19.61 31.83 10.30
C SER B 267 18.56 31.00 9.57
N MET B 268 18.51 29.70 9.82
CA MET B 268 17.50 28.87 9.18
C MET B 268 16.41 28.49 10.17
N LYS B 269 16.31 29.20 11.29
CA LYS B 269 15.31 28.85 12.33
C LYS B 269 13.91 28.79 11.72
N ASN B 270 13.16 27.71 12.04
CA ASN B 270 11.79 27.46 11.62
C ASN B 270 11.74 27.19 10.13
N ILE B 271 12.89 27.13 9.45
CA ILE B 271 12.98 26.70 8.06
C ILE B 271 13.59 25.30 7.96
N MET B 272 14.77 25.12 8.53
CA MET B 272 15.44 23.82 8.56
C MET B 272 15.43 23.31 9.98
N TYR B 273 15.39 21.98 10.13
CA TYR B 273 15.49 21.31 11.41
C TYR B 273 16.59 20.26 11.32
N TYR B 274 17.22 19.98 12.46
CA TYR B 274 18.32 19.03 12.55
C TYR B 274 17.95 17.93 13.53
N THR B 275 18.04 16.69 13.09
CA THR B 275 17.74 15.56 13.95
C THR B 275 18.83 14.50 13.87
N GLU B 276 19.00 13.79 14.99
CA GLU B 276 19.81 12.59 15.04
C GLU B 276 18.97 11.38 15.42
N GLU B 277 17.65 11.49 15.35
CA GLU B 277 16.78 10.39 15.72
C GLU B 277 16.64 9.41 14.56
N ALA B 278 16.23 8.19 14.89
CA ALA B 278 16.03 7.12 13.91
C ALA B 278 14.69 7.30 13.20
N VAL B 279 14.60 8.37 12.40
CA VAL B 279 13.31 8.79 11.85
C VAL B 279 12.96 7.97 10.60
N VAL B 280 11.66 7.89 10.34
CA VAL B 280 11.12 7.38 9.08
C VAL B 280 10.08 8.37 8.58
N SER B 281 9.64 8.20 7.34
CA SER B 281 8.80 9.21 6.70
C SER B 281 7.56 9.59 7.53
N SER B 282 6.86 8.61 8.10
CA SER B 282 5.62 8.96 8.81
C SER B 282 5.88 9.89 9.99
N ASP B 283 7.09 9.92 10.53
CA ASP B 283 7.39 10.85 11.62
C ASP B 283 7.28 12.32 11.20
N PHE B 284 7.23 12.63 9.91
CA PHE B 284 7.17 14.01 9.46
C PHE B 284 5.80 14.39 8.93
N ILE B 285 4.79 13.53 9.09
CA ILE B 285 3.44 13.91 8.71
C ILE B 285 3.00 15.04 9.62
N GLY B 286 2.76 16.22 9.04
CA GLY B 286 2.36 17.39 9.80
C GLY B 286 3.54 18.29 10.14
N CME B 287 4.75 17.82 9.82
CA CME B 287 5.99 18.60 10.04
CB CME B 287 7.24 17.80 9.73
SG CME B 287 8.80 18.53 10.27
SD CME B 287 8.54 18.77 12.27
CE CME B 287 9.29 17.28 12.98
CZ CME B 287 10.79 17.35 12.99
OH CME B 287 11.38 16.21 13.57
C CME B 287 5.88 19.89 9.23
O CME B 287 5.50 19.81 8.05
N GLU B 288 6.20 21.03 9.84
CA GLU B 288 6.06 22.30 9.14
C GLU B 288 7.41 22.86 8.58
N TYR B 289 8.52 22.21 8.88
CA TYR B 289 9.81 22.65 8.37
C TYR B 289 9.92 22.40 6.89
N SER B 290 10.74 23.21 6.22
CA SER B 290 11.00 23.00 4.80
C SER B 290 11.95 21.84 4.57
N SER B 291 12.84 21.58 5.51
CA SER B 291 13.92 20.63 5.27
C SER B 291 14.38 20.14 6.63
N VAL B 292 14.37 18.83 6.84
CA VAL B 292 14.83 18.24 8.11
C VAL B 292 16.03 17.35 7.81
N PHE B 293 17.20 17.80 8.25
CA PHE B 293 18.45 17.07 8.01
C PHE B 293 18.51 15.83 8.89
N ASP B 294 18.73 14.68 8.25
CA ASP B 294 18.72 13.36 8.90
C ASP B 294 20.19 13.01 9.13
N ALA B 295 20.70 13.30 10.33
CA ALA B 295 22.14 13.21 10.56
C ALA B 295 22.62 11.77 10.47
N GLN B 296 21.83 10.83 10.99
CA GLN B 296 22.26 9.43 11.02
C GLN B 296 22.24 8.80 9.64
N ALA B 297 21.40 9.30 8.72
CA ALA B 297 21.23 8.61 7.45
C ALA B 297 22.34 8.87 6.44
N GLY B 298 22.99 10.03 6.50
CA GLY B 298 23.94 10.40 5.47
C GLY B 298 25.22 9.60 5.54
N VAL B 299 25.99 9.63 4.45
CA VAL B 299 27.26 8.91 4.39
C VAL B 299 28.32 9.81 3.76
N ALA B 300 29.58 9.52 4.08
CA ALA B 300 30.72 10.24 3.52
C ALA B 300 31.58 9.24 2.76
N LEU B 301 31.93 9.56 1.51
CA LEU B 301 32.93 8.72 0.86
C LEU B 301 34.34 9.16 1.22
N ASN B 302 34.59 10.46 1.21
CA ASN B 302 35.89 11.05 1.54
C ASN B 302 35.64 12.47 2.02
N ASP B 303 36.70 13.28 2.10
CA ASP B 303 36.54 14.59 2.72
C ASP B 303 35.90 15.63 1.79
N ARG B 304 35.57 15.28 0.56
CA ARG B 304 34.88 16.23 -0.31
C ARG B 304 33.58 15.71 -0.93
N PHE B 305 33.27 14.43 -0.80
CA PHE B 305 32.19 13.79 -1.54
C PHE B 305 31.24 13.16 -0.52
N PHE B 306 30.00 13.66 -0.49
CA PHE B 306 29.06 13.30 0.58
C PHE B 306 27.70 13.00 0.00
N LYS B 307 26.93 12.17 0.72
CA LYS B 307 25.52 11.94 0.40
C LYS B 307 24.71 12.36 1.62
N LEU B 308 23.90 13.40 1.47
CA LEU B 308 23.16 14.01 2.56
C LEU B 308 21.67 13.76 2.38
N VAL B 309 20.95 13.65 3.48
CA VAL B 309 19.54 13.21 3.47
C VAL B 309 18.70 14.23 4.20
N ALA B 310 17.65 14.74 3.53
CA ALA B 310 16.80 15.74 4.17
C ALA B 310 15.33 15.47 3.87
N TRP B 311 14.51 15.42 4.93
CA TRP B 311 13.10 15.10 4.83
C TRP B 311 12.23 16.34 4.67
N TYR B 312 11.06 16.14 4.07
CA TYR B 312 10.11 17.25 3.99
C TYR B 312 8.70 16.68 3.84
N ASP B 313 7.76 17.25 4.60
CA ASP B 313 6.34 17.00 4.36
C ASP B 313 5.95 17.84 3.16
N ASN B 314 5.85 17.21 1.98
CA ASN B 314 5.63 17.95 0.75
C ASN B 314 4.27 18.63 0.72
N GLU B 315 3.35 18.21 1.58
CA GLU B 315 2.06 18.90 1.69
C GLU B 315 2.12 20.04 2.73
N ILE B 316 2.38 19.70 4.00
CA ILE B 316 2.22 20.65 5.10
C ILE B 316 3.40 21.64 5.16
N GLY B 317 4.62 21.17 4.93
CA GLY B 317 5.74 22.11 4.92
C GLY B 317 5.59 23.17 3.84
N TYR B 318 5.24 22.75 2.64
CA TYR B 318 5.05 23.69 1.55
C TYR B 318 3.89 24.65 1.82
N ALA B 319 2.76 24.12 2.32
CA ALA B 319 1.63 24.97 2.64
C ALA B 319 2.02 26.01 3.69
N THR B 320 2.81 25.60 4.69
CA THR B 320 3.23 26.53 5.72
C THR B 320 4.14 27.62 5.15
N ARG B 321 5.01 27.26 4.19
CA ARG B 321 5.86 28.25 3.51
C ARG B 321 5.01 29.22 2.68
N ILE B 322 3.91 28.74 2.12
CA ILE B 322 3.00 29.62 1.35
C ILE B 322 2.46 30.67 2.30
N VAL B 323 2.04 30.23 3.48
CA VAL B 323 1.48 31.16 4.45
C VAL B 323 2.54 32.15 4.92
N ASP B 324 3.76 31.65 5.19
CA ASP B 324 4.88 32.52 5.57
C ASP B 324 5.18 33.56 4.51
N LEU B 325 5.20 33.16 3.25
CA LEU B 325 5.47 34.11 2.17
C LEU B 325 4.33 35.12 2.04
N LEU B 326 3.09 34.67 2.23
CA LEU B 326 1.95 35.59 2.24
C LEU B 326 2.09 36.63 3.35
N GLU B 327 2.46 36.20 4.54
CA GLU B 327 2.62 37.16 5.65
C GLU B 327 3.80 38.10 5.41
N TYR B 328 4.89 37.60 4.81
CA TYR B 328 6.02 38.46 4.50
C TYR B 328 5.63 39.52 3.48
N VAL B 329 4.89 39.11 2.46
CA VAL B 329 4.43 40.01 1.38
C VAL B 329 3.48 41.05 1.96
N GLN B 330 2.74 40.68 3.02
CA GLN B 330 1.77 41.61 3.66
C GLN B 330 2.51 42.62 4.53
N GLU B 331 3.62 42.21 5.16
CA GLU B 331 4.40 43.14 6.02
C GLU B 331 5.30 44.08 5.19
N ASN B 332 5.61 43.73 3.94
CA ASN B 332 6.51 44.58 3.15
C ASN B 332 5.84 44.96 1.85
N SER B 333 4.55 45.27 1.95
CA SER B 333 3.76 45.67 0.80
C SER B 333 2.66 46.65 1.15
N MET C 1 -3.37 1.90 41.99
CA MET C 1 -3.31 0.53 41.51
C MET C 1 -2.03 0.31 40.71
N ARG C 2 -1.31 -0.77 41.02
CA ARG C 2 0.00 -1.04 40.43
C ARG C 2 -0.15 -2.05 39.30
N ILE C 3 0.20 -1.63 38.08
CA ILE C 3 0.09 -2.50 36.92
C ILE C 3 1.46 -2.63 36.26
N VAL C 4 1.60 -3.72 35.53
CA VAL C 4 2.72 -3.91 34.62
C VAL C 4 2.14 -4.19 33.25
N ILE C 5 2.91 -3.86 32.21
CA ILE C 5 2.52 -4.15 30.84
C ILE C 5 3.48 -5.21 30.32
N ASN C 6 2.95 -6.39 30.03
CA ASN C 6 3.73 -7.50 29.50
C ASN C 6 3.49 -7.56 27.99
N GLY C 7 4.50 -7.15 27.24
CA GLY C 7 4.38 -7.06 25.80
C GLY C 7 4.06 -5.63 25.42
N PHE C 8 5.09 -4.90 25.01
CA PHE C 8 4.98 -3.47 24.76
C PHE C 8 4.83 -3.24 23.26
N GLY C 9 3.81 -3.89 22.69
CA GLY C 9 3.50 -3.82 21.27
C GLY C 9 2.51 -2.72 20.93
N ARG C 10 1.77 -2.92 19.83
CA ARG C 10 0.78 -1.92 19.45
C ARG C 10 -0.18 -1.65 20.61
N ILE C 11 -0.73 -2.72 21.20
CA ILE C 11 -1.69 -2.54 22.27
C ILE C 11 -0.99 -2.08 23.56
N GLY C 12 0.09 -2.75 23.97
CA GLY C 12 0.77 -2.32 25.19
C GLY C 12 1.20 -0.85 25.17
N ARG C 13 1.81 -0.41 24.07
CA ARG C 13 2.25 0.97 24.01
C ARG C 13 1.07 1.92 24.00
N LEU C 14 0.00 1.58 23.27
CA LEU C 14 -1.12 2.51 23.19
C LEU C 14 -1.96 2.51 24.47
N VAL C 15 -1.96 1.40 25.20
CA VAL C 15 -2.54 1.39 26.54
C VAL C 15 -1.78 2.40 27.42
N LEU C 16 -0.44 2.36 27.38
CA LEU C 16 0.31 3.37 28.13
C LEU C 16 0.00 4.80 27.64
N ARG C 17 -0.08 5.00 26.33
CA ARG C 17 -0.42 6.32 25.81
C ARG C 17 -1.74 6.80 26.36
N GLN C 18 -2.76 5.93 26.39
CA GLN C 18 -4.10 6.32 26.85
C GLN C 18 -4.13 6.52 28.36
N ILE C 19 -3.34 5.76 29.10
CA ILE C 19 -3.17 6.03 30.53
C ILE C 19 -2.64 7.44 30.73
N LEU C 20 -1.61 7.80 29.98
CA LEU C 20 -1.03 9.13 30.15
C LEU C 20 -1.96 10.24 29.66
N LYS C 21 -2.80 9.97 28.65
CA LYS C 21 -3.64 11.04 28.10
C LYS C 21 -4.81 11.39 29.00
N ARG C 22 -5.17 10.57 29.97
CA ARG C 22 -6.23 10.93 30.90
C ARG C 22 -5.68 11.21 32.28
N ASN C 23 -4.35 11.35 32.38
CA ASN C 23 -3.65 11.60 33.64
C ASN C 23 -4.12 10.63 34.70
N SER C 24 -4.16 9.36 34.34
CA SER C 24 -4.83 8.36 35.15
C SER C 24 -4.04 8.15 36.45
N PRO C 25 -4.74 7.79 37.54
CA PRO C 25 -4.04 7.49 38.79
C PRO C 25 -3.35 6.15 38.78
N ILE C 26 -3.55 5.35 37.74
CA ILE C 26 -2.84 4.08 37.64
C ILE C 26 -1.33 4.33 37.61
N GLU C 27 -0.65 3.45 38.35
CA GLU C 27 0.81 3.38 38.46
C GLU C 27 1.34 2.25 37.57
N VAL C 28 2.04 2.57 36.49
CA VAL C 28 2.69 1.67 35.56
C VAL C 28 4.09 1.43 36.11
N VAL C 29 4.25 0.31 36.80
CA VAL C 29 5.48 0.10 37.61
C VAL C 29 6.61 -0.40 36.74
N ALA C 30 6.24 -1.17 35.76
CA ALA C 30 7.22 -1.89 34.92
C ALA C 30 6.62 -2.21 33.54
N ILE C 31 7.49 -2.34 32.56
CA ILE C 31 7.17 -2.78 31.20
C ILE C 31 8.12 -3.92 30.83
N ASN C 32 7.56 -5.03 30.33
CA ASN C 32 8.33 -6.18 29.87
C ASN C 32 8.13 -6.42 28.37
N ASP C 33 9.23 -6.75 27.68
CA ASP C 33 9.23 -7.05 26.26
C ASP C 33 10.51 -7.83 25.97
N LEU C 34 10.74 -8.14 24.70
CA LEU C 34 11.92 -8.91 24.33
C LEU C 34 13.12 -8.06 23.96
N VAL C 35 13.04 -6.74 24.11
CA VAL C 35 14.12 -5.84 23.74
C VAL C 35 14.28 -4.79 24.83
N ALA C 36 15.42 -4.12 24.77
CA ALA C 36 15.84 -3.15 25.76
C ALA C 36 14.99 -1.88 25.73
N GLY C 37 15.06 -1.14 26.84
CA GLY C 37 14.25 0.05 27.06
C GLY C 37 14.55 1.22 26.15
N ASP C 38 15.76 1.32 25.60
CA ASP C 38 16.00 2.44 24.70
C ASP C 38 15.18 2.28 23.42
N LEU C 39 15.12 1.06 22.89
CA LEU C 39 14.32 0.81 21.69
C LEU C 39 12.83 0.95 21.99
N LEU C 40 12.38 0.43 23.13
CA LEU C 40 10.97 0.54 23.51
C LEU C 40 10.54 1.99 23.72
N THR C 41 11.41 2.82 24.32
CA THR C 41 11.10 4.24 24.48
C THR C 41 10.98 4.90 23.11
N TYR C 42 11.88 4.56 22.18
CA TYR C 42 11.78 5.05 20.82
C TYR C 42 10.41 4.72 20.21
N LEU C 43 9.96 3.47 20.38
CA LEU C 43 8.70 3.05 19.77
C LEU C 43 7.49 3.73 20.43
N PHE C 44 7.60 4.03 21.73
CA PHE C 44 6.53 4.73 22.43
C PHE C 44 6.42 6.18 21.97
N LYS C 45 7.57 6.81 21.70
CA LYS C 45 7.56 8.21 21.34
C LYS C 45 7.22 8.45 19.87
N TYR C 46 7.48 7.48 19.00
CA TYR C 46 7.30 7.68 17.56
C TYR C 46 6.42 6.58 16.99
N ASP C 47 5.29 6.95 16.41
CA ASP C 47 4.30 5.96 16.02
C ASP C 47 3.84 6.26 14.61
N SER C 48 4.01 5.30 13.69
CA SER C 48 3.68 5.58 12.30
C SER C 48 2.21 5.89 12.13
N THR C 49 1.35 5.29 12.96
CA THR C 49 -0.10 5.45 12.80
C THR C 49 -0.64 6.64 13.58
N HIS C 50 -0.21 6.80 14.81
CA HIS C 50 -0.84 7.73 15.75
C HIS C 50 0.02 8.95 16.05
N GLY C 51 1.16 9.10 15.37
CA GLY C 51 1.95 10.31 15.52
C GLY C 51 2.84 10.26 16.76
N SER C 52 3.68 11.28 16.90
CA SER C 52 4.61 11.29 18.01
CA SER C 52 4.61 11.32 18.01
C SER C 52 3.88 11.56 19.32
N PHE C 53 4.48 11.11 20.42
CA PHE C 53 3.88 11.29 21.73
C PHE C 53 4.98 11.45 22.77
N ALA C 54 4.65 12.19 23.83
CA ALA C 54 5.51 12.36 24.99
C ALA C 54 6.94 12.80 24.60
N PRO C 55 7.07 14.00 23.99
CA PRO C 55 8.39 14.41 23.49
C PRO C 55 9.45 14.53 24.58
N GLN C 56 9.04 14.82 25.82
CA GLN C 56 9.98 14.94 26.93
C GLN C 56 10.38 13.60 27.52
N ALA C 57 9.76 12.51 27.10
CA ALA C 57 10.08 11.21 27.67
C ALA C 57 11.51 10.83 27.28
N THR C 58 12.22 10.21 28.20
CA THR C 58 13.57 9.73 27.95
C THR C 58 13.75 8.36 28.56
N PHE C 59 14.71 7.63 28.00
CA PHE C 59 15.20 6.40 28.60
C PHE C 59 16.38 6.76 29.47
N SER C 60 16.30 6.40 30.73
CA SER C 60 17.32 6.79 31.66
C SER C 60 17.41 5.71 32.72
N ASP C 61 18.63 5.29 33.03
CA ASP C 61 18.92 4.33 34.12
C ASP C 61 17.98 3.11 34.08
N GLY C 62 17.72 2.60 32.88
CA GLY C 62 16.92 1.41 32.68
C GLY C 62 15.44 1.70 32.86
N SNC C 63 15.08 2.97 32.90
CA SNC C 63 13.64 3.26 33.06
CB SNC C 63 13.37 3.99 34.36
SG SNC C 63 13.58 3.01 35.85
ND SNC C 63 13.07 3.94 36.98
OE SNC C 63 13.79 4.89 37.31
C SNC C 63 13.14 4.22 31.99
O SNC C 63 13.92 4.94 31.40
N LEU C 64 11.84 4.22 31.80
CA LEU C 64 11.17 5.23 31.00
C LEU C 64 10.80 6.38 31.93
N VAL C 65 11.34 7.57 31.69
CA VAL C 65 11.12 8.71 32.57
C VAL C 65 10.20 9.69 31.83
N MET C 66 9.02 9.94 32.41
CA MET C 66 7.99 10.84 31.88
C MET C 66 7.43 11.62 33.06
N GLY C 67 8.06 12.72 33.42
CA GLY C 67 7.51 13.57 34.46
C GLY C 67 7.75 12.95 35.82
N GLU C 68 6.66 12.77 36.58
CA GLU C 68 6.72 12.03 37.83
C GLU C 68 6.63 10.53 37.62
N ARG C 69 6.41 10.08 36.40
CA ARG C 69 6.37 8.65 36.10
C ARG C 69 7.77 8.16 35.78
N LYS C 70 8.19 7.09 36.46
CA LYS C 70 9.42 6.38 36.12
C LYS C 70 9.10 4.91 36.10
N VAL C 71 9.22 4.28 34.93
CA VAL C 71 8.74 2.91 34.72
C VAL C 71 9.94 2.00 34.45
N HIS C 72 10.08 0.96 35.24
CA HIS C 72 11.17 0.00 35.04
C HIS C 72 10.98 -0.82 33.77
N PHE C 73 12.06 -0.98 33.00
CA PHE C 73 12.06 -1.88 31.85
C PHE C 73 12.60 -3.26 32.21
N LEU C 74 11.89 -4.27 31.74
CA LEU C 74 12.28 -5.67 31.84
C LEU C 74 12.35 -6.26 30.45
N ALA C 75 13.19 -7.30 30.30
CA ALA C 75 13.30 -8.01 29.05
C ALA C 75 13.45 -9.49 29.36
N GLU C 76 12.37 -10.10 29.85
CA GLU C 76 12.36 -11.47 30.33
C GLU C 76 11.26 -12.22 29.59
N LYS C 77 11.65 -13.09 28.65
CA LYS C 77 10.65 -13.79 27.85
C LYS C 77 9.86 -14.80 28.67
N ASP C 78 10.42 -15.30 29.77
CA ASP C 78 9.79 -16.38 30.52
C ASP C 78 8.92 -15.83 31.63
N VAL C 79 7.64 -16.24 31.65
CA VAL C 79 6.71 -15.66 32.63
C VAL C 79 7.08 -16.12 34.04
N GLN C 80 7.66 -17.31 34.15
CA GLN C 80 8.04 -17.89 35.47
C GLN C 80 9.20 -17.12 36.11
N LYS C 81 9.89 -16.26 35.33
CA LYS C 81 11.02 -15.49 35.84
C LYS C 81 10.71 -14.03 36.10
N LEU C 82 9.43 -13.60 35.96
CA LEU C 82 9.06 -12.20 36.14
C LEU C 82 8.93 -11.87 37.62
N PRO C 83 9.43 -10.69 38.05
CA PRO C 83 9.49 -10.35 39.47
C PRO C 83 8.22 -9.67 40.01
N TRP C 84 7.06 -10.29 39.77
CA TRP C 84 5.79 -9.64 40.13
C TRP C 84 5.55 -9.59 41.63
N LYS C 85 6.00 -10.62 42.37
CA LYS C 85 6.00 -10.56 43.83
C LYS C 85 6.75 -9.34 44.35
N ASP C 86 8.01 -9.18 43.92
CA ASP C 86 8.84 -8.08 44.42
C ASP C 86 8.31 -6.70 44.02
N LEU C 87 7.63 -6.60 42.89
CA LEU C 87 7.12 -5.30 42.44
C LEU C 87 5.73 -5.00 42.98
N ASP C 88 5.13 -5.95 43.69
CA ASP C 88 3.81 -5.78 44.32
C ASP C 88 2.77 -5.43 43.25
N VAL C 89 2.63 -6.33 42.29
CA VAL C 89 1.85 -6.07 41.08
C VAL C 89 0.39 -6.37 41.34
N ASP C 90 -0.48 -5.37 41.16
CA ASP C 90 -1.91 -5.60 41.28
C ASP C 90 -2.49 -6.20 40.00
N VAL C 91 -2.14 -5.67 38.83
CA VAL C 91 -2.68 -6.20 37.58
C VAL C 91 -1.58 -6.27 36.53
N VAL C 92 -1.47 -7.42 35.86
CA VAL C 92 -0.66 -7.57 34.65
C VAL C 92 -1.54 -7.33 33.43
N VAL C 93 -1.18 -6.36 32.60
CA VAL C 93 -1.78 -6.20 31.28
C VAL C 93 -1.02 -7.15 30.36
N GLU C 94 -1.63 -8.28 30.00
CA GLU C 94 -0.98 -9.33 29.21
C GLU C 94 -1.28 -9.09 27.74
N SER C 95 -0.34 -8.46 27.05
CA SER C 95 -0.50 -8.01 25.68
C SER C 95 0.62 -8.53 24.78
N THR C 96 1.17 -9.71 25.08
CA THR C 96 2.19 -10.28 24.18
C THR C 96 1.56 -10.99 23.00
N GLY C 97 0.30 -11.42 23.13
CA GLY C 97 -0.31 -12.23 22.12
C GLY C 97 0.11 -13.68 22.12
N LEU C 98 0.93 -14.10 23.10
CA LEU C 98 1.42 -15.48 23.17
C LEU C 98 0.68 -16.36 24.17
N PHE C 99 0.10 -15.76 25.21
CA PHE C 99 -0.50 -16.49 26.33
C PHE C 99 -2.02 -16.33 26.23
N VAL C 100 -2.70 -17.38 25.75
CA VAL C 100 -4.13 -17.30 25.50
C VAL C 100 -4.92 -18.31 26.34
N ASN C 101 -4.32 -19.44 26.68
CA ASN C 101 -4.98 -20.41 27.54
C ASN C 101 -4.94 -19.94 28.99
N ARG C 102 -5.95 -20.33 29.76
CA ARG C 102 -6.02 -19.77 31.12
C ARG C 102 -4.85 -20.24 31.96
N ASP C 103 -4.34 -21.45 31.74
CA ASP C 103 -3.25 -21.92 32.57
C ASP C 103 -1.92 -21.28 32.19
N ASP C 104 -1.73 -20.95 30.90
CA ASP C 104 -0.57 -20.17 30.52
C ASP C 104 -0.61 -18.80 31.19
N VAL C 105 -1.78 -18.19 31.23
CA VAL C 105 -1.86 -16.84 31.76
C VAL C 105 -1.72 -16.85 33.29
N ALA C 106 -2.16 -17.94 33.95
CA ALA C 106 -2.12 -18.04 35.42
C ALA C 106 -0.69 -18.04 35.96
N LYS C 107 0.26 -18.30 35.07
CA LYS C 107 1.71 -18.31 35.39
C LYS C 107 2.05 -16.92 35.91
N HIS C 108 1.42 -15.88 35.35
CA HIS C 108 1.62 -14.54 35.93
C HIS C 108 1.21 -14.50 37.41
N LEU C 109 0.14 -15.21 37.77
CA LEU C 109 -0.28 -15.19 39.17
C LEU C 109 0.73 -15.97 40.01
N ASP C 110 1.25 -17.07 39.47
CA ASP C 110 2.30 -17.80 40.18
C ASP C 110 3.53 -16.93 40.44
N SER C 111 3.85 -16.02 39.54
CA SER C 111 5.02 -15.16 39.74
C SER C 111 4.73 -13.95 40.60
N GLY C 112 3.52 -13.81 41.14
CA GLY C 112 3.26 -12.83 42.17
C GLY C 112 2.21 -11.80 41.83
N ALA C 113 1.61 -11.81 40.63
CA ALA C 113 0.60 -10.81 40.32
C ALA C 113 -0.73 -11.20 40.97
N LYS C 114 -1.47 -10.18 41.42
CA LYS C 114 -2.80 -10.42 41.99
C LYS C 114 -3.83 -10.73 40.91
N ARG C 115 -3.72 -10.09 39.74
CA ARG C 115 -4.73 -10.20 38.71
C ARG C 115 -4.06 -10.06 37.35
N VAL C 116 -4.67 -10.65 36.33
CA VAL C 116 -4.24 -10.51 34.94
C VAL C 116 -5.41 -10.06 34.08
N LEU C 117 -5.16 -9.10 33.20
CA LEU C 117 -6.11 -8.67 32.18
C LEU C 117 -5.47 -9.02 30.85
N ILE C 118 -6.06 -9.98 30.15
CA ILE C 118 -5.58 -10.40 28.84
C ILE C 118 -6.22 -9.51 27.80
N THR C 119 -5.39 -8.88 26.96
CA THR C 119 -5.88 -7.97 25.93
C THR C 119 -6.31 -8.74 24.68
N ALA C 120 -7.04 -9.82 24.83
CA ALA C 120 -7.39 -10.69 23.72
C ALA C 120 -8.41 -11.69 24.23
N PRO C 121 -9.14 -12.34 23.32
CA PRO C 121 -9.96 -13.48 23.74
C PRO C 121 -9.09 -14.54 24.38
N ALA C 122 -9.61 -15.16 25.43
CA ALA C 122 -8.99 -16.29 26.10
C ALA C 122 -9.86 -17.54 25.99
N LYS C 123 -9.15 -18.66 26.20
CA LYS C 123 -9.72 -20.03 26.24
C LYS C 123 -9.76 -20.47 27.71
N GLY C 124 -10.79 -21.19 28.08
CA GLY C 124 -10.97 -21.64 29.42
C GLY C 124 -11.93 -20.77 30.19
N ASP C 125 -11.82 -20.90 31.51
CA ASP C 125 -12.76 -20.26 32.43
C ASP C 125 -12.31 -18.84 32.71
N VAL C 126 -12.22 -18.06 31.64
CA VAL C 126 -11.85 -16.65 31.73
C VAL C 126 -13.09 -15.79 31.45
N PRO C 127 -13.54 -14.98 32.42
CA PRO C 127 -14.59 -14.00 32.14
C PRO C 127 -14.16 -13.03 31.05
N THR C 128 -15.05 -12.75 30.11
CA THR C 128 -14.77 -11.83 29.02
C THR C 128 -15.72 -10.65 29.16
N PHE C 129 -15.17 -9.44 29.14
CA PHE C 129 -15.95 -8.23 29.39
C PHE C 129 -15.81 -7.24 28.24
N VAL C 130 -16.91 -6.56 27.95
CA VAL C 130 -17.00 -5.47 26.99
C VAL C 130 -17.60 -4.28 27.72
N MET C 131 -16.86 -3.17 27.79
CA MET C 131 -17.35 -1.96 28.46
C MET C 131 -18.65 -1.50 27.83
N GLY C 132 -19.65 -1.20 28.68
CA GLY C 132 -20.96 -0.79 28.22
C GLY C 132 -21.90 -1.92 27.89
N VAL C 133 -21.44 -3.17 27.94
CA VAL C 133 -22.27 -4.32 27.58
C VAL C 133 -22.44 -5.23 28.79
N ASN C 134 -21.32 -5.69 29.37
CA ASN C 134 -21.45 -6.61 30.50
C ASN C 134 -20.38 -6.41 31.57
N HIS C 135 -19.66 -5.28 31.58
CA HIS C 135 -18.50 -5.16 32.46
C HIS C 135 -18.87 -5.16 33.94
N GLN C 136 -20.09 -4.75 34.28
CA GLN C 136 -20.56 -4.80 35.66
C GLN C 136 -20.74 -6.22 36.16
N GLN C 137 -20.62 -7.22 35.28
CA GLN C 137 -20.60 -8.60 35.74
C GLN C 137 -19.28 -8.97 36.40
N PHE C 138 -18.27 -8.09 36.34
CA PHE C 138 -16.97 -8.38 36.93
C PHE C 138 -17.11 -8.62 38.43
N ASP C 139 -16.45 -9.67 38.90
CA ASP C 139 -16.41 -10.08 40.30
C ASP C 139 -14.98 -10.07 40.79
N PRO C 140 -14.72 -9.55 42.00
CA PRO C 140 -13.33 -9.57 42.53
C PRO C 140 -12.71 -10.96 42.53
N ALA C 141 -13.53 -12.02 42.49
CA ALA C 141 -12.94 -13.34 42.38
C ALA C 141 -12.38 -13.63 41.00
N ASP C 142 -12.68 -12.81 39.98
CA ASP C 142 -12.15 -13.02 38.64
C ASP C 142 -10.70 -12.57 38.62
N VAL C 143 -9.78 -13.51 38.87
CA VAL C 143 -8.38 -13.12 38.92
C VAL C 143 -7.72 -13.13 37.56
N ILE C 144 -8.35 -13.74 36.56
CA ILE C 144 -7.93 -13.66 35.16
C ILE C 144 -9.14 -13.25 34.35
N ILE C 145 -9.03 -12.11 33.65
CA ILE C 145 -10.13 -11.56 32.88
C ILE C 145 -9.65 -11.22 31.47
N SER C 146 -10.61 -11.12 30.54
CA SER C 146 -10.30 -10.79 29.15
C SER C 146 -11.14 -9.59 28.72
N ASN C 147 -10.55 -8.70 27.95
CA ASN C 147 -11.29 -7.58 27.36
C ASN C 147 -11.80 -7.91 25.96
N ALA C 148 -11.86 -9.20 25.62
CA ALA C 148 -12.30 -9.70 24.32
C ALA C 148 -11.40 -9.17 23.21
N SER C 149 -11.89 -9.18 21.99
CA SER C 149 -11.14 -8.67 20.86
C SER C 149 -11.64 -7.27 20.52
N CYS C 150 -10.86 -6.58 19.70
CA CYS C 150 -11.32 -5.33 19.11
C CYS C 150 -12.67 -5.51 18.40
N THR C 151 -12.80 -6.56 17.60
CA THR C 151 -14.03 -6.78 16.84
C THR C 151 -15.23 -7.02 17.75
N THR C 152 -15.04 -7.81 18.82
CA THR C 152 -16.13 -8.03 19.78
C THR C 152 -16.54 -6.73 20.44
N ASN C 153 -15.55 -5.85 20.69
CA ASN C 153 -15.88 -4.56 21.29
C ASN C 153 -16.65 -3.68 20.33
N CYS C 154 -16.52 -3.91 19.02
CA CYS C 154 -17.36 -3.14 18.09
C CYS C 154 -18.75 -3.77 17.91
N LEU C 155 -18.82 -5.09 17.80
CA LEU C 155 -20.07 -5.76 17.50
C LEU C 155 -20.99 -5.82 18.72
N ALA C 156 -20.46 -6.09 19.92
CA ALA C 156 -21.31 -6.30 21.08
C ALA C 156 -22.18 -5.10 21.43
N PRO C 157 -21.69 -3.85 21.45
CA PRO C 157 -22.59 -2.72 21.74
C PRO C 157 -23.71 -2.55 20.71
N LEU C 158 -23.39 -2.68 19.42
CA LEU C 158 -24.42 -2.66 18.40
C LEU C 158 -25.42 -3.80 18.60
N ALA C 159 -24.92 -5.01 18.86
CA ALA C 159 -25.79 -6.15 19.09
C ALA C 159 -26.71 -5.91 20.27
N LYS C 160 -26.20 -5.29 21.34
CA LYS C 160 -27.04 -5.03 22.50
C LYS C 160 -28.16 -4.05 22.16
N VAL C 161 -27.82 -2.96 21.46
CA VAL C 161 -28.86 -1.99 21.07
C VAL C 161 -29.94 -2.67 20.24
N LEU C 162 -29.54 -3.51 19.28
CA LEU C 162 -30.54 -4.18 18.46
C LEU C 162 -31.37 -5.15 19.31
N LEU C 163 -30.73 -5.91 20.19
CA LEU C 163 -31.44 -6.85 21.06
C LEU C 163 -32.46 -6.12 21.91
N ASP C 164 -32.08 -4.99 22.48
CA ASP C 164 -32.94 -4.28 23.41
C ASP C 164 -34.12 -3.61 22.71
N ASN C 165 -33.95 -3.22 21.45
CA ASN C 165 -35.00 -2.49 20.76
C ASN C 165 -35.88 -3.33 19.86
N PHE C 166 -35.33 -4.34 19.21
CA PHE C 166 -36.04 -5.07 18.16
C PHE C 166 -35.97 -6.56 18.35
N GLY C 167 -34.99 -7.08 19.09
CA GLY C 167 -34.74 -8.49 19.15
C GLY C 167 -33.93 -8.94 17.95
N ILE C 168 -33.11 -9.97 18.11
CA ILE C 168 -32.31 -10.53 17.02
C ILE C 168 -32.66 -11.99 16.86
N GLU C 169 -32.97 -12.37 15.61
CA GLU C 169 -33.30 -13.77 15.26
C GLU C 169 -32.00 -14.48 14.86
N GLU C 170 -31.19 -13.82 14.01
CA GLU C 170 -29.94 -14.39 13.54
C GLU C 170 -29.10 -13.28 12.94
N GLY C 171 -27.79 -13.45 13.01
CA GLY C 171 -26.89 -12.44 12.49
C GLY C 171 -25.65 -13.12 11.95
N LEU C 172 -25.14 -12.62 10.84
CA LEU C 172 -23.91 -13.10 10.26
C LEU C 172 -23.05 -11.86 10.03
N MET C 173 -21.85 -11.85 10.59
CA MET C 173 -21.00 -10.67 10.60
C MET C 173 -19.76 -10.92 9.77
N THR C 174 -19.32 -9.88 9.07
CA THR C 174 -17.96 -9.86 8.52
C THR C 174 -17.24 -8.65 9.09
N THR C 175 -15.96 -8.80 9.43
CA THR C 175 -15.15 -7.59 9.68
C THR C 175 -14.08 -7.45 8.60
N VAL C 176 -14.06 -6.29 7.94
CA VAL C 176 -12.97 -5.91 7.05
C VAL C 176 -11.96 -5.23 7.94
N HIS C 177 -10.84 -5.90 8.19
CA HIS C 177 -9.96 -5.61 9.31
C HIS C 177 -8.59 -5.17 8.81
N ALA C 178 -8.03 -4.16 9.46
CA ALA C 178 -6.67 -3.71 9.19
C ALA C 178 -5.66 -4.85 9.42
N ALA C 179 -4.55 -4.78 8.72
CA ALA C 179 -3.44 -5.70 8.96
C ALA C 179 -2.92 -5.50 10.37
N THR C 180 -2.43 -6.58 11.00
CA THR C 180 -1.91 -6.53 12.35
C THR C 180 -0.57 -7.27 12.39
N ALA C 181 0.08 -7.23 13.56
CA ALA C 181 1.43 -7.76 13.74
C ALA C 181 1.53 -9.27 13.57
N THR C 182 0.41 -10.01 13.56
CA THR C 182 0.50 -11.44 13.28
C THR C 182 0.78 -11.71 11.80
N GLN C 183 0.70 -10.69 10.95
CA GLN C 183 0.86 -10.86 9.53
C GLN C 183 2.31 -10.59 9.09
N SER C 184 2.58 -10.82 7.80
CA SER C 184 3.94 -10.74 7.28
C SER C 184 3.98 -9.74 6.14
N VAL C 185 5.14 -9.08 6.01
CA VAL C 185 5.32 -8.08 4.95
C VAL C 185 5.38 -8.75 3.58
N VAL C 186 6.03 -9.91 3.49
CA VAL C 186 6.05 -10.73 2.27
C VAL C 186 5.62 -12.13 2.68
N ASP C 187 5.23 -12.93 1.69
CA ASP C 187 4.72 -14.28 1.97
C ASP C 187 5.66 -15.03 2.92
N GLY C 188 5.11 -15.46 4.04
CA GLY C 188 5.84 -16.21 5.04
C GLY C 188 4.93 -17.19 5.76
N PRO C 189 5.51 -17.98 6.66
CA PRO C 189 4.73 -19.01 7.35
C PRO C 189 3.95 -18.44 8.52
N SER C 190 2.70 -18.87 8.61
CA SER C 190 1.90 -18.57 9.78
C SER C 190 1.27 -19.90 10.17
N ARG C 191 1.85 -20.50 11.22
CA ARG C 191 1.52 -21.84 11.76
C ARG C 191 0.03 -22.09 11.98
N LYS C 192 -0.73 -21.11 12.51
CA LYS C 192 -2.16 -21.36 12.86
C LYS C 192 -3.16 -20.92 11.77
N ASP C 193 -2.70 -20.25 10.72
CA ASP C 193 -3.60 -19.79 9.66
C ASP C 193 -2.75 -19.47 8.44
N TRP C 194 -2.63 -20.43 7.53
CA TRP C 194 -1.70 -20.29 6.40
C TRP C 194 -1.94 -19.00 5.62
N ARG C 195 -3.23 -18.70 5.36
CA ARG C 195 -3.52 -17.47 4.63
C ARG C 195 -2.95 -16.24 5.34
N GLY C 196 -2.92 -16.27 6.66
CA GLY C 196 -2.50 -15.11 7.44
C GLY C 196 -1.03 -14.76 7.27
N GLY C 197 -0.24 -15.63 6.66
CA GLY C 197 1.16 -15.32 6.41
C GLY C 197 1.44 -14.72 5.03
N ARG C 198 0.44 -14.71 4.14
CA ARG C 198 0.63 -14.17 2.80
C ARG C 198 0.78 -12.65 2.89
N GLY C 199 1.59 -12.09 1.98
CA GLY C 199 1.95 -10.68 2.05
C GLY C 199 0.79 -9.76 2.39
N ALA C 200 0.93 -9.04 3.52
CA ALA C 200 -0.20 -8.31 4.11
C ALA C 200 -0.65 -7.16 3.23
N PHE C 201 0.25 -6.56 2.50
CA PHE C 201 -0.14 -5.41 1.71
C PHE C 201 -0.31 -5.76 0.23
N GLN C 202 -0.26 -7.05 -0.11
CA GLN C 202 -0.61 -7.52 -1.45
C GLN C 202 -1.99 -8.15 -1.54
N ASN C 203 -2.67 -8.37 -0.42
CA ASN C 203 -3.77 -9.33 -0.44
C ASN C 203 -4.96 -8.88 0.40
N ILE C 204 -6.15 -9.23 -0.08
CA ILE C 204 -7.31 -9.45 0.77
C ILE C 204 -7.22 -10.88 1.30
N ILE C 205 -7.27 -11.04 2.62
CA ILE C 205 -6.94 -12.33 3.25
C ILE C 205 -8.09 -12.81 4.13
N PRO C 206 -8.84 -13.85 3.74
CA PRO C 206 -9.87 -14.38 4.65
C PRO C 206 -9.24 -14.87 5.94
N ALA C 207 -9.97 -14.67 7.04
CA ALA C 207 -9.54 -15.08 8.36
C ALA C 207 -10.75 -15.49 9.17
N SER C 208 -10.51 -16.37 10.13
N SER C 208 -10.51 -16.38 10.12
CA SER C 208 -11.55 -16.75 11.09
CA SER C 208 -11.54 -16.73 11.09
C SER C 208 -11.55 -15.74 12.23
C SER C 208 -11.58 -15.67 12.19
N THR C 209 -12.72 -15.58 12.86
CA THR C 209 -12.84 -14.72 14.03
C THR C 209 -13.84 -15.37 14.97
N GLY C 210 -13.58 -15.27 16.27
CA GLY C 210 -14.53 -15.75 17.26
C GLY C 210 -15.43 -14.67 17.80
N ALA C 211 -15.39 -13.46 17.23
CA ALA C 211 -16.07 -12.30 17.82
C ALA C 211 -17.58 -12.51 17.91
N ALA C 212 -18.15 -13.18 16.91
CA ALA C 212 -19.60 -13.41 16.89
C ALA C 212 -20.07 -14.37 18.00
N LYS C 213 -19.34 -15.47 18.16
CA LYS C 213 -19.64 -16.35 19.29
C LYS C 213 -19.42 -15.59 20.59
N ALA C 214 -18.38 -14.75 20.71
CA ALA C 214 -18.08 -14.07 21.95
C ALA C 214 -19.18 -13.10 22.33
N VAL C 215 -19.87 -12.52 21.34
CA VAL C 215 -21.04 -11.73 21.65
C VAL C 215 -22.09 -12.57 22.35
N GLY C 216 -22.20 -13.85 21.97
CA GLY C 216 -23.08 -14.75 22.69
C GLY C 216 -22.63 -15.00 24.12
N LEU C 217 -21.33 -14.84 24.38
CA LEU C 217 -20.85 -14.91 25.76
C LEU C 217 -21.27 -13.68 26.57
N CYS C 218 -21.06 -12.48 26.00
N CYS C 218 -21.07 -12.49 26.02
CA CYS C 218 -21.41 -11.25 26.70
CA CYS C 218 -21.42 -11.30 26.80
C CYS C 218 -22.92 -11.04 26.80
C CYS C 218 -22.92 -10.98 26.77
N LEU C 219 -23.67 -11.56 25.84
CA LEU C 219 -25.12 -11.37 25.74
C LEU C 219 -25.76 -12.73 25.56
N PRO C 220 -25.96 -13.47 26.67
CA PRO C 220 -26.40 -14.87 26.56
C PRO C 220 -27.66 -15.09 25.73
N GLU C 221 -28.55 -14.10 25.65
CA GLU C 221 -29.70 -14.19 24.75
C GLU C 221 -29.30 -14.47 23.32
N LEU C 222 -28.06 -14.14 22.92
CA LEU C 222 -27.64 -14.27 21.54
C LEU C 222 -26.81 -15.54 21.29
N LYS C 223 -26.66 -16.41 22.29
CA LYS C 223 -25.95 -17.68 22.09
C LYS C 223 -26.51 -18.45 20.90
N GLY C 224 -25.62 -18.88 20.01
CA GLY C 224 -26.05 -19.64 18.85
C GLY C 224 -26.71 -18.82 17.76
N LYS C 225 -26.87 -17.52 17.93
CA LYS C 225 -27.62 -16.72 16.97
C LYS C 225 -26.72 -15.91 16.04
N LEU C 226 -25.42 -15.93 16.26
CA LEU C 226 -24.50 -15.13 15.47
C LEU C 226 -23.27 -15.96 15.11
N THR C 227 -22.77 -15.79 13.89
CA THR C 227 -21.41 -16.24 13.60
C THR C 227 -20.83 -15.25 12.60
N GLY C 228 -19.62 -15.51 12.13
CA GLY C 228 -19.03 -14.55 11.21
C GLY C 228 -17.63 -14.93 10.81
N MET C 229 -16.97 -13.98 10.12
CA MET C 229 -15.66 -14.19 9.51
C MET C 229 -15.00 -12.82 9.34
N ALA C 230 -13.77 -12.82 8.81
CA ALA C 230 -13.01 -11.58 8.64
C ALA C 230 -12.30 -11.60 7.30
N PHE C 231 -11.98 -10.41 6.78
CA PHE C 231 -11.03 -10.22 5.70
C PHE C 231 -9.99 -9.22 6.19
N ARG C 232 -8.71 -9.63 6.25
CA ARG C 232 -7.63 -8.68 6.47
C ARG C 232 -7.27 -7.98 5.17
N VAL C 233 -7.14 -6.65 5.20
CA VAL C 233 -6.88 -5.88 3.99
C VAL C 233 -5.72 -4.93 4.20
N PRO C 234 -5.16 -4.32 3.13
CA PRO C 234 -3.92 -3.54 3.29
C PRO C 234 -4.13 -2.12 3.80
N VAL C 235 -4.60 -1.99 5.04
CA VAL C 235 -4.47 -0.74 5.79
C VAL C 235 -3.80 -1.06 7.11
N ALA C 236 -3.11 -0.05 7.68
CA ALA C 236 -2.34 -0.28 8.89
C ALA C 236 -3.16 -0.16 10.17
N ASP C 237 -4.36 0.44 10.09
CA ASP C 237 -5.20 0.57 11.26
C ASP C 237 -6.59 0.98 10.81
N VAL C 238 -7.58 0.68 11.67
CA VAL C 238 -9.02 0.94 11.56
C VAL C 238 -9.66 -0.19 10.76
N SER C 239 -10.79 -0.67 11.27
CA SER C 239 -11.50 -1.83 10.75
C SER C 239 -12.98 -1.50 10.79
N VAL C 240 -13.79 -2.37 10.18
CA VAL C 240 -15.21 -2.09 10.08
C VAL C 240 -15.96 -3.41 10.19
N VAL C 241 -17.06 -3.38 10.96
CA VAL C 241 -17.99 -4.48 11.12
C VAL C 241 -19.15 -4.27 10.15
N ASP C 242 -19.49 -5.34 9.44
CA ASP C 242 -20.55 -5.44 8.45
C ASP C 242 -21.48 -6.51 9.01
N LEU C 243 -22.59 -6.12 9.62
CA LEU C 243 -23.47 -7.06 10.34
C LEU C 243 -24.74 -7.25 9.52
N THR C 244 -24.98 -8.46 9.03
CA THR C 244 -26.22 -8.79 8.35
C THR C 244 -27.13 -9.47 9.36
N VAL C 245 -28.26 -8.83 9.68
CA VAL C 245 -29.05 -9.24 10.82
C VAL C 245 -30.52 -9.35 10.43
N LYS C 246 -31.14 -10.41 10.91
CA LYS C 246 -32.60 -10.61 10.80
C LYS C 246 -33.14 -10.26 12.19
N LEU C 247 -33.98 -9.24 12.27
CA LEU C 247 -34.52 -8.80 13.56
C LEU C 247 -35.83 -9.53 13.90
N SER C 248 -36.17 -9.54 15.18
CA SER C 248 -37.41 -10.21 15.60
C SER C 248 -38.64 -9.37 15.29
N SER C 249 -38.52 -8.04 15.31
CA SER C 249 -39.62 -7.11 15.08
C SER C 249 -39.43 -6.38 13.77
N ALA C 250 -40.53 -6.12 13.07
CA ALA C 250 -40.48 -5.28 11.88
C ALA C 250 -40.11 -3.85 12.23
N THR C 251 -39.22 -3.26 11.45
CA THR C 251 -38.82 -1.89 11.71
C THR C 251 -38.36 -1.27 10.39
N THR C 252 -37.85 -0.05 10.47
CA THR C 252 -37.31 0.63 9.31
C THR C 252 -35.83 0.90 9.57
N TYR C 253 -35.09 1.14 8.51
CA TYR C 253 -33.68 1.52 8.66
C TYR C 253 -33.54 2.77 9.53
N GLU C 254 -34.41 3.77 9.27
CA GLU C 254 -34.40 5.00 10.05
C GLU C 254 -34.64 4.75 11.55
N ALA C 255 -35.54 3.83 11.89
CA ALA C 255 -35.77 3.54 13.31
C ALA C 255 -34.55 2.89 13.95
N ILE C 256 -33.82 2.06 13.20
CA ILE C 256 -32.56 1.51 13.71
C ILE C 256 -31.57 2.63 13.96
N CYS C 257 -31.45 3.56 13.00
CA CYS C 257 -30.55 4.68 13.17
C CYS C 257 -30.90 5.47 14.41
N GLU C 258 -32.19 5.73 14.60
CA GLU C 258 -32.61 6.47 15.79
C GLU C 258 -32.33 5.69 17.08
N ALA C 259 -32.53 4.37 17.09
CA ALA C 259 -32.18 3.58 18.26
C ALA C 259 -30.69 3.67 18.58
N VAL C 260 -29.84 3.61 17.55
CA VAL C 260 -28.40 3.69 17.82
C VAL C 260 -28.03 5.08 18.29
N LYS C 261 -28.56 6.11 17.63
CA LYS C 261 -28.28 7.48 18.03
C LYS C 261 -28.70 7.71 19.48
N HIS C 262 -29.89 7.21 19.86
CA HIS C 262 -30.35 7.37 21.23
C HIS C 262 -29.45 6.64 22.21
N ALA C 263 -29.06 5.40 21.88
CA ALA C 263 -28.13 4.68 22.76
C ALA C 263 -26.82 5.44 22.91
N ALA C 264 -26.27 5.95 21.80
CA ALA C 264 -25.03 6.72 21.89
C ALA C 264 -25.21 7.97 22.75
N ASN C 265 -26.42 8.50 22.83
CA ASN C 265 -26.69 9.64 23.70
C ASN C 265 -26.99 9.27 25.14
N THR C 266 -27.22 7.99 25.43
CA THR C 266 -27.63 7.60 26.77
C THR C 266 -26.82 6.41 27.28
N SER C 267 -27.36 5.20 27.12
CA SER C 267 -26.77 4.04 27.78
C SER C 267 -25.41 3.64 27.22
N MET C 268 -25.10 4.04 25.99
CA MET C 268 -23.84 3.70 25.33
C MET C 268 -22.91 4.90 25.23
N LYS C 269 -23.11 5.91 26.07
CA LYS C 269 -22.28 7.12 26.03
C LYS C 269 -20.82 6.75 26.18
N ASN C 270 -19.97 7.33 25.33
CA ASN C 270 -18.53 7.10 25.27
C ASN C 270 -18.16 5.71 24.75
N ILE C 271 -19.11 4.85 24.43
CA ILE C 271 -18.84 3.54 23.88
C ILE C 271 -19.20 3.47 22.40
N MET C 272 -20.43 3.83 22.06
CA MET C 272 -20.88 3.91 20.68
C MET C 272 -20.98 5.38 20.27
N TYR C 273 -20.73 5.61 18.99
CA TYR C 273 -20.93 6.91 18.39
C TYR C 273 -21.73 6.71 17.11
N TYR C 274 -22.47 7.74 16.73
CA TYR C 274 -23.36 7.69 15.57
C TYR C 274 -22.97 8.81 14.62
N THR C 275 -22.76 8.47 13.35
CA THR C 275 -22.46 9.47 12.33
C THR C 275 -23.32 9.25 11.09
N GLU C 276 -23.58 10.36 10.40
CA GLU C 276 -24.18 10.37 9.07
C GLU C 276 -23.21 10.97 8.05
N GLU C 277 -21.97 11.17 8.43
CA GLU C 277 -20.96 11.75 7.55
CA GLU C 277 -21.01 11.76 7.51
C GLU C 277 -20.47 10.71 6.53
N ALA C 278 -19.88 11.20 5.45
CA ALA C 278 -19.35 10.36 4.38
C ALA C 278 -17.93 9.89 4.76
N VAL C 279 -17.87 9.01 5.78
CA VAL C 279 -16.61 8.64 6.41
C VAL C 279 -15.89 7.52 5.64
N VAL C 280 -14.56 7.49 5.82
CA VAL C 280 -13.72 6.38 5.37
C VAL C 280 -12.81 6.01 6.54
N SER C 281 -12.09 4.88 6.39
CA SER C 281 -11.36 4.31 7.54
C SER C 281 -10.43 5.32 8.19
N SER C 282 -9.67 6.08 7.40
CA SER C 282 -8.68 7.00 8.00
C SER C 282 -9.36 8.05 8.89
N ASP C 283 -10.66 8.32 8.70
CA ASP C 283 -11.36 9.27 9.56
C ASP C 283 -11.45 8.82 11.01
N PHE C 284 -11.18 7.54 11.28
CA PHE C 284 -11.29 6.98 12.63
C PHE C 284 -9.92 6.70 13.26
N ILE C 285 -8.83 7.13 12.61
CA ILE C 285 -7.51 6.96 13.22
C ILE C 285 -7.44 7.85 14.47
N GLY C 286 -7.27 7.23 15.63
CA GLY C 286 -7.26 7.95 16.88
C GLY C 286 -8.63 8.00 17.55
N CME C 287 -9.64 7.44 16.87
CA CME C 287 -11.01 7.40 17.42
CB CME C 287 -12.02 6.93 16.39
SG CME C 287 -13.77 7.20 16.82
SD CME C 287 -13.86 9.18 17.19
CE CME C 287 -14.52 9.88 15.65
CZ CME C 287 -16.00 9.64 15.52
OH CME C 287 -16.52 10.20 14.32
C CME C 287 -11.00 6.53 18.69
O CME C 287 -10.41 5.44 18.64
N GLU C 288 -11.62 7.00 19.78
CA GLU C 288 -11.60 6.24 21.01
C GLU C 288 -12.87 5.43 21.28
N TYR C 289 -13.89 5.58 20.44
CA TYR C 289 -15.11 4.82 20.64
C TYR C 289 -14.89 3.36 20.28
N SER C 290 -15.70 2.49 20.89
CA SER C 290 -15.69 1.06 20.55
C SER C 290 -16.35 0.78 19.22
N SER C 291 -17.36 1.57 18.87
CA SER C 291 -18.22 1.23 17.74
C SER C 291 -18.79 2.53 17.20
N VAL C 292 -18.52 2.83 15.93
CA VAL C 292 -19.05 4.05 15.31
C VAL C 292 -20.01 3.62 14.21
N PHE C 293 -21.30 3.81 14.47
CA PHE C 293 -22.33 3.44 13.51
C PHE C 293 -22.33 4.39 12.31
N ASP C 294 -22.25 3.83 11.11
CA ASP C 294 -22.12 4.59 9.86
C ASP C 294 -23.52 4.59 9.24
N ALA C 295 -24.30 5.63 9.50
CA ALA C 295 -25.71 5.57 9.09
C ALA C 295 -25.86 5.54 7.56
N GLN C 296 -25.04 6.30 6.84
CA GLN C 296 -25.20 6.33 5.38
C GLN C 296 -24.76 5.02 4.71
N ALA C 297 -23.91 4.22 5.34
CA ALA C 297 -23.36 3.06 4.64
C ALA C 297 -24.30 1.86 4.64
N GLY C 298 -25.17 1.71 5.65
CA GLY C 298 -25.96 0.52 5.79
C GLY C 298 -27.04 0.42 4.72
N VAL C 299 -27.58 -0.80 4.53
CA VAL C 299 -28.64 -1.00 3.56
C VAL C 299 -29.73 -1.90 4.16
N ALA C 300 -30.94 -1.74 3.66
CA ALA C 300 -32.10 -2.51 4.11
C ALA C 300 -32.63 -3.29 2.92
N LEU C 301 -32.85 -4.59 3.12
CA LEU C 301 -33.55 -5.38 2.11
C LEU C 301 -35.05 -5.28 2.32
N ASN C 302 -35.50 -5.41 3.55
CA ASN C 302 -36.92 -5.32 3.84
C ASN C 302 -37.06 -4.86 5.30
N ASP C 303 -38.24 -5.05 5.88
CA ASP C 303 -38.44 -4.47 7.20
C ASP C 303 -37.83 -5.29 8.31
N ARG C 304 -37.21 -6.44 8.01
CA ARG C 304 -36.56 -7.24 9.06
C ARG C 304 -35.13 -7.66 8.75
N PHE C 305 -34.62 -7.43 7.55
CA PHE C 305 -33.31 -7.94 7.14
C PHE C 305 -32.43 -6.74 6.76
N PHE C 306 -31.37 -6.50 7.54
CA PHE C 306 -30.59 -5.26 7.40
C PHE C 306 -29.10 -5.58 7.39
N LYS C 307 -28.33 -4.71 6.74
CA LYS C 307 -26.87 -4.80 6.76
C LYS C 307 -26.38 -3.50 7.38
N LEU C 308 -25.77 -3.60 8.55
CA LEU C 308 -25.37 -2.42 9.32
C LEU C 308 -23.84 -2.33 9.36
N VAL C 309 -23.33 -1.11 9.41
CA VAL C 309 -21.90 -0.83 9.26
C VAL C 309 -21.41 -0.05 10.47
N ALA C 310 -20.36 -0.55 11.11
CA ALA C 310 -19.86 0.11 12.30
C ALA C 310 -18.33 0.09 12.29
N TRP C 311 -17.72 1.24 12.48
CA TRP C 311 -16.26 1.37 12.41
C TRP C 311 -15.61 1.21 13.78
N TYR C 312 -14.33 0.85 13.78
CA TYR C 312 -13.56 0.86 15.02
C TYR C 312 -12.07 1.01 14.74
N ASP C 313 -11.43 1.88 15.50
CA ASP C 313 -9.97 1.92 15.52
C ASP C 313 -9.55 0.75 16.38
N ASN C 314 -9.14 -0.35 15.73
CA ASN C 314 -8.82 -1.57 16.46
C ASN C 314 -7.61 -1.39 17.39
N GLU C 315 -6.80 -0.36 17.19
CA GLU C 315 -5.71 -0.09 18.12
C GLU C 315 -6.14 0.84 19.26
N ILE C 316 -6.52 2.08 18.93
CA ILE C 316 -6.75 3.10 19.95
C ILE C 316 -8.08 2.90 20.69
N GLY C 317 -9.16 2.51 19.98
CA GLY C 317 -10.41 2.26 20.68
C GLY C 317 -10.28 1.13 21.69
N TYR C 318 -9.67 0.04 21.27
CA TYR C 318 -9.45 -1.09 22.17
C TYR C 318 -8.53 -0.71 23.34
N ALA C 319 -7.43 -0.01 23.06
CA ALA C 319 -6.53 0.42 24.14
C ALA C 319 -7.27 1.30 25.15
N THR C 320 -8.15 2.18 24.64
CA THR C 320 -8.91 3.03 25.54
C THR C 320 -9.85 2.19 26.40
N ARG C 321 -10.43 1.12 25.83
CA ARG C 321 -11.29 0.24 26.62
C ARG C 321 -10.47 -0.53 27.67
N ILE C 322 -9.23 -0.88 27.35
CA ILE C 322 -8.36 -1.52 28.34
C ILE C 322 -8.19 -0.60 29.54
N VAL C 323 -7.93 0.68 29.28
CA VAL C 323 -7.78 1.62 30.39
C VAL C 323 -9.09 1.77 31.16
N ASP C 324 -10.22 1.85 30.42
CA ASP C 324 -11.53 1.92 31.08
C ASP C 324 -11.76 0.71 31.99
N LEU C 325 -11.44 -0.49 31.51
CA LEU C 325 -11.66 -1.68 32.31
C LEU C 325 -10.73 -1.70 33.52
N LEU C 326 -9.48 -1.26 33.34
CA LEU C 326 -8.53 -1.20 34.46
C LEU C 326 -9.05 -0.29 35.56
N GLU C 327 -9.53 0.89 35.18
CA GLU C 327 -10.05 1.83 36.17
C GLU C 327 -11.31 1.27 36.81
N TYR C 328 -12.14 0.56 36.04
CA TYR C 328 -13.31 -0.08 36.64
C TYR C 328 -12.90 -1.13 37.66
N VAL C 329 -11.90 -1.96 37.32
CA VAL C 329 -11.43 -2.98 38.25
C VAL C 329 -10.84 -2.32 39.49
N GLN C 330 -10.16 -1.18 39.31
CA GLN C 330 -9.56 -0.46 40.42
C GLN C 330 -10.64 0.04 41.37
N GLU C 331 -11.81 0.42 40.82
CA GLU C 331 -12.92 0.94 41.62
C GLU C 331 -13.81 -0.16 42.20
N ASN C 332 -13.67 -1.41 41.78
CA ASN C 332 -14.56 -2.47 42.20
C ASN C 332 -13.81 -3.71 42.64
N SER C 333 -12.67 -3.53 43.31
CA SER C 333 -11.93 -4.66 43.86
C SER C 333 -11.05 -4.26 45.03
N MET D 1 -15.63 -11.49 -37.37
CA MET D 1 -16.40 -10.51 -36.64
C MET D 1 -15.57 -9.26 -36.45
N ARG D 2 -16.07 -8.10 -36.89
CA ARG D 2 -15.30 -6.87 -36.86
C ARG D 2 -15.74 -6.00 -35.68
N ILE D 3 -14.83 -5.77 -34.76
CA ILE D 3 -15.14 -4.99 -33.57
C ILE D 3 -14.21 -3.79 -33.49
N VAL D 4 -14.68 -2.79 -32.75
CA VAL D 4 -13.86 -1.66 -32.34
C VAL D 4 -13.94 -1.57 -30.83
N ILE D 5 -12.91 -1.01 -30.21
CA ILE D 5 -12.87 -0.78 -28.77
C ILE D 5 -12.88 0.72 -28.55
N ASN D 6 -13.96 1.24 -27.96
CA ASN D 6 -14.05 2.66 -27.64
C ASN D 6 -13.72 2.85 -26.17
N GLY D 7 -12.56 3.43 -25.90
CA GLY D 7 -12.10 3.57 -24.54
C GLY D 7 -11.10 2.47 -24.20
N PHE D 8 -9.82 2.83 -24.21
CA PHE D 8 -8.74 1.87 -24.06
C PHE D 8 -8.16 1.90 -22.65
N GLY D 9 -9.04 1.74 -21.66
CA GLY D 9 -8.65 1.68 -20.27
C GLY D 9 -8.41 0.25 -19.83
N ARG D 10 -8.54 0.03 -18.52
CA ARG D 10 -8.27 -1.31 -17.99
C ARG D 10 -9.09 -2.35 -18.73
N ILE D 11 -10.37 -2.09 -18.89
CA ILE D 11 -11.23 -3.07 -19.54
C ILE D 11 -10.94 -3.15 -21.03
N GLY D 12 -10.88 -2.02 -21.73
CA GLY D 12 -10.60 -2.06 -23.17
C GLY D 12 -9.29 -2.75 -23.51
N ARG D 13 -8.23 -2.42 -22.77
CA ARG D 13 -6.94 -3.04 -23.05
C ARG D 13 -6.99 -4.53 -22.76
N LEU D 14 -7.63 -4.91 -21.65
CA LEU D 14 -7.62 -6.31 -21.30
C LEU D 14 -8.58 -7.11 -22.15
N VAL D 15 -9.61 -6.46 -22.72
CA VAL D 15 -10.41 -7.14 -23.74
C VAL D 15 -9.53 -7.48 -24.92
N LEU D 16 -8.73 -6.52 -25.39
CA LEU D 16 -7.82 -6.85 -26.49
C LEU D 16 -6.87 -7.99 -26.10
N ARG D 17 -6.30 -7.91 -24.89
CA ARG D 17 -5.40 -8.98 -24.44
C ARG D 17 -6.09 -10.33 -24.45
N GLN D 18 -7.31 -10.41 -23.91
CA GLN D 18 -7.99 -11.69 -23.82
C GLN D 18 -8.39 -12.20 -25.19
N ILE D 19 -8.71 -11.29 -26.13
CA ILE D 19 -8.92 -11.69 -27.52
C ILE D 19 -7.68 -12.39 -28.06
N LEU D 20 -6.51 -11.79 -27.81
CA LEU D 20 -5.25 -12.34 -28.30
C LEU D 20 -4.88 -13.66 -27.60
N LYS D 21 -5.39 -13.90 -26.40
CA LYS D 21 -5.12 -15.12 -25.64
C LYS D 21 -6.07 -16.27 -26.01
N ARG D 22 -6.89 -16.13 -27.04
CA ARG D 22 -7.69 -17.27 -27.49
C ARG D 22 -7.66 -17.37 -29.01
N ASN D 23 -8.16 -18.53 -29.48
CA ASN D 23 -8.41 -18.79 -30.92
C ASN D 23 -9.80 -18.19 -31.15
N SER D 24 -9.90 -17.15 -31.98
CA SER D 24 -11.17 -16.43 -32.07
C SER D 24 -11.34 -15.83 -33.45
N PRO D 25 -12.57 -15.73 -33.96
CA PRO D 25 -12.81 -15.03 -35.22
C PRO D 25 -12.81 -13.51 -35.10
N ILE D 26 -12.74 -12.98 -33.88
CA ILE D 26 -12.80 -11.53 -33.69
C ILE D 26 -11.65 -10.82 -34.37
N GLU D 27 -11.98 -9.78 -35.11
CA GLU D 27 -11.01 -8.91 -35.77
C GLU D 27 -11.16 -7.54 -35.13
N VAL D 28 -10.12 -7.08 -34.43
CA VAL D 28 -10.15 -5.77 -33.80
C VAL D 28 -9.64 -4.78 -34.83
N VAL D 29 -10.53 -3.94 -35.35
CA VAL D 29 -10.18 -3.13 -36.50
C VAL D 29 -9.75 -1.73 -36.06
N ALA D 30 -10.26 -1.25 -34.93
CA ALA D 30 -9.90 0.08 -34.47
C ALA D 30 -10.01 0.19 -32.96
N ILE D 31 -9.24 1.12 -32.41
CA ILE D 31 -9.27 1.51 -31.00
C ILE D 31 -9.39 3.03 -30.96
N ASN D 32 -10.37 3.53 -30.20
CA ASN D 32 -10.54 4.98 -30.02
C ASN D 32 -10.34 5.35 -28.56
N ASP D 33 -9.60 6.42 -28.31
CA ASP D 33 -9.34 6.91 -26.95
C ASP D 33 -8.89 8.36 -27.07
N LEU D 34 -8.65 9.00 -25.92
CA LEU D 34 -8.29 10.41 -25.87
C LEU D 34 -6.78 10.67 -25.89
N VAL D 35 -5.94 9.68 -26.15
CA VAL D 35 -4.50 9.92 -26.17
C VAL D 35 -3.90 9.23 -27.38
N ALA D 36 -2.65 9.58 -27.69
CA ALA D 36 -2.00 9.10 -28.88
C ALA D 36 -1.73 7.60 -28.80
N GLY D 37 -1.64 6.99 -29.98
CA GLY D 37 -1.51 5.55 -30.09
C GLY D 37 -0.19 5.01 -29.59
N ASP D 38 0.87 5.82 -29.57
CA ASP D 38 2.11 5.28 -29.04
C ASP D 38 2.01 5.06 -27.53
N LEU D 39 1.38 5.99 -26.82
CA LEU D 39 1.11 5.81 -25.40
C LEU D 39 0.16 4.63 -25.15
N LEU D 40 -0.89 4.51 -25.98
CA LEU D 40 -1.83 3.39 -25.81
C LEU D 40 -1.15 2.05 -26.03
N THR D 41 -0.24 1.99 -27.02
CA THR D 41 0.54 0.78 -27.27
C THR D 41 1.41 0.45 -26.07
N TYR D 42 2.07 1.46 -25.50
CA TYR D 42 2.84 1.26 -24.27
C TYR D 42 1.99 0.68 -23.15
N LEU D 43 0.80 1.24 -22.93
CA LEU D 43 -0.05 0.76 -21.84
C LEU D 43 -0.54 -0.65 -22.11
N PHE D 44 -0.73 -1.01 -23.39
CA PHE D 44 -1.15 -2.37 -23.72
C PHE D 44 -0.02 -3.37 -23.47
N LYS D 45 1.23 -2.96 -23.72
CA LYS D 45 2.36 -3.88 -23.60
C LYS D 45 2.87 -4.02 -22.18
N TYR D 46 2.72 -2.99 -21.34
CA TYR D 46 3.26 -3.02 -19.99
C TYR D 46 2.14 -2.79 -19.01
N ASP D 47 1.92 -3.75 -18.11
CA ASP D 47 0.76 -3.75 -17.22
C ASP D 47 1.24 -4.04 -15.82
N SER D 48 1.00 -3.10 -14.89
CA SER D 48 1.50 -3.25 -13.53
C SER D 48 0.92 -4.47 -12.82
N THR D 49 -0.31 -4.83 -13.16
CA THR D 49 -1.04 -5.94 -12.56
C THR D 49 -0.81 -7.26 -13.28
N HIS D 50 -0.87 -7.26 -14.60
CA HIS D 50 -0.90 -8.51 -15.34
C HIS D 50 0.38 -8.78 -16.10
N GLY D 51 1.39 -7.94 -15.94
CA GLY D 51 2.69 -8.17 -16.55
C GLY D 51 2.72 -7.82 -18.03
N SER D 52 3.90 -7.97 -18.62
CA SER D 52 4.08 -7.53 -20.00
CA SER D 52 4.09 -7.54 -20.00
C SER D 52 3.38 -8.48 -20.97
N PHE D 53 3.08 -7.95 -22.15
CA PHE D 53 2.34 -8.67 -23.17
C PHE D 53 2.73 -8.17 -24.55
N ALA D 54 2.61 -9.05 -25.54
CA ALA D 54 2.85 -8.72 -26.94
C ALA D 54 4.19 -7.97 -27.13
N PRO D 55 5.31 -8.60 -26.75
CA PRO D 55 6.58 -7.88 -26.89
C PRO D 55 6.87 -7.49 -28.33
N GLN D 56 6.27 -8.12 -29.29
CA GLN D 56 6.65 -7.72 -30.65
C GLN D 56 5.77 -6.56 -31.13
N ALA D 57 4.85 -6.10 -30.30
CA ALA D 57 3.92 -5.09 -30.79
C ALA D 57 4.61 -3.76 -30.91
N THR D 58 4.26 -3.04 -31.94
CA THR D 58 4.79 -1.70 -32.17
C THR D 58 3.68 -0.78 -32.64
N PHE D 59 3.88 0.50 -32.37
CA PHE D 59 3.14 1.60 -32.98
C PHE D 59 3.87 2.17 -34.22
N SER D 60 3.08 2.50 -35.26
CA SER D 60 3.54 3.13 -36.53
C SER D 60 2.37 3.74 -37.32
N ASP D 61 2.45 5.04 -37.63
CA ASP D 61 1.47 5.82 -38.44
C ASP D 61 0.02 5.67 -37.94
N GLY D 62 -0.18 5.56 -36.63
CA GLY D 62 -1.47 5.51 -36.03
C GLY D 62 -2.01 4.12 -36.10
N SNC D 63 -1.13 3.14 -36.14
CA SNC D 63 -1.59 1.74 -36.10
CB SNC D 63 -1.54 1.09 -37.46
SG SNC D 63 -2.80 1.71 -38.59
ND SNC D 63 -2.91 0.70 -39.76
OE SNC D 63 -2.35 0.87 -40.86
C SNC D 63 -0.83 0.91 -35.07
O SNC D 63 0.35 1.08 -34.89
N LEU D 64 -1.58 0.09 -34.38
CA LEU D 64 -1.01 -0.96 -33.54
C LEU D 64 -0.69 -2.14 -34.45
N VAL D 65 0.60 -2.48 -34.55
CA VAL D 65 1.09 -3.49 -35.47
C VAL D 65 1.53 -4.71 -34.66
N MET D 66 0.92 -5.86 -34.96
CA MET D 66 1.25 -7.15 -34.33
C MET D 66 1.22 -8.16 -35.47
N GLY D 67 2.34 -8.28 -36.18
CA GLY D 67 2.52 -9.20 -37.28
C GLY D 67 2.11 -8.71 -38.66
N ARG D 69 -1.79 -8.54 -38.10
CA ARG D 69 -2.76 -7.66 -37.47
C ARG D 69 -2.24 -6.22 -37.38
N LYS D 70 -3.06 -5.29 -37.91
CA LYS D 70 -2.88 -3.84 -37.78
C LYS D 70 -4.22 -3.22 -37.37
N VAL D 71 -4.18 -2.53 -36.26
CA VAL D 71 -5.36 -1.95 -35.62
C VAL D 71 -5.21 -0.44 -35.72
N HIS D 72 -6.20 0.21 -36.30
CA HIS D 72 -6.18 1.67 -36.38
C HIS D 72 -6.37 2.28 -34.99
N PHE D 73 -5.56 3.30 -34.70
CA PHE D 73 -5.79 4.12 -33.52
C PHE D 73 -6.59 5.35 -33.92
N LEU D 74 -7.62 5.66 -33.17
CA LEU D 74 -8.36 6.89 -33.36
C LEU D 74 -8.34 7.66 -32.05
N ALA D 75 -8.51 8.98 -32.15
CA ALA D 75 -8.60 9.83 -30.99
C ALA D 75 -9.64 10.92 -31.27
N GLU D 76 -10.91 10.51 -31.33
CA GLU D 76 -11.98 11.40 -31.72
C GLU D 76 -12.99 11.52 -30.60
N LYS D 77 -13.07 12.70 -30.00
CA LYS D 77 -13.95 12.98 -28.84
C LYS D 77 -15.40 12.54 -29.10
N ASP D 78 -15.98 12.90 -30.24
CA ASP D 78 -17.43 12.67 -30.35
C ASP D 78 -17.89 11.63 -31.39
N VAL D 79 -18.78 10.77 -30.93
CA VAL D 79 -19.38 9.59 -31.62
C VAL D 79 -19.80 9.94 -33.05
N GLN D 80 -20.48 11.06 -33.26
CA GLN D 80 -20.92 11.47 -34.60
C GLN D 80 -19.71 11.49 -35.52
N LYS D 81 -18.50 11.59 -34.95
CA LYS D 81 -17.39 11.68 -35.90
C LYS D 81 -16.64 10.36 -36.11
N LEU D 82 -17.08 9.24 -35.50
CA LEU D 82 -16.36 7.97 -35.61
C LEU D 82 -16.71 7.26 -36.92
N PRO D 83 -15.70 6.68 -37.62
CA PRO D 83 -15.91 6.10 -38.95
C PRO D 83 -16.35 4.64 -38.97
N TRP D 84 -17.44 4.33 -38.25
CA TRP D 84 -17.83 2.93 -38.10
C TRP D 84 -18.42 2.35 -39.38
N LYS D 85 -19.17 3.15 -40.14
CA LYS D 85 -19.63 2.67 -41.45
C LYS D 85 -18.44 2.30 -42.33
N ASP D 86 -17.47 3.21 -42.46
CA ASP D 86 -16.33 2.98 -43.33
C ASP D 86 -15.49 1.79 -42.86
N LEU D 87 -15.47 1.53 -41.57
CA LEU D 87 -14.69 0.41 -41.03
C LEU D 87 -15.48 -0.89 -41.01
N ASP D 88 -16.75 -0.88 -41.44
CA ASP D 88 -17.61 -2.06 -41.48
C ASP D 88 -17.69 -2.73 -40.11
N VAL D 89 -18.10 -1.95 -39.12
CA VAL D 89 -18.01 -2.37 -37.72
C VAL D 89 -19.22 -3.23 -37.36
N ASP D 90 -18.97 -4.46 -36.90
CA ASP D 90 -20.05 -5.30 -36.41
C ASP D 90 -20.41 -4.95 -34.97
N VAL D 91 -19.41 -4.77 -34.10
CA VAL D 91 -19.70 -4.48 -32.70
C VAL D 91 -18.74 -3.42 -32.18
N VAL D 92 -19.29 -2.41 -31.52
CA VAL D 92 -18.52 -1.47 -30.70
C VAL D 92 -18.48 -2.00 -29.26
N VAL D 93 -17.27 -2.19 -28.72
CA VAL D 93 -17.09 -2.44 -27.29
C VAL D 93 -17.02 -1.07 -26.63
N GLU D 94 -18.09 -0.67 -25.96
CA GLU D 94 -18.20 0.65 -25.37
C GLU D 94 -17.67 0.55 -23.95
N SER D 95 -16.41 0.95 -23.78
CA SER D 95 -15.68 0.73 -22.53
C SER D 95 -15.06 2.03 -22.01
N THR D 96 -15.67 3.19 -22.31
CA THR D 96 -15.16 4.45 -21.79
C THR D 96 -15.61 4.70 -20.35
N GLY D 97 -16.69 4.07 -19.93
CA GLY D 97 -17.31 4.35 -18.65
C GLY D 97 -18.16 5.60 -18.61
N LEU D 98 -18.26 6.33 -19.72
CA LEU D 98 -19.02 7.57 -19.79
C LEU D 98 -20.38 7.42 -20.46
N PHE D 99 -20.52 6.47 -21.38
CA PHE D 99 -21.73 6.34 -22.17
C PHE D 99 -22.47 5.09 -21.72
N VAL D 100 -23.45 5.27 -20.83
CA VAL D 100 -24.26 4.16 -20.37
C VAL D 100 -25.74 4.35 -20.68
N ASN D 101 -26.10 5.53 -21.15
CA ASN D 101 -27.47 5.96 -21.53
C ASN D 101 -27.77 5.33 -22.88
N ARG D 102 -28.98 4.83 -23.07
CA ARG D 102 -29.19 4.24 -24.43
C ARG D 102 -29.13 5.33 -25.51
N ASP D 103 -29.33 6.60 -25.17
CA ASP D 103 -29.29 7.66 -26.20
C ASP D 103 -27.87 8.02 -26.63
N ASP D 104 -26.97 8.10 -25.66
CA ASP D 104 -25.57 8.36 -26.01
C ASP D 104 -24.98 7.21 -26.81
N VAL D 105 -25.27 5.97 -26.41
CA VAL D 105 -24.64 4.83 -27.02
C VAL D 105 -25.22 4.53 -28.40
N ALA D 106 -26.50 4.85 -28.64
CA ALA D 106 -27.07 4.62 -29.97
C ALA D 106 -26.39 5.46 -31.05
N LYS D 107 -25.69 6.52 -30.68
CA LYS D 107 -24.99 7.30 -31.69
C LYS D 107 -23.85 6.51 -32.34
N HIS D 108 -23.36 5.45 -31.67
CA HIS D 108 -22.47 4.50 -32.34
C HIS D 108 -23.17 3.83 -33.51
N LEU D 109 -24.44 3.48 -33.32
CA LEU D 109 -25.19 2.86 -34.41
C LEU D 109 -25.48 3.85 -35.52
N ASP D 110 -25.73 5.11 -35.17
CA ASP D 110 -25.95 6.12 -36.21
C ASP D 110 -24.73 6.31 -37.09
N SER D 111 -23.53 6.21 -36.51
CA SER D 111 -22.32 6.36 -37.30
C SER D 111 -21.89 5.09 -37.99
N GLY D 112 -22.70 4.03 -37.92
CA GLY D 112 -22.54 2.88 -38.80
C GLY D 112 -22.27 1.55 -38.12
N ALA D 113 -22.17 1.47 -36.80
CA ALA D 113 -21.94 0.18 -36.15
C ALA D 113 -23.24 -0.61 -36.09
N LYS D 114 -23.13 -1.93 -36.28
CA LYS D 114 -24.30 -2.82 -36.22
C LYS D 114 -24.79 -3.09 -34.81
N ARG D 115 -23.90 -3.15 -33.81
CA ARG D 115 -24.27 -3.50 -32.45
C ARG D 115 -23.34 -2.79 -31.47
N VAL D 116 -23.83 -2.54 -30.25
CA VAL D 116 -22.97 -2.02 -29.19
C VAL D 116 -23.05 -2.92 -27.97
N LEU D 117 -21.88 -3.20 -27.38
CA LEU D 117 -21.80 -3.94 -26.13
C LEU D 117 -21.23 -2.96 -25.09
N ILE D 118 -22.03 -2.65 -24.07
CA ILE D 118 -21.61 -1.75 -23.02
C ILE D 118 -20.90 -2.59 -21.95
N THR D 119 -19.65 -2.23 -21.63
CA THR D 119 -18.90 -3.00 -20.64
C THR D 119 -19.18 -2.53 -19.23
N ALA D 120 -20.44 -2.33 -18.89
CA ALA D 120 -20.83 -1.77 -17.60
C ALA D 120 -22.34 -1.95 -17.45
N PRO D 121 -22.86 -1.85 -16.22
CA PRO D 121 -24.32 -1.73 -16.07
C PRO D 121 -24.81 -0.55 -16.89
N ALA D 122 -25.98 -0.71 -17.48
CA ALA D 122 -26.53 0.30 -18.36
C ALA D 122 -27.61 1.06 -17.62
N LYS D 123 -27.92 2.25 -18.13
CA LYS D 123 -29.04 3.02 -17.62
C LYS D 123 -30.19 2.83 -18.59
N GLY D 124 -31.36 2.59 -18.02
CA GLY D 124 -32.49 2.17 -18.80
C GLY D 124 -32.52 0.66 -18.85
N ASP D 125 -33.46 0.15 -19.64
CA ASP D 125 -33.71 -1.29 -19.71
C ASP D 125 -32.96 -1.91 -20.89
N VAL D 126 -31.64 -1.74 -20.90
CA VAL D 126 -30.79 -2.38 -21.92
C VAL D 126 -30.68 -3.87 -21.60
N PRO D 127 -30.91 -4.78 -22.55
CA PRO D 127 -30.73 -6.20 -22.24
C PRO D 127 -29.34 -6.46 -21.66
N THR D 128 -29.31 -7.13 -20.52
CA THR D 128 -28.10 -7.38 -19.77
C THR D 128 -27.90 -8.88 -19.62
N PHE D 129 -26.68 -9.33 -19.90
CA PHE D 129 -26.41 -10.75 -19.93
C PHE D 129 -25.23 -11.08 -19.02
N VAL D 130 -25.33 -12.24 -18.38
CA VAL D 130 -24.24 -12.83 -17.62
C VAL D 130 -24.04 -14.22 -18.19
N MET D 131 -22.85 -14.48 -18.76
CA MET D 131 -22.57 -15.78 -19.34
C MET D 131 -22.74 -16.89 -18.32
N GLY D 132 -23.43 -17.97 -18.74
CA GLY D 132 -23.70 -19.05 -17.83
C GLY D 132 -24.95 -18.86 -16.99
N VAL D 133 -25.59 -17.69 -17.08
CA VAL D 133 -26.77 -17.43 -16.27
C VAL D 133 -27.97 -17.17 -17.17
N ASN D 134 -27.86 -16.18 -18.06
CA ASN D 134 -29.01 -15.89 -18.92
C ASN D 134 -28.59 -15.52 -20.34
N HIS D 135 -27.36 -15.85 -20.75
CA HIS D 135 -26.93 -15.40 -22.06
C HIS D 135 -27.77 -16.03 -23.18
N GLN D 136 -28.37 -17.20 -22.94
CA GLN D 136 -29.26 -17.76 -23.95
C GLN D 136 -30.54 -16.95 -24.17
N GLN D 137 -30.83 -15.93 -23.34
CA GLN D 137 -31.93 -15.03 -23.60
C GLN D 137 -31.61 -14.00 -24.68
N PHE D 138 -30.36 -13.92 -25.14
CA PHE D 138 -30.01 -12.93 -26.15
C PHE D 138 -30.83 -13.13 -27.41
N ASP D 139 -31.31 -12.02 -27.97
CA ASP D 139 -32.03 -12.02 -29.22
C ASP D 139 -31.27 -11.17 -30.24
N PRO D 140 -31.06 -11.66 -31.48
CA PRO D 140 -30.32 -10.89 -32.48
C PRO D 140 -30.84 -9.47 -32.69
N ALA D 141 -32.10 -9.23 -32.36
CA ALA D 141 -32.66 -7.88 -32.45
C ALA D 141 -32.11 -6.94 -31.38
N ASP D 142 -31.45 -7.47 -30.35
CA ASP D 142 -30.86 -6.63 -29.31
C ASP D 142 -29.60 -5.99 -29.87
N VAL D 143 -29.71 -4.76 -30.37
CA VAL D 143 -28.56 -4.08 -30.96
C VAL D 143 -27.73 -3.32 -29.93
N ILE D 144 -28.24 -3.12 -28.72
CA ILE D 144 -27.44 -2.56 -27.65
C ILE D 144 -27.59 -3.49 -26.45
N ILE D 145 -26.46 -4.00 -25.97
CA ILE D 145 -26.48 -4.95 -24.88
C ILE D 145 -25.44 -4.56 -23.85
N SER D 146 -25.62 -5.07 -22.63
CA SER D 146 -24.71 -4.85 -21.51
C SER D 146 -24.23 -6.19 -20.95
N ASN D 147 -22.95 -6.23 -20.57
CA ASN D 147 -22.40 -7.41 -19.90
C ASN D 147 -22.48 -7.31 -18.38
N ALA D 148 -23.30 -6.40 -17.84
CA ALA D 148 -23.43 -6.17 -16.41
C ALA D 148 -22.08 -5.73 -15.83
N SER D 149 -21.90 -5.92 -14.53
CA SER D 149 -20.65 -5.55 -13.88
C SER D 149 -19.84 -6.80 -13.55
N CYS D 150 -18.55 -6.58 -13.27
CA CYS D 150 -17.72 -7.64 -12.69
C CYS D 150 -18.42 -8.28 -11.50
N THR D 151 -18.95 -7.46 -10.58
CA THR D 151 -19.55 -8.01 -9.37
C THR D 151 -20.78 -8.85 -9.68
N THR D 152 -21.66 -8.37 -10.57
CA THR D 152 -22.82 -9.17 -10.94
C THR D 152 -22.40 -10.48 -11.60
N ASN D 153 -21.32 -10.46 -12.39
CA ASN D 153 -20.83 -11.69 -13.00
C ASN D 153 -20.26 -12.67 -11.97
N CYS D 154 -19.83 -12.17 -10.80
CA CYS D 154 -19.40 -13.07 -9.74
C CYS D 154 -20.59 -13.61 -8.94
N LEU D 155 -21.55 -12.74 -8.64
CA LEU D 155 -22.67 -13.13 -7.79
C LEU D 155 -23.71 -13.96 -8.54
N ALA D 156 -24.06 -13.58 -9.76
CA ALA D 156 -25.18 -14.25 -10.43
C ALA D 156 -24.98 -15.75 -10.61
N PRO D 157 -23.81 -16.26 -11.01
CA PRO D 157 -23.67 -17.71 -11.15
C PRO D 157 -23.86 -18.46 -9.83
N LEU D 158 -23.26 -17.94 -8.75
CA LEU D 158 -23.47 -18.54 -7.43
C LEU D 158 -24.95 -18.50 -7.04
N ALA D 159 -25.59 -17.34 -7.22
CA ALA D 159 -27.00 -17.22 -6.90
C ALA D 159 -27.84 -18.22 -7.70
N LYS D 160 -27.48 -18.44 -8.97
CA LYS D 160 -28.23 -19.40 -9.79
C LYS D 160 -28.08 -20.81 -9.24
N VAL D 161 -26.87 -21.20 -8.85
CA VAL D 161 -26.68 -22.54 -8.27
C VAL D 161 -27.54 -22.69 -7.03
N LEU D 162 -27.56 -21.66 -6.18
CA LEU D 162 -28.37 -21.71 -4.95
C LEU D 162 -29.86 -21.73 -5.27
N LEU D 163 -30.31 -20.91 -6.21
CA LEU D 163 -31.72 -20.89 -6.62
C LEU D 163 -32.14 -22.25 -7.13
N ASP D 164 -31.30 -22.88 -7.97
CA ASP D 164 -31.65 -24.13 -8.62
C ASP D 164 -31.66 -25.31 -7.66
N ASN D 165 -30.80 -25.28 -6.62
CA ASN D 165 -30.74 -26.41 -5.70
C ASN D 165 -31.54 -26.25 -4.43
N PHE D 166 -31.65 -25.03 -3.90
CA PHE D 166 -32.20 -24.84 -2.57
C PHE D 166 -33.28 -23.79 -2.50
N GLY D 167 -33.38 -22.88 -3.48
CA GLY D 167 -34.24 -21.73 -3.37
C GLY D 167 -33.58 -20.63 -2.54
N ILE D 168 -33.85 -19.37 -2.86
CA ILE D 168 -33.36 -18.22 -2.10
C ILE D 168 -34.57 -17.44 -1.58
N GLU D 169 -34.62 -17.24 -0.25
CA GLU D 169 -35.59 -16.34 0.36
C GLU D 169 -35.11 -14.89 0.29
N GLU D 170 -33.89 -14.62 0.77
CA GLU D 170 -33.36 -13.26 0.77
C GLU D 170 -31.83 -13.33 0.90
N GLY D 171 -31.17 -12.31 0.39
CA GLY D 171 -29.71 -12.26 0.45
C GLY D 171 -29.21 -10.84 0.54
N LEU D 172 -28.14 -10.62 1.28
CA LEU D 172 -27.50 -9.31 1.34
C LEU D 172 -26.02 -9.53 1.04
N MET D 173 -25.49 -8.79 0.07
CA MET D 173 -24.14 -9.02 -0.44
C MET D 173 -23.25 -7.86 -0.04
N THR D 174 -22.02 -8.17 0.32
CA THR D 174 -20.96 -7.18 0.34
C THR D 174 -19.89 -7.64 -0.64
N THR D 175 -19.34 -6.73 -1.44
CA THR D 175 -18.11 -7.02 -2.16
C THR D 175 -16.99 -6.19 -1.54
N VAL D 176 -15.92 -6.88 -1.14
CA VAL D 176 -14.66 -6.24 -0.78
C VAL D 176 -13.90 -6.15 -2.09
N HIS D 177 -13.78 -4.94 -2.62
CA HIS D 177 -13.46 -4.72 -4.02
C HIS D 177 -12.12 -3.98 -4.19
N ALA D 178 -11.35 -4.42 -5.18
CA ALA D 178 -10.11 -3.73 -5.51
C ALA D 178 -10.37 -2.27 -5.88
N ALA D 179 -9.35 -1.44 -5.68
CA ALA D 179 -9.39 -0.06 -6.16
C ALA D 179 -9.52 -0.03 -7.68
N THR D 180 -10.20 1.00 -8.22
CA THR D 180 -10.40 1.10 -9.66
C THR D 180 -10.12 2.54 -10.12
N ALA D 181 -10.18 2.72 -11.45
CA ALA D 181 -9.76 3.99 -12.05
C ALA D 181 -10.65 5.17 -11.67
N THR D 182 -11.84 4.93 -11.14
CA THR D 182 -12.64 6.07 -10.67
C THR D 182 -12.09 6.66 -9.37
N GLN D 183 -11.13 6.01 -8.73
CA GLN D 183 -10.65 6.46 -7.43
C GLN D 183 -9.48 7.44 -7.59
N SER D 184 -9.03 8.01 -6.47
CA SER D 184 -7.99 9.03 -6.46
C SER D 184 -6.81 8.59 -5.61
N VAL D 185 -5.63 9.03 -6.02
CA VAL D 185 -4.40 8.65 -5.32
C VAL D 185 -4.29 9.35 -3.97
N VAL D 186 -4.63 10.64 -3.94
CA VAL D 186 -4.72 11.42 -2.70
C VAL D 186 -6.13 12.01 -2.69
N ASP D 187 -6.56 12.44 -1.50
CA ASP D 187 -7.92 12.96 -1.29
C ASP D 187 -8.28 13.99 -2.36
N GLY D 188 -9.36 13.74 -3.09
CA GLY D 188 -9.81 14.66 -4.11
C GLY D 188 -11.32 14.55 -4.28
N PRO D 189 -11.88 15.42 -5.12
CA PRO D 189 -13.33 15.45 -5.30
C PRO D 189 -13.78 14.39 -6.27
N SER D 190 -14.86 13.71 -5.90
CA SER D 190 -15.56 12.78 -6.78
C SER D 190 -17.00 13.14 -6.58
N ARG D 191 -17.44 14.10 -7.37
CA ARG D 191 -18.78 14.69 -7.19
C ARG D 191 -19.82 13.64 -6.80
N LYS D 192 -20.04 12.62 -7.64
CA LYS D 192 -21.16 11.64 -7.51
C LYS D 192 -20.89 10.49 -6.51
N ASP D 193 -19.83 10.60 -5.72
CA ASP D 193 -19.41 9.63 -4.72
C ASP D 193 -18.34 10.24 -3.81
N TRP D 194 -18.71 11.04 -2.80
CA TRP D 194 -17.70 11.79 -2.03
C TRP D 194 -16.66 10.85 -1.44
N ARG D 195 -17.10 9.75 -0.85
CA ARG D 195 -16.13 8.82 -0.27
C ARG D 195 -15.14 8.31 -1.30
N GLY D 196 -15.58 8.13 -2.55
CA GLY D 196 -14.74 7.57 -3.58
C GLY D 196 -13.58 8.48 -4.00
N GLY D 197 -13.57 9.74 -3.54
CA GLY D 197 -12.43 10.58 -3.85
C GLY D 197 -11.35 10.57 -2.80
N ARG D 198 -11.62 9.93 -1.67
CA ARG D 198 -10.63 9.86 -0.60
C ARG D 198 -9.52 8.88 -1.00
N GLY D 199 -8.30 9.16 -0.54
CA GLY D 199 -7.12 8.43 -0.95
C GLY D 199 -7.31 6.91 -0.99
N ALA D 200 -7.18 6.35 -2.18
CA ALA D 200 -7.59 4.96 -2.43
C ALA D 200 -6.74 3.96 -1.66
N PHE D 201 -5.47 4.24 -1.45
CA PHE D 201 -4.64 3.26 -0.77
C PHE D 201 -4.40 3.63 0.69
N GLN D 202 -5.08 4.66 1.19
CA GLN D 202 -5.06 4.94 2.61
C GLN D 202 -6.31 4.41 3.33
N ASN D 203 -7.30 3.92 2.61
CA ASN D 203 -8.63 3.79 3.18
C ASN D 203 -9.34 2.51 2.77
N ILE D 204 -10.14 1.99 3.71
CA ILE D 204 -11.32 1.20 3.37
C ILE D 204 -12.44 2.20 3.10
N ILE D 205 -13.08 2.09 1.94
CA ILE D 205 -14.03 3.10 1.46
C ILE D 205 -15.38 2.47 1.12
N PRO D 206 -16.40 2.69 1.94
CA PRO D 206 -17.74 2.21 1.58
C PRO D 206 -18.20 2.79 0.24
N ALA D 207 -18.93 1.98 -0.52
CA ALA D 207 -19.46 2.39 -1.81
C ALA D 207 -20.82 1.75 -2.02
N SER D 208 -21.68 2.46 -2.73
CA SER D 208 -22.93 1.86 -3.16
C SER D 208 -22.69 0.99 -4.40
N THR D 209 -23.51 -0.04 -4.56
CA THR D 209 -23.44 -0.86 -5.76
C THR D 209 -24.83 -1.40 -6.06
N GLY D 210 -25.16 -1.48 -7.35
CA GLY D 210 -26.37 -2.11 -7.81
C GLY D 210 -26.21 -3.55 -8.25
N ALA D 211 -25.04 -4.15 -8.03
CA ALA D 211 -24.75 -5.47 -8.60
C ALA D 211 -25.69 -6.55 -8.06
N ALA D 212 -26.03 -6.47 -6.78
CA ALA D 212 -26.94 -7.45 -6.20
C ALA D 212 -28.33 -7.31 -6.79
N LYS D 213 -28.85 -6.07 -6.86
CA LYS D 213 -30.12 -5.83 -7.55
C LYS D 213 -30.03 -6.25 -9.02
N ALA D 214 -28.89 -6.02 -9.67
CA ALA D 214 -28.74 -6.38 -11.08
C ALA D 214 -28.89 -7.88 -11.30
N VAL D 215 -28.59 -8.70 -10.28
CA VAL D 215 -28.85 -10.13 -10.42
C VAL D 215 -30.32 -10.41 -10.76
N GLY D 216 -31.25 -9.58 -10.27
CA GLY D 216 -32.65 -9.72 -10.65
C GLY D 216 -32.94 -9.47 -12.11
N LEU D 217 -32.07 -8.75 -12.81
CA LEU D 217 -32.25 -8.57 -14.25
C LEU D 217 -31.95 -9.86 -15.03
N CYS D 218 -31.00 -10.67 -14.58
CA CYS D 218 -30.66 -11.90 -15.27
CA CYS D 218 -30.68 -11.89 -15.30
C CYS D 218 -31.34 -13.13 -14.69
N LEU D 219 -31.78 -13.06 -13.43
CA LEU D 219 -32.48 -14.13 -12.74
C LEU D 219 -33.76 -13.52 -12.18
N PRO D 220 -34.81 -13.45 -13.00
CA PRO D 220 -36.04 -12.74 -12.57
C PRO D 220 -36.63 -13.22 -11.26
N GLU D 221 -36.48 -14.50 -10.92
CA GLU D 221 -36.95 -15.01 -9.64
C GLU D 221 -36.32 -14.29 -8.46
N LEU D 222 -35.17 -13.65 -8.65
CA LEU D 222 -34.49 -13.01 -7.52
C LEU D 222 -34.73 -11.51 -7.47
N LYS D 223 -35.56 -10.95 -8.35
CA LYS D 223 -35.90 -9.53 -8.27
C LYS D 223 -36.51 -9.20 -6.90
N GLY D 224 -35.99 -8.16 -6.26
CA GLY D 224 -36.46 -7.78 -4.94
C GLY D 224 -35.92 -8.62 -3.81
N LYS D 225 -35.14 -9.66 -4.08
CA LYS D 225 -34.69 -10.57 -3.02
C LYS D 225 -33.24 -10.36 -2.61
N LEU D 226 -32.50 -9.48 -3.29
CA LEU D 226 -31.09 -9.27 -2.99
C LEU D 226 -30.78 -7.78 -3.00
N THR D 227 -29.91 -7.34 -2.10
CA THR D 227 -29.26 -6.05 -2.31
C THR D 227 -27.88 -6.13 -1.67
N GLY D 228 -27.17 -5.02 -1.64
CA GLY D 228 -25.82 -5.10 -1.12
C GLY D 228 -25.11 -3.77 -1.12
N MET D 229 -23.78 -3.84 -0.90
CA MET D 229 -22.93 -2.66 -0.75
C MET D 229 -21.51 -3.11 -1.06
N ALA D 230 -20.57 -2.17 -1.06
CA ALA D 230 -19.18 -2.50 -1.34
C ALA D 230 -18.26 -1.81 -0.35
N PHE D 231 -17.08 -2.38 -0.15
CA PHE D 231 -15.96 -1.69 0.48
C PHE D 231 -14.80 -1.73 -0.51
N ARG D 232 -14.34 -0.56 -0.94
CA ARG D 232 -13.13 -0.46 -1.77
C ARG D 232 -11.90 -0.51 -0.87
N VAL D 233 -10.93 -1.34 -1.22
CA VAL D 233 -9.77 -1.52 -0.34
C VAL D 233 -8.50 -1.40 -1.16
N PRO D 234 -7.35 -1.22 -0.48
CA PRO D 234 -6.08 -0.96 -1.21
C PRO D 234 -5.40 -2.20 -1.79
N VAL D 235 -6.03 -2.85 -2.77
CA VAL D 235 -5.35 -3.77 -3.67
C VAL D 235 -5.65 -3.31 -5.08
N ALA D 236 -4.74 -3.59 -6.02
CA ALA D 236 -4.90 -3.05 -7.36
C ALA D 236 -5.81 -3.91 -8.23
N ASP D 237 -6.05 -5.15 -7.84
CA ASP D 237 -6.93 -6.01 -8.60
C ASP D 237 -7.32 -7.17 -7.71
N VAL D 238 -8.47 -7.77 -8.06
CA VAL D 238 -9.11 -8.93 -7.47
C VAL D 238 -10.02 -8.52 -6.33
N SER D 239 -11.22 -9.08 -6.35
CA SER D 239 -12.30 -8.69 -5.45
C SER D 239 -12.98 -9.96 -4.95
N VAL D 240 -13.86 -9.80 -3.97
CA VAL D 240 -14.49 -10.98 -3.40
C VAL D 240 -15.91 -10.62 -2.97
N VAL D 241 -16.84 -11.52 -3.29
CA VAL D 241 -18.23 -11.43 -2.89
C VAL D 241 -18.41 -12.22 -1.60
N ASP D 242 -19.06 -11.56 -0.64
CA ASP D 242 -19.47 -12.12 0.68
C ASP D 242 -21.00 -12.08 0.69
N LEU D 243 -21.63 -13.23 0.48
CA LEU D 243 -23.09 -13.31 0.30
C LEU D 243 -23.70 -13.93 1.55
N THR D 244 -24.49 -13.15 2.28
CA THR D 244 -25.24 -13.68 3.42
C THR D 244 -26.62 -14.03 2.90
N VAL D 245 -26.97 -15.31 2.92
CA VAL D 245 -28.16 -15.74 2.22
C VAL D 245 -28.99 -16.63 3.13
N LYS D 246 -30.30 -16.42 3.09
CA LYS D 246 -31.30 -17.28 3.70
C LYS D 246 -31.88 -18.15 2.58
N LEU D 247 -31.70 -19.46 2.69
CA LEU D 247 -32.17 -20.38 1.68
C LEU D 247 -33.63 -20.79 1.95
N SER D 248 -34.30 -21.28 0.90
CA SER D 248 -35.71 -21.64 0.98
C SER D 248 -35.93 -23.03 1.54
N SER D 249 -34.86 -23.81 1.70
CA SER D 249 -34.99 -25.14 2.24
C SER D 249 -33.77 -25.42 3.10
N ALA D 250 -33.91 -26.39 3.99
CA ALA D 250 -32.86 -26.72 4.93
C ALA D 250 -31.77 -27.50 4.21
N THR D 251 -30.54 -27.15 4.49
CA THR D 251 -29.44 -27.86 3.85
C THR D 251 -28.24 -27.79 4.78
N THR D 252 -27.11 -28.28 4.29
CA THR D 252 -25.86 -28.24 5.02
C THR D 252 -24.85 -27.49 4.15
N TYR D 253 -23.80 -26.99 4.80
CA TYR D 253 -22.71 -26.36 4.07
C TYR D 253 -22.11 -27.31 3.02
N GLU D 254 -21.97 -28.58 3.42
CA GLU D 254 -21.41 -29.63 2.53
C GLU D 254 -22.26 -29.73 1.25
N ALA D 255 -23.59 -29.76 1.40
CA ALA D 255 -24.49 -29.84 0.24
C ALA D 255 -24.32 -28.63 -0.66
N ILE D 256 -24.10 -27.45 -0.08
CA ILE D 256 -23.83 -26.27 -0.90
C ILE D 256 -22.53 -26.46 -1.67
N CYS D 257 -21.47 -26.91 -0.98
CA CYS D 257 -20.20 -27.14 -1.66
C CYS D 257 -20.36 -28.14 -2.80
N GLU D 258 -21.06 -29.25 -2.54
CA GLU D 258 -21.27 -30.25 -3.58
C GLU D 258 -22.09 -29.69 -4.75
N ALA D 259 -23.10 -28.88 -4.46
CA ALA D 259 -23.87 -28.28 -5.53
C ALA D 259 -23.00 -27.37 -6.40
N VAL D 260 -22.15 -26.55 -5.77
CA VAL D 260 -21.28 -25.64 -6.53
C VAL D 260 -20.23 -26.41 -7.31
N LYS D 261 -19.61 -27.42 -6.69
CA LYS D 261 -18.62 -28.25 -7.38
C LYS D 261 -19.24 -28.98 -8.57
N HIS D 262 -20.47 -29.50 -8.41
CA HIS D 262 -21.14 -30.12 -9.54
C HIS D 262 -21.43 -29.12 -10.65
N ALA D 263 -21.92 -27.92 -10.30
CA ALA D 263 -22.17 -26.93 -11.33
C ALA D 263 -20.87 -26.53 -12.04
N ALA D 264 -19.79 -26.35 -11.29
CA ALA D 264 -18.52 -26.01 -11.91
C ALA D 264 -18.03 -27.11 -12.85
N ASN D 265 -18.41 -28.36 -12.59
CA ASN D 265 -18.05 -29.46 -13.49
C ASN D 265 -18.99 -29.63 -14.67
N THR D 266 -20.18 -29.01 -14.64
CA THR D 266 -21.20 -29.25 -15.65
C THR D 266 -21.75 -27.93 -16.22
N SER D 267 -22.87 -27.47 -15.67
CA SER D 267 -23.58 -26.34 -16.25
C SER D 267 -22.83 -25.02 -16.14
N MET D 268 -21.89 -24.88 -15.20
CA MET D 268 -21.12 -23.66 -15.01
C MET D 268 -19.67 -23.81 -15.46
N LYS D 269 -19.40 -24.79 -16.31
CA LYS D 269 -18.02 -25.02 -16.75
C LYS D 269 -17.49 -23.74 -17.38
N ASN D 270 -16.25 -23.39 -17.04
CA ASN D 270 -15.54 -22.21 -17.50
C ASN D 270 -16.11 -20.91 -16.94
N ILE D 271 -17.17 -20.96 -16.14
CA ILE D 271 -17.74 -19.78 -15.50
C ILE D 271 -17.48 -19.78 -14.00
N MET D 272 -17.85 -20.85 -13.33
CA MET D 272 -17.60 -20.99 -11.90
C MET D 272 -16.48 -22.00 -11.71
N TYR D 273 -15.71 -21.79 -10.63
CA TYR D 273 -14.67 -22.69 -10.21
C TYR D 273 -14.85 -22.95 -8.71
N TYR D 274 -14.48 -24.14 -8.27
CA TYR D 274 -14.65 -24.54 -6.88
C TYR D 274 -13.27 -24.85 -6.33
N THR D 275 -12.91 -24.25 -5.20
CA THR D 275 -11.63 -24.54 -4.58
C THR D 275 -11.80 -24.78 -3.09
N GLU D 276 -10.91 -25.61 -2.54
CA GLU D 276 -10.77 -25.76 -1.11
C GLU D 276 -9.40 -25.30 -0.65
N GLU D 277 -8.66 -24.59 -1.50
CA GLU D 277 -7.32 -24.19 -1.13
C GLU D 277 -7.37 -22.97 -0.21
N ALA D 278 -6.25 -22.71 0.46
CA ALA D 278 -6.15 -21.60 1.39
C ALA D 278 -5.78 -20.33 0.63
N VAL D 279 -6.74 -19.86 -0.20
CA VAL D 279 -6.43 -18.83 -1.19
C VAL D 279 -6.50 -17.43 -0.58
N VAL D 280 -5.77 -16.50 -1.20
CA VAL D 280 -5.85 -15.07 -0.92
C VAL D 280 -5.99 -14.36 -2.27
N SER D 281 -6.31 -13.06 -2.21
CA SER D 281 -6.68 -12.33 -3.43
C SER D 281 -5.64 -12.47 -4.55
N SER D 282 -4.32 -12.33 -4.24
CA SER D 282 -3.33 -12.36 -5.32
C SER D 282 -3.33 -13.68 -6.07
N ASP D 283 -3.82 -14.76 -5.47
CA ASP D 283 -3.90 -16.05 -6.14
C ASP D 283 -4.82 -16.02 -7.35
N PHE D 284 -5.68 -15.00 -7.47
CA PHE D 284 -6.63 -14.91 -8.56
C PHE D 284 -6.25 -13.88 -9.62
N ILE D 285 -5.05 -13.30 -9.53
CA ILE D 285 -4.61 -12.40 -10.58
C ILE D 285 -4.42 -13.21 -11.86
N GLY D 286 -5.19 -12.87 -12.90
CA GLY D 286 -5.16 -13.57 -14.17
C GLY D 286 -6.22 -14.67 -14.29
N CME D 287 -6.94 -14.87 -13.19
CA CME D 287 -8.03 -15.87 -13.12
CB CME D 287 -8.55 -16.06 -11.70
SG CME D 287 -9.58 -17.53 -11.44
SD CME D 287 -8.42 -19.03 -12.14
CE CME D 287 -7.66 -19.73 -10.64
CZ CME D 287 -8.61 -20.56 -9.85
OH CME D 287 -8.05 -21.03 -8.64
C CME D 287 -9.12 -15.46 -14.12
O CME D 287 -9.57 -14.30 -14.06
N GLU D 288 -9.52 -16.39 -15.00
CA GLU D 288 -10.52 -16.06 -16.02
C GLU D 288 -11.96 -16.46 -15.66
N TYR D 289 -12.14 -17.13 -14.52
CA TYR D 289 -13.50 -17.48 -14.10
C TYR D 289 -14.27 -16.26 -13.62
N SER D 290 -15.60 -16.35 -13.73
CA SER D 290 -16.45 -15.29 -13.21
C SER D 290 -16.55 -15.34 -11.70
N SER D 291 -16.45 -16.54 -11.13
CA SER D 291 -16.80 -16.72 -9.72
C SER D 291 -16.02 -17.92 -9.24
N VAL D 292 -15.19 -17.74 -8.20
CA VAL D 292 -14.43 -18.83 -7.62
C VAL D 292 -14.91 -19.03 -6.19
N PHE D 293 -15.65 -20.11 -5.97
CA PHE D 293 -16.21 -20.39 -4.66
C PHE D 293 -15.12 -20.85 -3.71
N ASP D 294 -15.00 -20.17 -2.56
CA ASP D 294 -13.96 -20.44 -1.55
C ASP D 294 -14.59 -21.30 -0.44
N ALA D 295 -14.43 -22.62 -0.52
CA ALA D 295 -15.18 -23.53 0.36
C ALA D 295 -14.74 -23.37 1.82
N GLN D 296 -13.43 -23.20 2.03
CA GLN D 296 -12.83 -23.08 3.35
C GLN D 296 -13.21 -21.78 4.05
N ALA D 297 -13.56 -20.73 3.31
CA ALA D 297 -13.81 -19.43 3.92
C ALA D 297 -15.24 -19.25 4.40
N GLY D 298 -16.20 -19.96 3.81
CA GLY D 298 -17.59 -19.73 4.16
C GLY D 298 -17.95 -20.22 5.54
N VAL D 299 -19.10 -19.75 6.05
CA VAL D 299 -19.57 -20.17 7.36
C VAL D 299 -21.07 -20.44 7.30
N ALA D 300 -21.54 -21.30 8.20
CA ALA D 300 -22.96 -21.62 8.27
C ALA D 300 -23.45 -21.24 9.65
N LEU D 301 -24.56 -20.48 9.71
CA LEU D 301 -25.12 -20.25 11.04
C LEU D 301 -26.01 -21.41 11.42
N ASN D 302 -26.83 -21.87 10.48
CA ASN D 302 -27.77 -22.98 10.73
C ASN D 302 -28.13 -23.57 9.37
N ASP D 303 -29.20 -24.36 9.33
CA ASP D 303 -29.46 -25.09 8.10
C ASP D 303 -30.12 -24.25 7.02
N ARG D 304 -30.43 -22.98 7.29
CA ARG D 304 -30.98 -22.13 6.24
C ARG D 304 -30.20 -20.83 6.04
N PHE D 305 -29.26 -20.48 6.91
CA PHE D 305 -28.63 -19.16 6.92
C PHE D 305 -27.12 -19.35 6.77
N PHE D 306 -26.56 -18.80 5.68
CA PHE D 306 -25.17 -19.07 5.31
C PHE D 306 -24.45 -17.81 4.87
N LYS D 307 -23.13 -17.79 5.04
CA LYS D 307 -22.30 -16.71 4.49
C LYS D 307 -21.31 -17.37 3.54
N LEU D 308 -21.42 -17.06 2.25
CA LEU D 308 -20.63 -17.71 1.21
C LEU D 308 -19.66 -16.71 0.59
N VAL D 309 -18.51 -17.21 0.17
CA VAL D 309 -17.40 -16.38 -0.28
C VAL D 309 -17.01 -16.81 -1.69
N ALA D 310 -16.95 -15.85 -2.63
CA ALA D 310 -16.62 -16.13 -4.02
C ALA D 310 -15.70 -15.06 -4.59
N TRP D 311 -14.57 -15.47 -5.15
CA TRP D 311 -13.55 -14.55 -5.64
C TRP D 311 -13.74 -14.21 -7.11
N TYR D 312 -13.21 -13.05 -7.51
CA TYR D 312 -13.20 -12.75 -8.93
C TYR D 312 -12.11 -11.75 -9.27
N ASP D 313 -11.39 -12.03 -10.35
CA ASP D 313 -10.48 -11.04 -10.90
C ASP D 313 -11.37 -10.06 -11.65
N ASN D 314 -11.63 -8.91 -11.02
CA ASN D 314 -12.59 -7.96 -11.60
C ASN D 314 -12.12 -7.39 -12.94
N GLU D 315 -10.82 -7.47 -13.25
CA GLU D 315 -10.29 -7.04 -14.55
C GLU D 315 -10.32 -8.18 -15.56
N ILE D 316 -9.61 -9.26 -15.30
CA ILE D 316 -9.42 -10.31 -16.29
C ILE D 316 -10.66 -11.19 -16.42
N GLY D 317 -11.30 -11.55 -15.31
CA GLY D 317 -12.53 -12.33 -15.43
C GLY D 317 -13.57 -11.61 -16.25
N TYR D 318 -13.77 -10.32 -15.97
CA TYR D 318 -14.78 -9.57 -16.70
C TYR D 318 -14.38 -9.39 -18.17
N ALA D 319 -13.12 -9.04 -18.45
CA ALA D 319 -12.68 -8.91 -19.85
C ALA D 319 -12.88 -10.22 -20.60
N THR D 320 -12.60 -11.36 -19.95
CA THR D 320 -12.80 -12.63 -20.63
C THR D 320 -14.28 -12.85 -20.91
N ARG D 321 -15.14 -12.46 -19.98
CA ARG D 321 -16.58 -12.61 -20.24
C ARG D 321 -17.05 -11.69 -21.36
N ILE D 322 -16.45 -10.50 -21.48
CA ILE D 322 -16.80 -9.63 -22.60
C ILE D 322 -16.49 -10.35 -23.90
N VAL D 323 -15.33 -11.00 -23.97
CA VAL D 323 -14.98 -11.71 -25.19
C VAL D 323 -15.91 -12.89 -25.41
N ASP D 324 -16.25 -13.63 -24.34
CA ASP D 324 -17.21 -14.73 -24.47
C ASP D 324 -18.55 -14.25 -25.01
N LEU D 325 -19.06 -13.13 -24.49
CA LEU D 325 -20.33 -12.60 -24.97
C LEU D 325 -20.23 -12.14 -26.42
N LEU D 326 -19.13 -11.47 -26.81
CA LEU D 326 -18.94 -11.08 -28.21
C LEU D 326 -18.99 -12.32 -29.11
N GLU D 327 -18.28 -13.37 -28.73
CA GLU D 327 -18.28 -14.56 -29.57
C GLU D 327 -19.67 -15.21 -29.61
N TYR D 328 -20.39 -15.19 -28.49
CA TYR D 328 -21.73 -15.79 -28.49
C TYR D 328 -22.73 -15.03 -29.35
N VAL D 329 -22.80 -13.71 -29.20
CA VAL D 329 -23.91 -12.96 -29.81
C VAL D 329 -23.76 -12.82 -31.32
N GLN D 330 -22.56 -12.59 -31.81
CA GLN D 330 -22.34 -12.22 -33.20
C GLN D 330 -22.44 -13.38 -34.18
N GLU D 331 -22.77 -13.05 -35.42
CA GLU D 331 -22.88 -13.99 -36.51
C GLU D 331 -21.51 -14.21 -37.17
N ASN D 332 -21.36 -15.37 -37.82
CA ASN D 332 -20.10 -15.75 -38.51
C ASN D 332 -18.92 -15.59 -37.55
PA NAD E . 12.80 -15.03 4.66
O1A NAD E . 12.57 -14.53 5.89
O2A NAD E . 11.85 -14.95 3.74
O5B NAD E . 13.42 -16.51 4.72
C5B NAD E . 14.10 -17.10 5.83
C4B NAD E . 13.48 -18.44 6.14
O4B NAD E . 14.32 -19.20 7.03
C3B NAD E . 12.08 -18.38 6.77
O3B NAD E . 11.18 -19.23 6.09
C2B NAD E . 12.36 -18.81 8.23
O2B NAD E . 11.28 -19.48 8.82
C1B NAD E . 13.54 -19.79 8.03
N9A NAD E . 14.35 -20.00 9.23
C8A NAD E . 14.53 -19.12 10.27
N7A NAD E . 15.33 -19.55 11.21
C5A NAD E . 15.71 -20.81 10.76
C6A NAD E . 16.53 -21.80 11.31
N6A NAD E . 17.28 -21.62 12.39
N1A NAD E . 16.61 -22.97 10.67
C2A NAD E . 15.98 -23.11 9.51
N3A NAD E . 15.23 -22.22 8.88
C4A NAD E . 15.11 -21.10 9.55
O3 NAD E . 14.05 -14.23 4.13
PN NAD E . 14.66 -14.07 2.68
O1N NAD E . 14.19 -12.82 2.11
O2N NAD E . 14.42 -15.34 2.03
O5D NAD E . 16.19 -13.88 2.98
C5D NAD E . 17.05 -15.00 3.20
C4D NAD E . 18.48 -14.59 2.98
O4D NAD E . 18.65 -14.11 1.64
C3D NAD E . 18.92 -13.45 3.88
O3D NAD E . 20.32 -13.52 4.16
C2D NAD E . 18.68 -12.23 3.01
O2D NAD E . 19.50 -11.11 3.28
C1D NAD E . 19.11 -12.80 1.67
N1N NAD E . 18.54 -12.07 0.53
C2N NAD E . 17.27 -11.62 0.51
C3N NAD E . 16.79 -10.94 -0.59
C7N NAD E . 15.38 -10.45 -0.79
O7N NAD E . 15.17 -9.60 -1.56
N7N NAD E . 14.47 -10.89 0.00
C4N NAD E . 17.65 -10.73 -1.66
C5N NAD E . 18.97 -11.19 -1.59
C6N NAD E . 19.38 -11.85 -0.49
PA NAD F . 2.40 -6.75 18.87
O1A NAD F . 3.03 -7.73 18.19
O2A NAD F . 2.40 -5.55 18.49
O5B NAD F . 2.79 -6.72 20.38
C5B NAD F . 3.30 -7.88 21.02
C4B NAD F . 4.52 -7.48 21.81
O4B NAD F . 4.88 -8.54 22.70
C3B NAD F . 5.75 -7.18 20.95
O3B NAD F . 6.32 -5.93 21.29
C2B NAD F . 6.69 -8.36 21.25
O2B NAD F . 8.06 -8.03 21.13
C1B NAD F . 6.27 -8.69 22.69
N9A NAD F . 6.62 -10.02 23.15
C8A NAD F . 6.57 -11.18 22.44
N7A NAD F . 6.88 -12.24 23.12
C5A NAD F . 7.15 -11.75 24.39
C6A NAD F . 7.51 -12.37 25.60
N6A NAD F . 7.77 -13.66 25.72
N1A NAD F . 7.63 -11.59 26.67
C2A NAD F . 7.44 -10.28 26.54
N3A NAD F . 7.13 -9.59 25.46
C4A NAD F . 6.99 -10.38 24.41
O3 NAD F . 0.91 -7.22 18.96
PN NAD F . -0.37 -6.37 19.29
O1N NAD F . -0.04 -5.32 20.20
O2N NAD F . -1.12 -6.03 18.08
O5D NAD F . -1.27 -7.46 19.95
C5D NAD F . -1.09 -7.85 21.31
C4D NAD F . -2.27 -8.66 21.80
O4D NAD F . -3.45 -7.87 21.81
C3D NAD F . -2.64 -9.90 21.01
O3D NAD F . -3.25 -10.81 21.88
C2D NAD F . -3.67 -9.35 20.02
O2D NAD F . -4.62 -10.30 19.61
C1D NAD F . -4.39 -8.38 20.94
N1N NAD F . -5.12 -7.24 20.27
C2N NAD F . -4.60 -6.60 19.21
C3N NAD F . -5.37 -5.68 18.51
C7N NAD F . -4.90 -4.87 17.30
O7N NAD F . -5.69 -4.47 16.53
N7N NAD F . -3.61 -4.74 17.09
C4N NAD F . -6.64 -5.42 18.99
C5N NAD F . -7.11 -6.06 20.11
C6N NAD F . -6.35 -6.97 20.74
PA NAD G . -10.46 3.15 -17.15
O1A NAD G . -10.49 4.50 -16.62
O2A NAD G . -9.35 2.34 -16.94
O5B NAD G . -10.81 3.22 -18.75
C5B NAD G . -11.50 4.29 -19.43
C4B NAD G . -10.69 4.65 -20.65
O4B NAD G . -11.52 5.38 -21.59
C3B NAD G . -9.46 5.52 -20.38
O3B NAD G . -8.31 5.08 -21.11
C2B NAD G . -9.93 6.91 -20.78
O2B NAD G . -8.86 7.80 -21.06
C1B NAD G . -10.85 6.56 -21.97
N9A NAD G . -11.85 7.59 -22.27
C8A NAD G . -12.45 8.45 -21.40
N7A NAD G . -13.31 9.26 -21.96
C5A NAD G . -13.28 8.90 -23.30
C6A NAD G . -14.00 9.35 -24.42
N6A NAD G . -14.87 10.36 -24.39
N1A NAD G . -13.79 8.74 -25.60
C2A NAD G . -12.87 7.77 -25.65
N3A NAD G . -12.11 7.28 -24.66
C4A NAD G . -12.37 7.88 -23.51
O3 NAD G . -11.69 2.37 -16.52
PN NAD G . -12.02 0.82 -16.64
O1N NAD G . -11.49 0.33 -17.92
O2N NAD G . -11.74 0.18 -15.34
O5D NAD G . -13.60 0.80 -16.72
C5D NAD G . -14.22 0.96 -18.01
C4D NAD G . -15.62 0.44 -17.89
O4D NAD G . -15.60 -0.96 -17.49
C3D NAD G . -16.42 1.19 -16.84
O3D NAD G . -17.69 1.56 -17.35
C2D NAD G . -16.44 0.23 -15.65
O2D NAD G . -17.55 0.43 -14.80
C1D NAD G . -16.45 -1.11 -16.38
N1N NAD G . -15.89 -2.25 -15.48
C2N NAD G . -14.67 -2.14 -14.92
C3N NAD G . -14.22 -3.12 -14.05
C7N NAD G . -12.86 -3.08 -13.39
O7N NAD G . -12.63 -3.84 -12.46
N7N NAD G . -12.02 -2.15 -13.75
C4N NAD G . -15.03 -4.22 -13.83
C5N NAD G . -16.26 -4.32 -14.45
C6N NAD G . -16.68 -3.31 -15.27
#